data_3A3A
# 
_entry.id   3A3A 
# 
_audit_conform.dict_name       mmcif_pdbx.dic 
_audit_conform.dict_version    5.380 
_audit_conform.dict_location   http://mmcif.pdb.org/dictionaries/ascii/mmcif_pdbx.dic 
# 
loop_
_database_2.database_id 
_database_2.database_code 
_database_2.pdbx_database_accession 
_database_2.pdbx_DOI 
PDB   3A3A         pdb_00003a3a 10.2210/pdb3a3a/pdb 
NDB   NA0042       ?            ?                   
RCSB  RCSB028757   ?            ?                   
WWPDB D_1000028757 ?            ?                   
# 
_pdbx_database_status.status_code                     REL 
_pdbx_database_status.entry_id                        3A3A 
_pdbx_database_status.recvd_initial_deposition_date   2009-06-11 
_pdbx_database_status.deposit_site                    PDBJ 
_pdbx_database_status.process_site                    PDBJ 
_pdbx_database_status.status_code_sf                  REL 
_pdbx_database_status.status_code_mr                  ? 
_pdbx_database_status.SG_entry                        ? 
_pdbx_database_status.pdb_format_compatible           Y 
_pdbx_database_status.status_code_cs                  ? 
_pdbx_database_status.methods_development_category    ? 
_pdbx_database_status.status_code_nmr_data            ? 
# 
loop_
_audit_author.name 
_audit_author.pdbx_ordinal 
'Itoh, Y.'     1 
'Chiba, S.'    2 
'Sekine, S.I.' 3 
'Yokoyama, S.' 4 
# 
_citation.id                        primary 
_citation.title                     'Crystal structure of human selenocysteine tRNA.' 
_citation.journal_abbrev            'Nucleic Acids Res.' 
_citation.journal_volume            37 
_citation.page_first                6259 
_citation.page_last                 6268 
_citation.year                      2009 
_citation.journal_id_ASTM           NARHAD 
_citation.country                   UK 
_citation.journal_id_ISSN           0305-1048 
_citation.journal_id_CSD            0389 
_citation.book_publisher            ? 
_citation.pdbx_database_id_PubMed   19692584 
_citation.pdbx_database_id_DOI      10.1093/nar/gkp648 
# 
loop_
_citation_author.citation_id 
_citation_author.name 
_citation_author.ordinal 
_citation_author.identifier_ORCID 
primary 'Itoh, Y.'     1 ? 
primary 'Chiba, S.'    2 ? 
primary 'Sekine, S.'   3 ? 
primary 'Yokoyama, S.' 4 ? 
# 
_cell.entry_id           3A3A 
_cell.length_a           78.949 
_cell.length_b           51.573 
_cell.length_c           81.365 
_cell.angle_alpha        90.00 
_cell.angle_beta         101.64 
_cell.angle_gamma        90.00 
_cell.Z_PDB              4 
_cell.pdbx_unique_axis   ? 
_cell.length_a_esd       ? 
_cell.length_b_esd       ? 
_cell.length_c_esd       ? 
_cell.angle_alpha_esd    ? 
_cell.angle_beta_esd     ? 
_cell.angle_gamma_esd    ? 
# 
_symmetry.entry_id                         3A3A 
_symmetry.space_group_name_H-M             'C 1 2 1' 
_symmetry.pdbx_full_space_group_name_H-M   ? 
_symmetry.cell_setting                     ? 
_symmetry.Int_Tables_number                5 
_symmetry.space_group_name_Hall            ? 
# 
_entity.id                         1 
_entity.type                       polymer 
_entity.src_method                 man 
_entity.pdbx_description           'selenocysteine tRNA' 
_entity.formula_weight             28908.084 
_entity.pdbx_number_of_molecules   1 
_entity.pdbx_ec                    ? 
_entity.pdbx_mutation              ? 
_entity.pdbx_fragment              ? 
_entity.details                    ? 
# 
_entity_poly.entity_id                      1 
_entity_poly.type                           polyribonucleotide 
_entity_poly.nstd_linkage                   no 
_entity_poly.nstd_monomer                   no 
_entity_poly.pdbx_seq_one_letter_code       
;GCCCGGAUGAUCCUCAGUGGUCUGGGGUGCAGGCUUCAAACCUGUAGCUGUCUAGCGACAGAGUGGUUCAAUUCCACCUU
UCGGGCGCCA
;
_entity_poly.pdbx_seq_one_letter_code_can   
;GCCCGGAUGAUCCUCAGUGGUCUGGGGUGCAGGCUUCAAACCUGUAGCUGUCUAGCGACAGAGUGGUUCAAUUCCACCUU
UCGGGCGCCA
;
_entity_poly.pdbx_strand_id                 A 
_entity_poly.pdbx_target_identifier         ? 
# 
loop_
_entity_poly_seq.entity_id 
_entity_poly_seq.num 
_entity_poly_seq.mon_id 
_entity_poly_seq.hetero 
1 1  G n 
1 2  C n 
1 3  C n 
1 4  C n 
1 5  G n 
1 6  G n 
1 7  A n 
1 8  U n 
1 9  G n 
1 10 A n 
1 11 U n 
1 12 C n 
1 13 C n 
1 14 U n 
1 15 C n 
1 16 A n 
1 17 G n 
1 18 U n 
1 19 G n 
1 20 G n 
1 21 U n 
1 22 C n 
1 23 U n 
1 24 G n 
1 25 G n 
1 26 G n 
1 27 G n 
1 28 U n 
1 29 G n 
1 30 C n 
1 31 A n 
1 32 G n 
1 33 G n 
1 34 C n 
1 35 U n 
1 36 U n 
1 37 C n 
1 38 A n 
1 39 A n 
1 40 A n 
1 41 C n 
1 42 C n 
1 43 U n 
1 44 G n 
1 45 U n 
1 46 A n 
1 47 G n 
1 48 C n 
1 49 U n 
1 50 G n 
1 51 U n 
1 52 C n 
1 53 U n 
1 54 A n 
1 55 G n 
1 56 C n 
1 57 G n 
1 58 A n 
1 59 C n 
1 60 A n 
1 61 G n 
1 62 A n 
1 63 G n 
1 64 U n 
1 65 G n 
1 66 G n 
1 67 U n 
1 68 U n 
1 69 C n 
1 70 A n 
1 71 A n 
1 72 U n 
1 73 U n 
1 74 C n 
1 75 C n 
1 76 A n 
1 77 C n 
1 78 C n 
1 79 U n 
1 80 U n 
1 81 U n 
1 82 C n 
1 83 G n 
1 84 G n 
1 85 G n 
1 86 C n 
1 87 G n 
1 88 C n 
1 89 C n 
1 90 A n 
# 
_entity_src_gen.entity_id                          1 
_entity_src_gen.pdbx_src_id                        1 
_entity_src_gen.pdbx_alt_source_flag               sample 
_entity_src_gen.pdbx_seq_type                      'Biological sequence' 
_entity_src_gen.pdbx_beg_seq_num                   1 
_entity_src_gen.pdbx_end_seq_num                   90 
_entity_src_gen.gene_src_common_name               human 
_entity_src_gen.gene_src_genus                     ? 
_entity_src_gen.pdbx_gene_src_gene                 ? 
_entity_src_gen.gene_src_species                   ? 
_entity_src_gen.gene_src_strain                    ? 
_entity_src_gen.gene_src_tissue                    ? 
_entity_src_gen.gene_src_tissue_fraction           ? 
_entity_src_gen.gene_src_details                   ? 
_entity_src_gen.pdbx_gene_src_fragment             ? 
_entity_src_gen.pdbx_gene_src_scientific_name      'Homo sapiens' 
_entity_src_gen.pdbx_gene_src_ncbi_taxonomy_id     9606 
_entity_src_gen.pdbx_gene_src_variant              ? 
_entity_src_gen.pdbx_gene_src_cell_line            ? 
_entity_src_gen.pdbx_gene_src_atcc                 ? 
_entity_src_gen.pdbx_gene_src_organ                ? 
_entity_src_gen.pdbx_gene_src_organelle            ? 
_entity_src_gen.pdbx_gene_src_cell                 ? 
_entity_src_gen.pdbx_gene_src_cellular_location    ? 
_entity_src_gen.host_org_common_name               ? 
_entity_src_gen.pdbx_host_org_scientific_name      'cell-free synthesis' 
_entity_src_gen.pdbx_host_org_ncbi_taxonomy_id     ? 
_entity_src_gen.host_org_genus                     ? 
_entity_src_gen.pdbx_host_org_gene                 ? 
_entity_src_gen.pdbx_host_org_organ                ? 
_entity_src_gen.host_org_species                   ? 
_entity_src_gen.pdbx_host_org_tissue               ? 
_entity_src_gen.pdbx_host_org_tissue_fraction      ? 
_entity_src_gen.pdbx_host_org_strain               ? 
_entity_src_gen.pdbx_host_org_variant              ? 
_entity_src_gen.pdbx_host_org_cell_line            ? 
_entity_src_gen.pdbx_host_org_atcc                 ? 
_entity_src_gen.pdbx_host_org_culture_collection   ? 
_entity_src_gen.pdbx_host_org_cell                 ? 
_entity_src_gen.pdbx_host_org_organelle            ? 
_entity_src_gen.pdbx_host_org_cellular_location    ? 
_entity_src_gen.pdbx_host_org_vector_type          ? 
_entity_src_gen.pdbx_host_org_vector               ? 
_entity_src_gen.host_org_details                   ? 
_entity_src_gen.expression_system_id               ? 
_entity_src_gen.plasmid_name                       ? 
_entity_src_gen.plasmid_details                    ? 
_entity_src_gen.pdbx_description                   'RNA was prepared by in vitro transcription with T7 RNA polymerase.' 
# 
_struct_ref.id                         1 
_struct_ref.db_name                    PDB 
_struct_ref.db_code                    3A3A 
_struct_ref.pdbx_db_accession          3A3A 
_struct_ref.pdbx_db_isoform            ? 
_struct_ref.entity_id                  1 
_struct_ref.pdbx_seq_one_letter_code   ? 
_struct_ref.pdbx_align_begin           1 
# 
_struct_ref_seq.align_id                      1 
_struct_ref_seq.ref_id                        1 
_struct_ref_seq.pdbx_PDB_id_code              3A3A 
_struct_ref_seq.pdbx_strand_id                A 
_struct_ref_seq.seq_align_beg                 1 
_struct_ref_seq.pdbx_seq_align_beg_ins_code   ? 
_struct_ref_seq.seq_align_end                 90 
_struct_ref_seq.pdbx_seq_align_end_ins_code   ? 
_struct_ref_seq.pdbx_db_accession             3A3A 
_struct_ref_seq.db_align_beg                  1 
_struct_ref_seq.pdbx_db_align_beg_ins_code    ? 
_struct_ref_seq.db_align_end                  76 
_struct_ref_seq.pdbx_db_align_end_ins_code    ? 
_struct_ref_seq.pdbx_auth_seq_align_beg       1 
_struct_ref_seq.pdbx_auth_seq_align_end       76 
# 
loop_
_chem_comp.id 
_chem_comp.type 
_chem_comp.mon_nstd_flag 
_chem_comp.name 
_chem_comp.pdbx_synonyms 
_chem_comp.formula 
_chem_comp.formula_weight 
A 'RNA linking' y "ADENOSINE-5'-MONOPHOSPHATE" ? 'C10 H14 N5 O7 P' 347.221 
C 'RNA linking' y "CYTIDINE-5'-MONOPHOSPHATE"  ? 'C9 H14 N3 O8 P'  323.197 
G 'RNA linking' y "GUANOSINE-5'-MONOPHOSPHATE" ? 'C10 H14 N5 O8 P' 363.221 
U 'RNA linking' y "URIDINE-5'-MONOPHOSPHATE"   ? 'C9 H13 N2 O9 P'  324.181 
# 
_exptl.entry_id          3A3A 
_exptl.method            'X-RAY DIFFRACTION' 
_exptl.crystals_number   1 
# 
_exptl_crystal.id                    1 
_exptl_crystal.density_meas          ? 
_exptl_crystal.density_Matthews      2.81 
_exptl_crystal.density_percent_sol   56.17 
_exptl_crystal.description           ? 
_exptl_crystal.F_000                 ? 
_exptl_crystal.preparation           ? 
# 
_exptl_crystal_grow.crystal_id      1 
_exptl_crystal_grow.method          'VAPOR DIFFUSION, SITTING DROP' 
_exptl_crystal_grow.temp            293 
_exptl_crystal_grow.temp_details    ? 
_exptl_crystal_grow.pH              4.1 
_exptl_crystal_grow.pdbx_details    
'32% PEG 1500, 0.1M sodium acetate-HCl pH 4.1, 140mM lithium sulfate, VAPOR DIFFUSION, SITTING DROP, temperature 293K' 
_exptl_crystal_grow.pdbx_pH_range   . 
# 
_diffrn.id                     1 
_diffrn.ambient_temp           90 
_diffrn.ambient_temp_details   ? 
_diffrn.crystal_id             1 
# 
_diffrn_detector.diffrn_id              1 
_diffrn_detector.detector               CCD 
_diffrn_detector.type                   'ADSC QUANTUM 315' 
_diffrn_detector.pdbx_collection_date   2008-10-25 
_diffrn_detector.details                monochromator 
# 
_diffrn_radiation.diffrn_id                        1 
_diffrn_radiation.wavelength_id                    1 
_diffrn_radiation.pdbx_monochromatic_or_laue_m_l   M 
_diffrn_radiation.monochromator                    Si 
_diffrn_radiation.pdbx_diffrn_protocol             'SINGLE WAVELENGTH' 
_diffrn_radiation.pdbx_scattering_type             x-ray 
# 
_diffrn_radiation_wavelength.id           1 
_diffrn_radiation_wavelength.wavelength   1.000 
_diffrn_radiation_wavelength.wt           1.0 
# 
_diffrn_source.diffrn_id                   1 
_diffrn_source.source                      SYNCHROTRON 
_diffrn_source.type                        'SPRING-8 BEAMLINE BL41XU' 
_diffrn_source.pdbx_synchrotron_site       SPring-8 
_diffrn_source.pdbx_synchrotron_beamline   BL41XU 
_diffrn_source.pdbx_wavelength             ? 
_diffrn_source.pdbx_wavelength_list        1.000 
# 
_reflns.entry_id                     3A3A 
_reflns.observed_criterion_sigma_F   ? 
_reflns.observed_criterion_sigma_I   -3.0 
_reflns.d_resolution_high            3.10 
_reflns.d_resolution_low             50 
_reflns.number_all                   6032 
_reflns.number_obs                   5833 
_reflns.percent_possible_obs         96.7 
_reflns.pdbx_Rmerge_I_obs            0.105 
_reflns.pdbx_Rsym_value              0.105 
_reflns.pdbx_netI_over_sigmaI        18.0 
_reflns.B_iso_Wilson_estimate        ? 
_reflns.pdbx_redundancy              5.4 
_reflns.R_free_details               ? 
_reflns.limit_h_max                  ? 
_reflns.limit_h_min                  ? 
_reflns.limit_k_max                  ? 
_reflns.limit_k_min                  ? 
_reflns.limit_l_max                  ? 
_reflns.limit_l_min                  ? 
_reflns.observed_criterion_F_max     ? 
_reflns.observed_criterion_F_min     ? 
_reflns.pdbx_chi_squared             ? 
_reflns.pdbx_scaling_rejects         ? 
_reflns.pdbx_diffrn_id               1 
_reflns.pdbx_ordinal                 1 
# 
_reflns_shell.d_res_high             3.10 
_reflns_shell.d_res_low              3.21 
_reflns_shell.percent_possible_all   85.9 
_reflns_shell.Rmerge_I_obs           0.390 
_reflns_shell.pdbx_Rsym_value        0.390 
_reflns_shell.meanI_over_sigI_obs    3.53 
_reflns_shell.pdbx_redundancy        5.4 
_reflns_shell.percent_possible_obs   ? 
_reflns_shell.number_unique_all      608 
_reflns_shell.number_measured_all    ? 
_reflns_shell.number_measured_obs    ? 
_reflns_shell.number_unique_obs      ? 
_reflns_shell.pdbx_chi_squared       ? 
_reflns_shell.pdbx_diffrn_id         ? 
_reflns_shell.pdbx_ordinal           1 
# 
_refine.entry_id                                 3A3A 
_refine.ls_number_reflns_obs                     5781 
_refine.ls_number_reflns_all                     5965 
_refine.pdbx_ls_sigma_I                          ? 
_refine.pdbx_ls_sigma_F                          0.0 
_refine.pdbx_data_cutoff_high_absF               2615319.32 
_refine.pdbx_data_cutoff_low_absF                0.000000 
_refine.pdbx_data_cutoff_high_rms_absF           ? 
_refine.ls_d_res_low                             36.13 
_refine.ls_d_res_high                            3.10 
_refine.ls_percent_reflns_obs                    97.0 
_refine.ls_R_factor_obs                          0.254 
_refine.ls_R_factor_all                          ? 
_refine.ls_R_factor_R_work                       0.254 
_refine.ls_R_factor_R_free                       0.314 
_refine.ls_R_factor_R_free_error                 0.020 
_refine.ls_R_factor_R_free_error_details         ? 
_refine.ls_percent_reflns_R_free                 4.5 
_refine.ls_number_reflns_R_free                  258 
_refine.ls_number_parameters                     ? 
_refine.ls_number_restraints                     ? 
_refine.occupancy_min                            ? 
_refine.occupancy_max                            ? 
_refine.correlation_coeff_Fo_to_Fc               ? 
_refine.correlation_coeff_Fo_to_Fc_free          ? 
_refine.B_iso_mean                               115.0 
_refine.aniso_B[1][1]                            5.19 
_refine.aniso_B[2][2]                            -16.71 
_refine.aniso_B[3][3]                            11.52 
_refine.aniso_B[1][2]                            0.00 
_refine.aniso_B[1][3]                            -55.50 
_refine.aniso_B[2][3]                            0.00 
_refine.solvent_model_details                    'FLAT MODEL' 
_refine.solvent_model_param_ksol                 0.1 
_refine.solvent_model_param_bsol                 18.6706 
_refine.pdbx_solvent_vdw_probe_radii             ? 
_refine.pdbx_solvent_ion_probe_radii             ? 
_refine.pdbx_solvent_shrinkage_radii             ? 
_refine.pdbx_ls_cross_valid_method               THROUGHOUT 
_refine.details                                  'BULK SOLVENT MODEL USED' 
_refine.pdbx_starting_model                      'PDB ENTRY 2TRA, 6TNA' 
_refine.pdbx_method_to_determine_struct          'MOLECULAR REPLACEMENT' 
_refine.pdbx_isotropic_thermal_model             RESTRAINED 
_refine.pdbx_stereochemistry_target_values       ? 
_refine.pdbx_stereochem_target_val_spec_case     ? 
_refine.pdbx_R_Free_selection_details            RANDOM 
_refine.pdbx_overall_ESU_R                       ? 
_refine.pdbx_overall_ESU_R_Free                  ? 
_refine.overall_SU_ML                            ? 
_refine.overall_SU_B                             ? 
_refine.ls_redundancy_reflns_obs                 ? 
_refine.B_iso_min                                ? 
_refine.B_iso_max                                ? 
_refine.overall_SU_R_Cruickshank_DPI             ? 
_refine.overall_SU_R_free                        ? 
_refine.ls_wR_factor_R_free                      ? 
_refine.ls_wR_factor_R_work                      ? 
_refine.overall_FOM_free_R_set                   ? 
_refine.overall_FOM_work_R_set                   ? 
_refine.pdbx_refine_id                           'X-RAY DIFFRACTION' 
_refine.pdbx_overall_phase_error                 ? 
_refine.pdbx_diffrn_id                           1 
_refine.pdbx_TLS_residual_ADP_flag               ? 
_refine.pdbx_overall_SU_R_free_Cruickshank_DPI   ? 
_refine.pdbx_overall_SU_R_Blow_DPI               ? 
_refine.pdbx_overall_SU_R_free_Blow_DPI          ? 
# 
_refine_analyze.entry_id                        3A3A 
_refine_analyze.Luzzati_coordinate_error_obs    0.51 
_refine_analyze.Luzzati_sigma_a_obs             0.72 
_refine_analyze.Luzzati_d_res_low_obs           5.00 
_refine_analyze.Luzzati_coordinate_error_free   0.74 
_refine_analyze.Luzzati_sigma_a_free            0.29 
_refine_analyze.Luzzati_d_res_low_free          ? 
_refine_analyze.number_disordered_residues      ? 
_refine_analyze.occupancy_sum_hydrogen          ? 
_refine_analyze.occupancy_sum_non_hydrogen      ? 
_refine_analyze.pdbx_Luzzati_d_res_high_obs     ? 
_refine_analyze.pdbx_refine_id                  'X-RAY DIFFRACTION' 
# 
_refine_hist.pdbx_refine_id                   'X-RAY DIFFRACTION' 
_refine_hist.cycle_id                         LAST 
_refine_hist.pdbx_number_atoms_protein        0 
_refine_hist.pdbx_number_atoms_nucleic_acid   1829 
_refine_hist.pdbx_number_atoms_ligand         0 
_refine_hist.number_atoms_solvent             0 
_refine_hist.number_atoms_total               1829 
_refine_hist.d_res_high                       3.10 
_refine_hist.d_res_low                        36.13 
# 
loop_
_refine_ls_restr.type 
_refine_ls_restr.dev_ideal 
_refine_ls_restr.dev_ideal_target 
_refine_ls_restr.weight 
_refine_ls_restr.number 
_refine_ls_restr.pdbx_refine_id 
_refine_ls_restr.pdbx_restraint_function 
c_bond_d                0.005 ? ? ? 'X-RAY DIFFRACTION' ? 
c_bond_d_na             ?     ? ? ? 'X-RAY DIFFRACTION' ? 
c_bond_d_prot           ?     ? ? ? 'X-RAY DIFFRACTION' ? 
c_angle_d               ?     ? ? ? 'X-RAY DIFFRACTION' ? 
c_angle_d_na            ?     ? ? ? 'X-RAY DIFFRACTION' ? 
c_angle_d_prot          ?     ? ? ? 'X-RAY DIFFRACTION' ? 
c_angle_deg             0.92  ? ? ? 'X-RAY DIFFRACTION' ? 
c_angle_deg_na          ?     ? ? ? 'X-RAY DIFFRACTION' ? 
c_angle_deg_prot        ?     ? ? ? 'X-RAY DIFFRACTION' ? 
c_dihedral_angle_d      13.0  ? ? ? 'X-RAY DIFFRACTION' ? 
c_dihedral_angle_d_na   ?     ? ? ? 'X-RAY DIFFRACTION' ? 
c_dihedral_angle_d_prot ?     ? ? ? 'X-RAY DIFFRACTION' ? 
c_improper_angle_d      1.27  ? ? ? 'X-RAY DIFFRACTION' ? 
c_improper_angle_d_na   ?     ? ? ? 'X-RAY DIFFRACTION' ? 
c_improper_angle_d_prot ?     ? ? ? 'X-RAY DIFFRACTION' ? 
c_mcbond_it             ?     ? ? ? 'X-RAY DIFFRACTION' ? 
c_mcangle_it            ?     ? ? ? 'X-RAY DIFFRACTION' ? 
c_scbond_it             ?     ? ? ? 'X-RAY DIFFRACTION' ? 
c_scangle_it            ?     ? ? ? 'X-RAY DIFFRACTION' ? 
# 
_refine_ls_shell.pdbx_total_number_of_bins_used   6 
_refine_ls_shell.d_res_high                       3.10 
_refine_ls_shell.d_res_low                        3.29 
_refine_ls_shell.number_reflns_R_work             841 
_refine_ls_shell.R_factor_R_work                  0.422 
_refine_ls_shell.percent_reflns_obs               89.8 
_refine_ls_shell.R_factor_R_free                  0.351 
_refine_ls_shell.R_factor_R_free_error            0.055 
_refine_ls_shell.percent_reflns_R_free            4.6 
_refine_ls_shell.number_reflns_R_free             41 
_refine_ls_shell.number_reflns_all                ? 
_refine_ls_shell.R_factor_all                     ? 
_refine_ls_shell.number_reflns_obs                649 
_refine_ls_shell.redundancy_reflns_obs            ? 
_refine_ls_shell.pdbx_refine_id                   'X-RAY DIFFRACTION' 
# 
_pdbx_xplor_file.serial_no        1 
_pdbx_xplor_file.param_file       dna-rna_rep.param 
_pdbx_xplor_file.topol_file       dna-rna.top 
_pdbx_xplor_file.pdbx_refine_id   'X-RAY DIFFRACTION' 
# 
_struct.entry_id                  3A3A 
_struct.title                     'Crystal structure of human selenocystine tRNA' 
_struct.pdbx_model_details        ? 
_struct.pdbx_CASP_flag            ? 
_struct.pdbx_model_type_details   ? 
# 
_struct_keywords.entry_id        3A3A 
_struct_keywords.pdbx_keywords   RNA 
_struct_keywords.text            'tRNA, RNA' 
# 
_struct_asym.id                            A 
_struct_asym.pdbx_blank_PDB_chainid_flag   N 
_struct_asym.pdbx_modified                 N 
_struct_asym.entity_id                     1 
_struct_asym.details                       ? 
# 
loop_
_struct_conn.id 
_struct_conn.conn_type_id 
_struct_conn.pdbx_leaving_atom_flag 
_struct_conn.pdbx_PDB_id 
_struct_conn.ptnr1_label_asym_id 
_struct_conn.ptnr1_label_comp_id 
_struct_conn.ptnr1_label_seq_id 
_struct_conn.ptnr1_label_atom_id 
_struct_conn.pdbx_ptnr1_label_alt_id 
_struct_conn.pdbx_ptnr1_PDB_ins_code 
_struct_conn.pdbx_ptnr1_standard_comp_id 
_struct_conn.ptnr1_symmetry 
_struct_conn.ptnr2_label_asym_id 
_struct_conn.ptnr2_label_comp_id 
_struct_conn.ptnr2_label_seq_id 
_struct_conn.ptnr2_label_atom_id 
_struct_conn.pdbx_ptnr2_label_alt_id 
_struct_conn.pdbx_ptnr2_PDB_ins_code 
_struct_conn.ptnr1_auth_asym_id 
_struct_conn.ptnr1_auth_comp_id 
_struct_conn.ptnr1_auth_seq_id 
_struct_conn.ptnr2_auth_asym_id 
_struct_conn.ptnr2_auth_comp_id 
_struct_conn.ptnr2_auth_seq_id 
_struct_conn.ptnr2_symmetry 
_struct_conn.pdbx_ptnr3_label_atom_id 
_struct_conn.pdbx_ptnr3_label_seq_id 
_struct_conn.pdbx_ptnr3_label_comp_id 
_struct_conn.pdbx_ptnr3_label_asym_id 
_struct_conn.pdbx_ptnr3_label_alt_id 
_struct_conn.pdbx_ptnr3_PDB_ins_code 
_struct_conn.details 
_struct_conn.pdbx_dist_value 
_struct_conn.pdbx_value_order 
_struct_conn.pdbx_role 
hydrog1  hydrog ? ? A G 1  N1 ? ? ? 1_555 A C 86 N3 ? ? A G 1  A C 72 1_555 ? ? ? ? ? ? WATSON-CRICK         ? ? ? 
hydrog2  hydrog ? ? A G 1  N2 ? ? ? 1_555 A C 86 O2 ? ? A G 1  A C 72 1_555 ? ? ? ? ? ? WATSON-CRICK         ? ? ? 
hydrog3  hydrog ? ? A G 1  O6 ? ? ? 1_555 A C 86 N4 ? ? A G 1  A C 72 1_555 ? ? ? ? ? ? WATSON-CRICK         ? ? ? 
hydrog4  hydrog ? ? A C 2  N3 ? ? ? 1_555 A G 85 N1 ? ? A C 2  A G 71 1_555 ? ? ? ? ? ? WATSON-CRICK         ? ? ? 
hydrog5  hydrog ? ? A C 2  N4 ? ? ? 1_555 A G 85 O6 ? ? A C 2  A G 71 1_555 ? ? ? ? ? ? WATSON-CRICK         ? ? ? 
hydrog6  hydrog ? ? A C 2  O2 ? ? ? 1_555 A G 85 N2 ? ? A C 2  A G 71 1_555 ? ? ? ? ? ? WATSON-CRICK         ? ? ? 
hydrog7  hydrog ? ? A C 3  N3 ? ? ? 1_555 A G 84 N1 ? ? A C 3  A G 70 1_555 ? ? ? ? ? ? WATSON-CRICK         ? ? ? 
hydrog8  hydrog ? ? A C 3  N4 ? ? ? 1_555 A G 84 O6 ? ? A C 3  A G 70 1_555 ? ? ? ? ? ? WATSON-CRICK         ? ? ? 
hydrog9  hydrog ? ? A C 3  O2 ? ? ? 1_555 A G 84 N2 ? ? A C 3  A G 70 1_555 ? ? ? ? ? ? WATSON-CRICK         ? ? ? 
hydrog10 hydrog ? ? A C 4  N3 ? ? ? 1_555 A G 83 N1 ? ? A C 4  A G 69 1_555 ? ? ? ? ? ? WATSON-CRICK         ? ? ? 
hydrog11 hydrog ? ? A C 4  N4 ? ? ? 1_555 A G 83 O6 ? ? A C 4  A G 69 1_555 ? ? ? ? ? ? WATSON-CRICK         ? ? ? 
hydrog12 hydrog ? ? A C 4  O2 ? ? ? 1_555 A G 83 N2 ? ? A C 4  A G 69 1_555 ? ? ? ? ? ? WATSON-CRICK         ? ? ? 
hydrog13 hydrog ? ? A A 7  N1 ? B ? 1_555 A U 80 N3 ? A A A 5  A U 67 1_555 ? ? ? ? ? ? WATSON-CRICK         ? ? ? 
hydrog14 hydrog ? ? A A 7  N6 ? B ? 1_555 A U 80 O4 ? A A A 5  A U 67 1_555 ? ? ? ? ? ? WATSON-CRICK         ? ? ? 
hydrog15 hydrog ? ? A G 6  N1 ? A ? 1_555 A U 81 O2 ? B A G 5  A U 67 1_555 ? ? ? ? ? ? TYPE_28_PAIR         ? ? ? 
hydrog16 hydrog ? ? A G 6  O6 ? A ? 1_555 A U 81 N3 ? B A G 5  A U 67 1_555 ? ? ? ? ? ? TYPE_28_PAIR         ? ? ? 
hydrog17 hydrog ? ? A G 5  N1 ? ? ? 1_555 A C 82 N3 ? ? A G 5  A C 68 1_555 ? ? ? ? ? ? WATSON-CRICK         ? ? ? 
hydrog18 hydrog ? ? A G 5  N2 ? ? ? 1_555 A C 82 O2 ? ? A G 5  A C 68 1_555 ? ? ? ? ? ? WATSON-CRICK         ? ? ? 
hydrog19 hydrog ? ? A G 5  O6 ? ? ? 1_555 A C 82 N4 ? ? A G 5  A C 68 1_555 ? ? ? ? ? ? WATSON-CRICK         ? ? ? 
hydrog20 hydrog ? ? A U 8  N3 ? ? ? 1_555 A U 79 O4 ? ? A U 6  A U 67 1_555 ? ? ? ? ? ? TYPE_16_PAIR         ? ? ? 
hydrog21 hydrog ? ? A U 8  O2 ? ? ? 1_555 A U 79 N3 ? ? A U 6  A U 67 1_555 ? ? ? ? ? ? TYPE_16_PAIR         ? ? ? 
hydrog22 hydrog ? ? A G 9  N1 ? ? ? 1_555 A C 78 N3 ? ? A G 7  A C 66 1_555 ? ? ? ? ? ? WATSON-CRICK         ? ? ? 
hydrog23 hydrog ? ? A G 9  N2 ? ? ? 1_555 A C 78 O2 ? ? A G 7  A C 66 1_555 ? ? ? ? ? ? WATSON-CRICK         ? ? ? 
hydrog24 hydrog ? ? A G 9  O6 ? ? ? 1_555 A C 78 N4 ? ? A G 7  A C 66 1_555 ? ? ? ? ? ? WATSON-CRICK         ? ? ? 
hydrog25 hydrog ? ? A C 12 N3 ? ? ? 1_555 A G 27 N1 ? ? A C 10 A G 25 1_555 ? ? ? ? ? ? WATSON-CRICK         ? ? ? 
hydrog26 hydrog ? ? A C 12 N4 ? ? ? 1_555 A G 27 O6 ? ? A C 10 A G 25 1_555 ? ? ? ? ? ? WATSON-CRICK         ? ? ? 
hydrog27 hydrog ? ? A C 12 O2 ? ? ? 1_555 A G 27 N2 ? ? A C 10 A G 25 1_555 ? ? ? ? ? ? WATSON-CRICK         ? ? ? 
hydrog28 hydrog ? ? A C 13 N3 ? ? ? 1_555 A G 26 N1 ? ? A C 11 A G 24 1_555 ? ? ? ? ? ? WATSON-CRICK         ? ? ? 
hydrog29 hydrog ? ? A C 13 N4 ? ? ? 1_555 A G 26 O6 ? ? A C 11 A G 24 1_555 ? ? ? ? ? ? WATSON-CRICK         ? ? ? 
hydrog30 hydrog ? ? A C 13 O2 ? ? ? 1_555 A G 26 N2 ? ? A C 11 A G 24 1_555 ? ? ? ? ? ? WATSON-CRICK         ? ? ? 
hydrog31 hydrog ? ? A U 14 N3 ? ? ? 1_555 A G 25 O6 ? ? A U 12 A G 23 1_555 ? ? ? ? ? ? TYPE_28_PAIR         ? ? ? 
hydrog32 hydrog ? ? A U 14 O2 ? ? ? 1_555 A G 25 N1 ? ? A U 12 A G 23 1_555 ? ? ? ? ? ? TYPE_28_PAIR         ? ? ? 
hydrog33 hydrog ? ? A C 15 N3 ? ? ? 1_555 A G 24 N1 ? ? A C 13 A G 22 1_555 ? ? ? ? ? ? WATSON-CRICK         ? ? ? 
hydrog34 hydrog ? ? A C 15 N4 ? ? ? 1_555 A G 24 O6 ? ? A C 13 A G 22 1_555 ? ? ? ? ? ? WATSON-CRICK         ? ? ? 
hydrog35 hydrog ? ? A C 15 O2 ? ? ? 1_555 A G 24 N2 ? ? A C 13 A G 22 1_555 ? ? ? ? ? ? WATSON-CRICK         ? ? ? 
hydrog36 hydrog ? ? A A 16 N1 ? ? ? 1_555 A U 23 N3 ? ? A A 14 A U 21 1_555 ? ? ? ? ? ? WATSON-CRICK         ? ? ? 
hydrog37 hydrog ? ? A A 16 N6 ? ? ? 1_555 A U 23 O4 ? ? A A 14 A U 21 1_555 ? ? ? ? ? ? WATSON-CRICK         ? ? ? 
hydrog38 hydrog ? ? A G 17 N1 ? ? ? 1_555 A C 22 N3 ? A A G 15 A C 20 1_555 ? ? ? ? ? ? WATSON-CRICK         ? ? ? 
hydrog39 hydrog ? ? A G 17 N2 ? ? ? 1_555 A C 22 O2 ? A A G 15 A C 20 1_555 ? ? ? ? ? ? WATSON-CRICK         ? ? ? 
hydrog40 hydrog ? ? A G 17 O6 ? ? ? 1_555 A C 22 N4 ? A A G 15 A C 20 1_555 ? ? ? ? ? ? WATSON-CRICK         ? ? ? 
hydrog41 hydrog ? ? A U 18 N3 ? ? ? 1_555 A U 72 O2 ? ? A U 16 A U 59 1_555 ? ? ? ? ? ? TYPE_13_PAIR         ? ? ? 
hydrog42 hydrog ? ? A U 18 O2 ? ? ? 1_555 A U 72 N3 ? ? A U 16 A U 59 1_555 ? ? ? ? ? ? TYPE_13_PAIR         ? ? ? 
hydrog43 hydrog ? ? A G 19 N1 ? ? ? 1_555 A U 68 O2 ? ? A G 18 A U 55 1_555 ? ? ? ? ? ? 'G-U MISPAIR'        ? ? ? 
hydrog44 hydrog ? ? A G 20 N1 ? ? ? 1_555 A C 69 N3 ? ? A G 19 A C 56 1_555 ? ? ? ? ? ? WATSON-CRICK         ? ? ? 
hydrog45 hydrog ? ? A G 20 N2 ? ? ? 1_555 A C 69 O2 ? ? A G 19 A C 56 1_555 ? ? ? ? ? ? WATSON-CRICK         ? ? ? 
hydrog46 hydrog ? ? A G 20 O6 ? ? ? 1_555 A C 69 N4 ? ? A G 19 A C 56 1_555 ? ? ? ? ? ? WATSON-CRICK         ? ? ? 
hydrog47 hydrog ? ? A U 28 N3 ? ? ? 1_555 A A 46 N1 ? ? A U 26 A A 44 1_555 ? ? ? ? ? ? WATSON-CRICK         ? ? ? 
hydrog48 hydrog ? ? A U 28 O4 ? ? ? 1_555 A A 46 N6 ? ? A U 26 A A 44 1_555 ? ? ? ? ? ? WATSON-CRICK         ? ? ? 
hydrog49 hydrog ? ? A G 29 N1 ? ? ? 1_555 A U 45 O2 ? ? A G 27 A U 43 1_555 ? ? ? ? ? ? TYPE_28_PAIR         ? ? ? 
hydrog50 hydrog ? ? A G 29 O6 ? ? ? 1_555 A U 45 N3 ? ? A G 27 A U 43 1_555 ? ? ? ? ? ? TYPE_28_PAIR         ? ? ? 
hydrog51 hydrog ? ? A C 30 N3 ? ? ? 1_555 A G 44 N1 ? ? A C 28 A G 42 1_555 ? ? ? ? ? ? WATSON-CRICK         ? ? ? 
hydrog52 hydrog ? ? A C 30 N4 ? ? ? 1_555 A G 44 O6 ? ? A C 28 A G 42 1_555 ? ? ? ? ? ? WATSON-CRICK         ? ? ? 
hydrog53 hydrog ? ? A C 30 O2 ? ? ? 1_555 A G 44 N2 ? ? A C 28 A G 42 1_555 ? ? ? ? ? ? WATSON-CRICK         ? ? ? 
hydrog54 hydrog ? ? A A 31 N1 ? ? ? 1_555 A U 43 N3 ? ? A A 29 A U 41 1_555 ? ? ? ? ? ? WATSON-CRICK         ? ? ? 
hydrog55 hydrog ? ? A A 31 N6 ? ? ? 1_555 A U 43 O4 ? ? A A 29 A U 41 1_555 ? ? ? ? ? ? WATSON-CRICK         ? ? ? 
hydrog56 hydrog ? ? A G 32 N1 ? ? ? 1_555 A C 42 N3 ? ? A G 30 A C 40 1_555 ? ? ? ? ? ? WATSON-CRICK         ? ? ? 
hydrog57 hydrog ? ? A G 32 N2 ? ? ? 1_555 A C 42 O2 ? ? A G 30 A C 40 1_555 ? ? ? ? ? ? WATSON-CRICK         ? ? ? 
hydrog58 hydrog ? ? A G 32 O6 ? ? ? 1_555 A C 42 N4 ? ? A G 30 A C 40 1_555 ? ? ? ? ? ? WATSON-CRICK         ? ? ? 
hydrog59 hydrog ? ? A G 33 N1 ? ? ? 1_555 A C 41 N3 ? ? A G 31 A C 39 1_555 ? ? ? ? ? ? WATSON-CRICK         ? ? ? 
hydrog60 hydrog ? ? A G 33 N2 ? ? ? 1_555 A C 41 O2 ? ? A G 31 A C 39 1_555 ? ? ? ? ? ? WATSON-CRICK         ? ? ? 
hydrog61 hydrog ? ? A G 33 O6 ? ? ? 1_555 A C 41 N4 ? ? A G 31 A C 39 1_555 ? ? ? ? ? ? WATSON-CRICK         ? ? ? 
hydrog62 hydrog ? ? A C 34 N3 ? ? ? 1_555 A C 37 N4 ? ? A C 32 A C 35 1_555 ? ? ? ? ? ? 'C-C MISPAIR'        ? ? ? 
hydrog63 hydrog ? ? A G 47 N1 ? ? ? 1_555 A A 62 N1 ? ? A G 45 A A 48 1_555 ? ? ? ? ? ? TYPE_8_PAIR          ? ? ? 
hydrog64 hydrog ? ? A G 47 O6 ? ? ? 1_555 A A 62 N6 ? ? A G 45 A A 48 1_555 ? ? ? ? ? ? TYPE_8_PAIR          ? ? ? 
hydrog65 hydrog ? ? A C 48 N3 ? ? ? 1_555 A G 61 N1 ? L A C 46 A G 47 1_555 ? ? ? ? ? ? WATSON-CRICK         ? ? ? 
hydrog66 hydrog ? ? A C 48 N4 ? ? ? 1_555 A G 61 O6 ? L A C 46 A G 47 1_555 ? ? ? ? ? ? WATSON-CRICK         ? ? ? 
hydrog67 hydrog ? ? A C 48 O2 ? ? ? 1_555 A G 61 N2 ? L A C 46 A G 47 1_555 ? ? ? ? ? ? WATSON-CRICK         ? ? ? 
hydrog68 hydrog ? ? A C 52 N3 ? C ? 1_555 A G 57 N1 ? H A C 47 A G 47 1_555 ? ? ? ? ? ? WATSON-CRICK         ? ? ? 
hydrog69 hydrog ? ? A C 52 N4 ? C ? 1_555 A G 57 O6 ? H A C 47 A G 47 1_555 ? ? ? ? ? ? WATSON-CRICK         ? ? ? 
hydrog70 hydrog ? ? A C 52 O2 ? C ? 1_555 A G 57 N2 ? H A C 47 A G 47 1_555 ? ? ? ? ? ? WATSON-CRICK         ? ? ? 
hydrog71 hydrog ? ? A G 50 N1 ? A ? 1_555 A C 59 N3 ? J A G 47 A C 47 1_555 ? ? ? ? ? ? WATSON-CRICK         ? ? ? 
hydrog72 hydrog ? ? A G 50 N2 ? A ? 1_555 A C 59 O2 ? J A G 47 A C 47 1_555 ? ? ? ? ? ? WATSON-CRICK         ? ? ? 
hydrog73 hydrog ? ? A G 50 O6 ? A ? 1_555 A C 59 N4 ? J A G 47 A C 47 1_555 ? ? ? ? ? ? WATSON-CRICK         ? ? ? 
hydrog74 hydrog ? ? A U 49 N3 ? ? ? 1_555 A A 60 N1 ? K A U 47 A A 47 1_555 ? ? ? ? ? ? WATSON-CRICK         ? ? ? 
hydrog75 hydrog ? ? A U 51 N3 ? B ? 1_555 A A 58 N1 ? I A U 47 A A 47 1_555 ? ? ? ? ? ? WATSON-CRICK         ? ? ? 
hydrog76 hydrog ? ? A U 49 O4 ? ? ? 1_555 A A 60 N6 ? K A U 47 A A 47 1_555 ? ? ? ? ? ? WATSON-CRICK         ? ? ? 
hydrog77 hydrog ? ? A U 51 O4 ? B ? 1_555 A A 58 N6 ? I A U 47 A A 47 1_555 ? ? ? ? ? ? WATSON-CRICK         ? ? ? 
hydrog78 hydrog ? ? A G 63 N1 ? ? ? 1_555 A C 77 N3 ? ? A G 50 A C 64 1_555 ? ? ? ? ? ? WATSON-CRICK         ? ? ? 
hydrog79 hydrog ? ? A G 63 N2 ? ? ? 1_555 A C 77 O2 ? ? A G 50 A C 64 1_555 ? ? ? ? ? ? WATSON-CRICK         ? ? ? 
hydrog80 hydrog ? ? A G 63 O6 ? ? ? 1_555 A C 77 N4 ? ? A G 50 A C 64 1_555 ? ? ? ? ? ? WATSON-CRICK         ? ? ? 
hydrog81 hydrog ? ? A U 64 N3 ? ? ? 1_555 A A 76 N1 ? ? A U 51 A A 63 1_555 ? ? ? ? ? ? WATSON-CRICK         ? ? ? 
hydrog82 hydrog ? ? A U 64 O4 ? ? ? 1_555 A A 76 N6 ? ? A U 51 A A 63 1_555 ? ? ? ? ? ? WATSON-CRICK         ? ? ? 
hydrog83 hydrog ? ? A G 65 N1 ? ? ? 1_555 A C 75 N3 ? ? A G 52 A C 62 1_555 ? ? ? ? ? ? WATSON-CRICK         ? ? ? 
hydrog84 hydrog ? ? A G 65 N2 ? ? ? 1_555 A C 75 O2 ? ? A G 52 A C 62 1_555 ? ? ? ? ? ? WATSON-CRICK         ? ? ? 
hydrog85 hydrog ? ? A G 65 O6 ? ? ? 1_555 A C 75 N4 ? ? A G 52 A C 62 1_555 ? ? ? ? ? ? WATSON-CRICK         ? ? ? 
hydrog86 hydrog ? ? A G 66 N1 ? ? ? 1_555 A C 74 N3 ? ? A G 53 A C 61 1_555 ? ? ? ? ? ? WATSON-CRICK         ? ? ? 
hydrog87 hydrog ? ? A G 66 N2 ? ? ? 1_555 A C 74 O2 ? ? A G 53 A C 61 1_555 ? ? ? ? ? ? WATSON-CRICK         ? ? ? 
hydrog88 hydrog ? ? A G 66 O6 ? ? ? 1_555 A C 74 N4 ? ? A G 53 A C 61 1_555 ? ? ? ? ? ? WATSON-CRICK         ? ? ? 
hydrog89 hydrog ? ? A U 67 N3 ? ? ? 1_555 A A 71 N7 ? ? A U 54 A A 58 1_555 ? ? ? ? ? ? 'REVERSED HOOGSTEEN' ? ? ? 
hydrog90 hydrog ? ? A U 67 O2 ? ? ? 1_555 A A 71 N6 ? ? A U 54 A A 58 1_555 ? ? ? ? ? ? 'REVERSED HOOGSTEEN' ? ? ? 
# 
_struct_conn_type.id          hydrog 
_struct_conn_type.criteria    ? 
_struct_conn_type.reference   ? 
# 
_atom_sites.entry_id                    3A3A 
_atom_sites.fract_transf_matrix[1][1]   0.00918611 
_atom_sites.fract_transf_matrix[1][2]   0.00446434 
_atom_sites.fract_transf_matrix[1][3]   0.00793218 
_atom_sites.fract_transf_matrix[2][1]   0.01313636 
_atom_sites.fract_transf_matrix[2][2]   -0.00192013 
_atom_sites.fract_transf_matrix[2][3]   -0.01413228 
_atom_sites.fract_transf_matrix[3][1]   -0.00054751 
_atom_sites.fract_transf_matrix[3][2]   0.01234397 
_atom_sites.fract_transf_matrix[3][3]   -0.00218609 
_atom_sites.fract_transf_vector[1]      0.313383 
_atom_sites.fract_transf_vector[2]      -0.040155 
_atom_sites.fract_transf_vector[3]      0.258850 
# 
loop_
_atom_type.symbol 
C 
N 
O 
P 
# 
loop_
_atom_site.group_PDB 
_atom_site.id 
_atom_site.type_symbol 
_atom_site.label_atom_id 
_atom_site.label_alt_id 
_atom_site.label_comp_id 
_atom_site.label_asym_id 
_atom_site.label_entity_id 
_atom_site.label_seq_id 
_atom_site.pdbx_PDB_ins_code 
_atom_site.Cartn_x 
_atom_site.Cartn_y 
_atom_site.Cartn_z 
_atom_site.occupancy 
_atom_site.B_iso_or_equiv 
_atom_site.pdbx_formal_charge 
_atom_site.auth_seq_id 
_atom_site.auth_comp_id 
_atom_site.auth_asym_id 
_atom_site.auth_atom_id 
_atom_site.pdbx_PDB_model_num 
ATOM 1    O OP3   . G A 1 1  ? -3.253  7.416   31.248  1.00 116.54 ? 1  G A OP3   1 
ATOM 2    P P     . G A 1 1  ? -3.100  8.919   31.029  1.00 130.46 ? 1  G A P     1 
ATOM 3    O OP1   . G A 1 1  ? -1.685  9.406   31.298  1.00 115.51 ? 1  G A OP1   1 
ATOM 4    O OP2   . G A 1 1  ? -3.587  9.366   29.659  1.00 131.64 ? 1  G A OP2   1 
ATOM 5    O "O5'" . G A 1 1  ? -4.060  9.674   32.118  1.00 108.90 ? 1  G A "O5'" 1 
ATOM 6    C "C5'" . G A 1 1  ? -5.332  9.110   32.514  1.00 95.95  ? 1  G A "C5'" 1 
ATOM 7    C "C4'" . G A 1 1  ? -6.334  10.209  32.795  1.00 93.17  ? 1  G A "C4'" 1 
ATOM 8    O "O4'" . G A 1 1  ? -5.765  11.166  33.723  1.00 96.18  ? 1  G A "O4'" 1 
ATOM 9    C "C3'" . G A 1 1  ? -6.715  11.052  31.595  1.00 103.24 ? 1  G A "C3'" 1 
ATOM 10   O "O3'" . G A 1 1  ? -7.776  10.460  30.877  1.00 108.00 ? 1  G A "O3'" 1 
ATOM 11   C "C2'" . G A 1 1  ? -7.151  12.360  32.238  1.00 95.87  ? 1  G A "C2'" 1 
ATOM 12   O "O2'" . G A 1 1  ? -8.431  12.263  32.823  1.00 95.76  ? 1  G A "O2'" 1 
ATOM 13   C "C1'" . G A 1 1  ? -6.112  12.491  33.342  1.00 77.65  ? 1  G A "C1'" 1 
ATOM 14   N N9    . G A 1 1  ? -4.882  13.141  32.914  1.00 68.54  ? 1  G A N9    1 
ATOM 15   C C8    . G A 1 1  ? -3.704  12.498  32.616  1.00 72.90  ? 1  G A C8    1 
ATOM 16   N N7    . G A 1 1  ? -2.733  13.316  32.310  1.00 75.58  ? 1  G A N7    1 
ATOM 17   C C5    . G A 1 1  ? -3.304  14.577  32.398  1.00 63.91  ? 1  G A C5    1 
ATOM 18   C C6    . G A 1 1  ? -2.726  15.845  32.175  1.00 71.16  ? 1  G A C6    1 
ATOM 19   O O6    . G A 1 1  ? -1.558  16.109  31.848  1.00 83.48  ? 1  G A O6    1 
ATOM 20   N N1    . G A 1 1  ? -3.648  16.872  32.364  1.00 58.51  ? 1  G A N1    1 
ATOM 21   C C2    . G A 1 1  ? -4.962  16.692  32.731  1.00 67.17  ? 1  G A C2    1 
ATOM 22   N N2    . G A 1 1  ? -5.680  17.830  32.865  1.00 66.01  ? 1  G A N2    1 
ATOM 23   N N3    . G A 1 1  ? -5.523  15.494  32.948  1.00 49.74  ? 1  G A N3    1 
ATOM 24   C C4    . G A 1 1  ? -4.637  14.491  32.762  1.00 61.69  ? 1  G A C4    1 
ATOM 25   P P     . C A 1 2  ? -8.037  10.910  29.368  1.00 118.98 ? 2  C A P     1 
ATOM 26   O OP1   . C A 1 2  ? -9.309  10.253  28.976  1.00 122.94 ? 2  C A OP1   1 
ATOM 27   O OP2   . C A 1 2  ? -6.802  10.679  28.567  1.00 107.56 ? 2  C A OP2   1 
ATOM 28   O "O5'" . C A 1 2  ? -8.291  12.477  29.473  1.00 96.75  ? 2  C A "O5'" 1 
ATOM 29   C "C5'" . C A 1 2  ? -9.598  12.977  29.707  1.00 97.50  ? 2  C A "C5'" 1 
ATOM 30   C "C4'" . C A 1 2  ? -9.637  14.449  29.420  1.00 104.87 ? 2  C A "C4'" 1 
ATOM 31   O "O4'" . C A 1 2  ? -8.647  15.082  30.273  1.00 104.08 ? 2  C A "O4'" 1 
ATOM 32   C "C3'" . C A 1 2  ? -9.203  14.869  28.022  1.00 118.56 ? 2  C A "C3'" 1 
ATOM 33   O "O3'" . C A 1 2  ? -10.243 14.755  27.047  1.00 128.91 ? 2  C A "O3'" 1 
ATOM 34   C "C2'" . C A 1 2  ? -8.799  16.317  28.266  1.00 113.57 ? 2  C A "C2'" 1 
ATOM 35   O "O2'" . C A 1 2  ? -9.910  17.181  28.410  1.00 118.26 ? 2  C A "O2'" 1 
ATOM 36   C "C1'" . C A 1 2  ? -8.062  16.186  29.598  1.00 95.51  ? 2  C A "C1'" 1 
ATOM 37   N N1    . C A 1 2  ? -6.644  15.888  29.359  1.00 75.60  ? 2  C A N1    1 
ATOM 38   C C2    . C A 1 2  ? -5.749  16.956  29.223  1.00 77.30  ? 2  C A C2    1 
ATOM 39   O O2    . C A 1 2  ? -6.174  18.106  29.383  1.00 79.53  ? 2  C A O2    1 
ATOM 40   N N3    . C A 1 2  ? -4.451  16.705  28.917  1.00 68.47  ? 2  C A N3    1 
ATOM 41   C C4    . C A 1 2  ? -4.039  15.445  28.759  1.00 71.26  ? 2  C A C4    1 
ATOM 42   N N4    . C A 1 2  ? -2.757  15.235  28.450  1.00 64.61  ? 2  C A N4    1 
ATOM 43   C C5    . C A 1 2  ? -4.927  14.337  28.913  1.00 77.12  ? 2  C A C5    1 
ATOM 44   C C6    . C A 1 2  ? -6.209  14.603  29.221  1.00 70.04  ? 2  C A C6    1 
ATOM 45   P P     . C A 1 3  ? -9.865  14.566  25.486  1.00 130.29 ? 3  C A P     1 
ATOM 46   O OP1   . C A 1 3  ? -11.150 14.427  24.751  1.00 130.71 ? 3  C A OP1   1 
ATOM 47   O OP2   . C A 1 3  ? -8.835  13.500  25.363  1.00 126.63 ? 3  C A OP2   1 
ATOM 48   O "O5'" . C A 1 3  ? -9.206  15.958  25.065  1.00 119.46 ? 3  C A "O5'" 1 
ATOM 49   C "C5'" . C A 1 3  ? -9.969  17.161  25.104  1.00 115.18 ? 3  C A "C5'" 1 
ATOM 50   C "C4'" . C A 1 3  ? -9.092  18.361  24.830  1.00 116.83 ? 3  C A "C4'" 1 
ATOM 51   O "O4'" . C A 1 3  ? -8.042  18.443  25.829  1.00 117.09 ? 3  C A "O4'" 1 
ATOM 52   C "C3'" . C A 1 3  ? -8.337  18.369  23.511  1.00 116.32 ? 3  C A "C3'" 1 
ATOM 53   O "O3'" . C A 1 3  ? -9.174  18.825  22.455  1.00 115.43 ? 3  C A "O3'" 1 
ATOM 54   C "C2'" . C A 1 3  ? -7.217  19.367  23.795  1.00 114.72 ? 3  C A "C2'" 1 
ATOM 55   O "O2'" . C A 1 3  ? -7.609  20.717  23.637  1.00 107.83 ? 3  C A "O2'" 1 
ATOM 56   C "C1'" . C A 1 3  ? -6.900  19.068  25.264  1.00 114.05 ? 3  C A "C1'" 1 
ATOM 57   N N1    . C A 1 3  ? -5.763  18.149  25.380  1.00 113.48 ? 3  C A N1    1 
ATOM 58   C C2    . C A 1 3  ? -4.473  18.644  25.159  1.00 113.88 ? 3  C A C2    1 
ATOM 59   O O2    . C A 1 3  ? -4.325  19.848  24.922  1.00 98.70  ? 3  C A O2    1 
ATOM 60   N N3    . C A 1 3  ? -3.421  17.799  25.207  1.00 121.01 ? 3  C A N3    1 
ATOM 61   C C4    . C A 1 3  ? -3.618  16.507  25.471  1.00 128.22 ? 3  C A C4    1 
ATOM 62   N N4    . C A 1 3  ? -2.548  15.708  25.505  1.00 132.63 ? 3  C A N4    1 
ATOM 63   C C5    . C A 1 3  ? -4.922  15.977  25.714  1.00 126.06 ? 3  C A C5    1 
ATOM 64   C C6    . C A 1 3  ? -5.955  16.829  25.667  1.00 114.66 ? 3  C A C6    1 
ATOM 65   P P     . C A 1 4  ? -8.869  18.381  20.941  1.00 120.07 ? 4  C A P     1 
ATOM 66   O OP1   . C A 1 4  ? -9.881  19.059  20.102  1.00 126.83 ? 4  C A OP1   1 
ATOM 67   O OP2   . C A 1 4  ? -8.746  16.898  20.885  1.00 110.11 ? 4  C A OP2   1 
ATOM 68   O "O5'" . C A 1 4  ? -7.458  19.045  20.606  1.00 109.78 ? 4  C A "O5'" 1 
ATOM 69   C "C5'" . C A 1 4  ? -7.388  20.399  20.170  1.00 99.21  ? 4  C A "C5'" 1 
ATOM 70   C "C4'" . C A 1 4  ? -5.968  20.784  19.826  1.00 96.12  ? 4  C A "C4'" 1 
ATOM 71   O "O4'" . C A 1 4  ? -5.138  20.652  21.007  1.00 97.55  ? 4  C A "O4'" 1 
ATOM 72   C "C3'" . C A 1 4  ? -5.230  19.940  18.796  1.00 99.60  ? 4  C A "C3'" 1 
ATOM 73   O "O3'" . C A 1 4  ? -5.557  20.283  17.454  1.00 100.09 ? 4  C A "O3'" 1 
ATOM 74   C "C2'" . C A 1 4  ? -3.789  20.321  19.084  1.00 101.43 ? 4  C A "C2'" 1 
ATOM 75   O "O2'" . C A 1 4  ? -3.463  21.587  18.553  1.00 102.68 ? 4  C A "O2'" 1 
ATOM 76   C "C1'" . C A 1 4  ? -3.799  20.388  20.611  1.00 106.67 ? 4  C A "C1'" 1 
ATOM 77   N N1    . C A 1 4  ? -3.348  19.115  21.205  1.00 111.70 ? 4  C A N1    1 
ATOM 78   C C2    . C A 1 4  ? -1.975  18.859  21.245  1.00 107.82 ? 4  C A C2    1 
ATOM 79   O O2    . C A 1 4  ? -1.198  19.719  20.816  1.00 108.13 ? 4  C A O2    1 
ATOM 80   N N3    . C A 1 4  ? -1.529  17.688  21.745  1.00 107.86 ? 4  C A N3    1 
ATOM 81   C C4    . C A 1 4  ? -2.396  16.787  22.203  1.00 108.81 ? 4  C A C4    1 
ATOM 82   N N4    . C A 1 4  ? -1.902  15.641  22.689  1.00 101.52 ? 4  C A N4    1 
ATOM 83   C C5    . C A 1 4  ? -3.807  17.021  22.185  1.00 109.31 ? 4  C A C5    1 
ATOM 84   C C6    . C A 1 4  ? -4.234  18.192  21.686  1.00 109.53 ? 4  C A C6    1 
ATOM 85   P P     . G A 1 5  ? -5.214  19.254  16.260  1.00 107.70 ? 5  G A P     1 
ATOM 86   O OP1   . G A 1 5  ? -5.840  19.795  15.029  1.00 123.10 ? 5  G A OP1   1 
ATOM 87   O OP2   . G A 1 5  ? -5.525  17.862  16.682  1.00 107.60 ? 5  G A OP2   1 
ATOM 88   O "O5'" . G A 1 5  ? -3.643  19.382  16.066  1.00 76.60  ? 5  G A "O5'" 1 
ATOM 89   C "C5'" . G A 1 5  ? -3.095  20.534  15.463  1.00 83.69  ? 5  G A "C5'" 1 
ATOM 90   C "C4'" . G A 1 5  ? -1.593  20.449  15.444  1.00 90.29  ? 5  G A "C4'" 1 
ATOM 91   O "O4'" . G A 1 5  ? -1.101  20.368  16.808  1.00 94.64  ? 5  G A "O4'" 1 
ATOM 92   C "C3'" . G A 1 5  ? -1.010  19.214  14.788  1.00 91.64  ? 5  G A "C3'" 1 
ATOM 93   O "O3'" . G A 1 5  ? -0.979  19.328  13.377  1.00 104.62 ? 5  G A "O3'" 1 
ATOM 94   C "C2'" . G A 1 5  ? 0.385   19.196  15.389  1.00 100.48 ? 5  G A "C2'" 1 
ATOM 95   O "O2'" . G A 1 5  ? 1.249   20.161  14.818  1.00 94.40  ? 5  G A "O2'" 1 
ATOM 96   C "C1'" . G A 1 5  ? 0.073   19.566  16.840  1.00 102.21 ? 5  G A "C1'" 1 
ATOM 97   N N9    . G A 1 5  ? -0.194  18.359  17.619  1.00 98.09  ? 5  G A N9    1 
ATOM 98   C C8    . G A 1 5  ? -1.405  17.882  18.056  1.00 86.40  ? 5  G A C8    1 
ATOM 99   N N7    . G A 1 5  ? -1.314  16.727  18.657  1.00 80.01  ? 5  G A N7    1 
ATOM 100  C C5    . G A 1 5  ? 0.043   16.435  18.628  1.00 90.72  ? 5  G A C5    1 
ATOM 101  C C6    . G A 1 5  ? 0.752   15.317  19.126  1.00 97.84  ? 5  G A C6    1 
ATOM 102  O O6    . G A 1 5  ? 0.309   14.322  19.707  1.00 114.90 ? 5  G A O6    1 
ATOM 103  N N1    . G A 1 5  ? 2.116   15.432  18.891  1.00 93.33  ? 5  G A N1    1 
ATOM 104  C C2    . G A 1 5  ? 2.718   16.484  18.254  1.00 95.39  ? 5  G A C2    1 
ATOM 105  N N2    . G A 1 5  ? 4.045   16.417  18.113  1.00 106.53 ? 5  G A N2    1 
ATOM 106  N N3    . G A 1 5  ? 2.070   17.527  17.786  1.00 90.85  ? 5  G A N3    1 
ATOM 107  C C4    . G A 1 5  ? 0.746   17.437  18.006  1.00 90.30  ? 5  G A C4    1 
ATOM 108  P P     . G A 1 6  A -1.287  18.036  12.479  1.00 123.25 ? 5  G A P     1 
ATOM 109  O OP1   . G A 1 6  A -1.447  18.497  11.075  1.00 127.43 ? 5  G A OP1   1 
ATOM 110  O OP2   . G A 1 6  A -2.386  17.284  13.138  1.00 124.22 ? 5  G A OP2   1 
ATOM 111  O "O5'" . G A 1 6  A 0.052   17.178  12.546  1.00 111.80 ? 5  G A "O5'" 1 
ATOM 112  C "C5'" . G A 1 6  A 1.200   17.606  11.832  1.00 110.87 ? 5  G A "C5'" 1 
ATOM 113  C "C4'" . G A 1 6  A 2.425   16.844  12.273  1.00 113.23 ? 5  G A "C4'" 1 
ATOM 114  O "O4'" . G A 1 6  A 2.536   16.898  13.722  1.00 118.33 ? 5  G A "O4'" 1 
ATOM 115  C "C3'" . G A 1 6  A 2.471   15.352  12.003  1.00 112.22 ? 5  G A "C3'" 1 
ATOM 116  O "O3'" . G A 1 6  A 2.787   15.072  10.642  1.00 115.20 ? 5  G A "O3'" 1 
ATOM 117  C "C2'" . G A 1 6  A 3.599   14.931  12.941  1.00 113.62 ? 5  G A "C2'" 1 
ATOM 118  O "O2'" . G A 1 6  A 4.879   15.267  12.445  1.00 107.18 ? 5  G A "O2'" 1 
ATOM 119  C "C1'" . G A 1 6  A 3.306   15.793  14.171  1.00 111.65 ? 5  G A "C1'" 1 
ATOM 120  N N9    . G A 1 6  A 2.545   15.035  15.158  1.00 112.45 ? 5  G A N9    1 
ATOM 121  C C8    . G A 1 6  A 1.247   15.220  15.575  1.00 113.05 ? 5  G A C8    1 
ATOM 122  N N7    . G A 1 6  A 0.852   14.311  16.429  1.00 111.86 ? 5  G A N7    1 
ATOM 123  C C5    . G A 1 6  A 1.962   13.491  16.590  1.00 117.09 ? 5  G A C5    1 
ATOM 124  C C6    . G A 1 6  A 2.152   12.328  17.392  1.00 117.68 ? 5  G A C6    1 
ATOM 125  O O6    . G A 1 6  A 1.346   11.765  18.153  1.00 114.67 ? 5  G A O6    1 
ATOM 126  N N1    . G A 1 6  A 3.439   11.816  17.245  1.00 119.64 ? 5  G A N1    1 
ATOM 127  C C2    . G A 1 6  A 4.417   12.351  16.439  1.00 122.95 ? 5  G A C2    1 
ATOM 128  N N2    . G A 1 6  A 5.603   11.721  16.429  1.00 129.68 ? 5  G A N2    1 
ATOM 129  N N3    . G A 1 6  A 4.251   13.426  15.696  1.00 116.64 ? 5  G A N3    1 
ATOM 130  C C4    . G A 1 6  A 3.014   13.937  15.818  1.00 113.38 ? 5  G A C4    1 
ATOM 131  P P     . A A 1 7  B 2.244   13.719  9.957   1.00 126.20 ? 5  A A P     1 
ATOM 132  O OP1   . A A 1 7  B 2.659   13.734  8.533   1.00 121.95 ? 5  A A OP1   1 
ATOM 133  O OP2   . A A 1 7  B 0.812   13.535  10.306  1.00 127.00 ? 5  A A OP2   1 
ATOM 134  O "O5'" . A A 1 7  B 3.070   12.560  10.665  1.00 121.57 ? 5  A A "O5'" 1 
ATOM 135  C "C5'" . A A 1 7  B 4.474   12.462  10.482  1.00 122.14 ? 5  A A "C5'" 1 
ATOM 136  C "C4'" . A A 1 7  B 5.003   11.261  11.217  1.00 119.11 ? 5  A A "C4'" 1 
ATOM 137  O "O4'" . A A 1 7  B 4.882   11.466  12.651  1.00 114.98 ? 5  A A "O4'" 1 
ATOM 138  C "C3'" . A A 1 7  B 4.232   9.982   10.958  1.00 115.11 ? 5  A A "C3'" 1 
ATOM 139  O "O3'" . A A 1 7  B 4.679   9.366   9.761   1.00 111.88 ? 5  A A "O3'" 1 
ATOM 140  C "C2'" . A A 1 7  B 4.571   9.159   12.190  1.00 115.04 ? 5  A A "C2'" 1 
ATOM 141  O "O2'" . A A 1 7  B 5.855   8.573   12.100  1.00 113.60 ? 5  A A "O2'" 1 
ATOM 142  C "C1'" . A A 1 7  B 4.558   10.236  13.278  1.00 115.17 ? 5  A A "C1'" 1 
ATOM 143  N N9    . A A 1 7  B 3.248   10.374  13.915  1.00 116.27 ? 5  A A N9    1 
ATOM 144  C C8    . A A 1 7  B 2.321   11.377  13.769  1.00 116.17 ? 5  A A C8    1 
ATOM 145  N N7    . A A 1 7  B 1.228   11.194  14.473  1.00 113.61 ? 5  A A N7    1 
ATOM 146  C C5    . A A 1 7  B 1.452   9.993   15.127  1.00 113.88 ? 5  A A C5    1 
ATOM 147  C C6    . A A 1 7  B 0.676   9.243   16.024  1.00 116.57 ? 5  A A C6    1 
ATOM 148  N N6    . A A 1 7  B -0.543  9.598   16.445  1.00 117.71 ? 5  A A N6    1 
ATOM 149  N N1    . A A 1 7  B 1.201   8.092   16.487  1.00 121.39 ? 5  A A N1    1 
ATOM 150  C C2    . A A 1 7  B 2.417   7.724   16.074  1.00 121.43 ? 5  A A C2    1 
ATOM 151  N N3    . A A 1 7  B 3.239   8.338   15.238  1.00 117.94 ? 5  A A N3    1 
ATOM 152  C C4    . A A 1 7  B 2.693   9.480   14.795  1.00 115.80 ? 5  A A C4    1 
ATOM 153  P P     . U A 1 8  ? 3.732   8.310   9.015   1.00 121.02 ? 6  U A P     1 
ATOM 154  O OP1   . U A 1 8  ? 4.575   7.642   7.992   1.00 120.39 ? 6  U A OP1   1 
ATOM 155  O OP2   . U A 1 8  ? 2.468   8.978   8.610   1.00 121.28 ? 6  U A OP2   1 
ATOM 156  O "O5'" . U A 1 8  ? 3.406   7.234   10.140  1.00 117.57 ? 6  U A "O5'" 1 
ATOM 157  C "C5'" . U A 1 8  ? 4.423   6.358   10.596  1.00 118.84 ? 6  U A "C5'" 1 
ATOM 158  C "C4'" . U A 1 8  ? 3.832   5.263   11.440  1.00 116.42 ? 6  U A "C4'" 1 
ATOM 159  O "O4'" . U A 1 8  ? 3.435   5.785   12.740  1.00 114.41 ? 6  U A "O4'" 1 
ATOM 160  C "C3'" . U A 1 8  ? 2.560   4.632   10.915  1.00 119.89 ? 6  U A "C3'" 1 
ATOM 161  O "O3'" . U A 1 8  ? 2.781   3.836   9.749   1.00 122.31 ? 6  U A "O3'" 1 
ATOM 162  C "C2'" . U A 1 8  ? 2.017   3.986   12.183  1.00 118.52 ? 6  U A "C2'" 1 
ATOM 163  O "O2'" . U A 1 8  ? 2.771   2.873   12.617  1.00 117.27 ? 6  U A "O2'" 1 
ATOM 164  C "C1'" . U A 1 8  ? 2.264   5.112   13.187  1.00 113.76 ? 6  U A "C1'" 1 
ATOM 165  N N1    . U A 1 8  ? 1.167   6.090   13.214  1.00 114.12 ? 6  U A N1    1 
ATOM 166  C C2    . U A 1 8  ? 0.143   5.892   14.115  1.00 114.95 ? 6  U A C2    1 
ATOM 167  O O2    . U A 1 8  ? 0.115   4.953   14.887  1.00 123.52 ? 6  U A O2    1 
ATOM 168  N N3    . U A 1 8  ? -0.850  6.837   14.078  1.00 109.43 ? 6  U A N3    1 
ATOM 169  C C4    . U A 1 8  ? -0.923  7.930   13.253  1.00 108.25 ? 6  U A C4    1 
ATOM 170  O O4    . U A 1 8  ? -1.886  8.686   13.341  1.00 109.17 ? 6  U A O4    1 
ATOM 171  C C5    . U A 1 8  ? 0.174   8.068   12.353  1.00 114.56 ? 6  U A C5    1 
ATOM 172  C C6    . U A 1 8  ? 1.159   7.167   12.365  1.00 115.48 ? 6  U A C6    1 
ATOM 173  P P     . G A 1 9  ? 3.301   2.323   9.872   1.00 134.69 ? 7  G A P     1 
ATOM 174  O OP1   . G A 1 9  ? 4.509   2.315   10.737  1.00 129.77 ? 7  G A OP1   1 
ATOM 175  O OP2   . G A 1 9  ? 3.384   1.797   8.485   1.00 132.91 ? 7  G A OP2   1 
ATOM 176  O "O5'" . G A 1 9  ? 2.137   1.533   10.616  1.00 128.12 ? 7  G A "O5'" 1 
ATOM 177  C "C5'" . G A 1 9  ? 2.457   0.457   11.487  1.00 125.44 ? 7  G A "C5'" 1 
ATOM 178  C "C4'" . G A 1 9  ? 1.225   -0.341  11.808  1.00 123.83 ? 7  G A "C4'" 1 
ATOM 179  O "O4'" . G A 1 9  ? 0.272   0.495   12.517  1.00 129.11 ? 7  G A "O4'" 1 
ATOM 180  C "C3'" . G A 1 9  ? 0.490   -0.915  10.612  1.00 119.82 ? 7  G A "C3'" 1 
ATOM 181  O "O3'" . G A 1 9  ? 0.078   -2.228  10.951  1.00 118.34 ? 7  G A "O3'" 1 
ATOM 182  C "C2'" . G A 1 9  ? -0.675  0.054   10.411  1.00 116.78 ? 7  G A "C2'" 1 
ATOM 183  O "O2'" . G A 1 9  ? -1.813  -0.571  9.860   1.00 120.03 ? 7  G A "O2'" 1 
ATOM 184  C "C1'" . G A 1 9  ? -0.971  0.496   11.841  1.00 118.33 ? 7  G A "C1'" 1 
ATOM 185  N N9    . G A 1 9  ? -1.518  1.846   11.940  1.00 110.75 ? 7  G A N9    1 
ATOM 186  C C8    . G A 1 9  ? -1.092  2.956   11.256  1.00 108.08 ? 7  G A C8    1 
ATOM 187  N N7    . G A 1 9  ? -1.734  4.042   11.589  1.00 109.62 ? 7  G A N7    1 
ATOM 188  C C5    . G A 1 9  ? -2.649  3.625   12.544  1.00 109.34 ? 7  G A C5    1 
ATOM 189  C C6    . G A 1 9  ? -3.625  4.364   13.272  1.00 108.92 ? 7  G A C6    1 
ATOM 190  O O6    . G A 1 9  ? -3.882  5.572   13.213  1.00 115.06 ? 7  G A O6    1 
ATOM 191  N N1    . G A 1 9  ? -4.340  3.551   14.138  1.00 97.45  ? 7  G A N1    1 
ATOM 192  C C2    . G A 1 9  ? -4.148  2.203   14.288  1.00 106.62 ? 7  G A C2    1 
ATOM 193  N N2    . G A 1 9  ? -4.944  1.598   15.175  1.00 118.01 ? 7  G A N2    1 
ATOM 194  N N3    . G A 1 9  ? -3.244  1.501   13.618  1.00 104.00 ? 7  G A N3    1 
ATOM 195  C C4    . G A 1 9  ? -2.536  2.270   12.770  1.00 107.37 ? 7  G A C4    1 
ATOM 196  P P     . A A 1 10 ? 1.005   -3.469  10.526  1.00 125.99 ? 8  A A P     1 
ATOM 197  O OP1   . A A 1 10 ? 0.576   -4.651  11.316  1.00 118.94 ? 8  A A OP1   1 
ATOM 198  O OP2   . A A 1 10 ? 2.425   -3.025  10.567  1.00 107.12 ? 8  A A OP2   1 
ATOM 199  O "O5'" . A A 1 10 ? 0.625   -3.718  9.001   1.00 121.53 ? 8  A A "O5'" 1 
ATOM 200  C "C5'" . A A 1 10 ? 1.372   -4.622  8.198   1.00 114.53 ? 8  A A "C5'" 1 
ATOM 201  C "C4'" . A A 1 10 ? 0.722   -4.756  6.845   1.00 107.30 ? 8  A A "C4'" 1 
ATOM 202  O "O4'" . A A 1 10 ? -0.586  -5.376  7.015   1.00 98.57  ? 8  A A "O4'" 1 
ATOM 203  C "C3'" . A A 1 10 ? 0.472   -3.431  6.141   1.00 101.85 ? 8  A A "C3'" 1 
ATOM 204  O "O3'" . A A 1 10 ? 0.595   -3.593  4.737   1.00 106.47 ? 8  A A "O3'" 1 
ATOM 205  C "C2'" . A A 1 10 ? -0.969  -3.122  6.518   1.00 96.20  ? 8  A A "C2'" 1 
ATOM 206  O "O2'" . A A 1 10 ? -1.604  -2.297  5.565   1.00 109.38 ? 8  A A "O2'" 1 
ATOM 207  C "C1'" . A A 1 10 ? -1.589  -4.517  6.516   1.00 91.35  ? 8  A A "C1'" 1 
ATOM 208  N N9    . A A 1 10 ? -2.750  -4.631  7.392   1.00 83.83  ? 8  A A N9    1 
ATOM 209  C C8    . A A 1 10 ? -2.790  -4.373  8.735   1.00 97.23  ? 8  A A C8    1 
ATOM 210  N N7    . A A 1 10 ? -3.973  -4.552  9.274   1.00 94.58  ? 8  A A N7    1 
ATOM 211  C C5    . A A 1 10 ? -4.761  -4.958  8.212   1.00 79.75  ? 8  A A C5    1 
ATOM 212  C C6    . A A 1 10 ? -6.113  -5.306  8.131   1.00 82.01  ? 8  A A C6    1 
ATOM 213  N N6    . A A 1 10 ? -6.941  -5.301  9.177   1.00 94.63  ? 8  A A N6    1 
ATOM 214  N N1    . A A 1 10 ? -6.598  -5.665  6.925   1.00 77.37  ? 8  A A N1    1 
ATOM 215  C C2    . A A 1 10 ? -5.764  -5.674  5.883   1.00 90.65  ? 8  A A C2    1 
ATOM 216  N N3    . A A 1 10 ? -4.468  -5.366  5.835   1.00 84.52  ? 8  A A N3    1 
ATOM 217  C C4    . A A 1 10 ? -4.023  -5.013  7.048   1.00 80.76  ? 8  A A C4    1 
ATOM 218  P P     . U A 1 11 ? 1.410   -2.505  3.883   1.00 127.17 ? 9  U A P     1 
ATOM 219  O OP1   . U A 1 11 ? 2.823   -2.593  4.337   1.00 129.85 ? 9  U A OP1   1 
ATOM 220  O OP2   . U A 1 11 ? 0.699   -1.200  3.943   1.00 112.53 ? 9  U A OP2   1 
ATOM 221  O "O5'" . U A 1 11 ? 1.330   -3.069  2.394   1.00 119.44 ? 9  U A "O5'" 1 
ATOM 222  C "C5'" . U A 1 11 ? 1.656   -4.427  2.127   1.00 112.68 ? 9  U A "C5'" 1 
ATOM 223  C "C4'" . U A 1 11 ? 1.309   -4.794  0.704   1.00 112.68 ? 9  U A "C4'" 1 
ATOM 224  O "O4'" . U A 1 11 ? -0.128  -4.697  0.514   1.00 115.34 ? 9  U A "O4'" 1 
ATOM 225  C "C3'" . U A 1 11 ? 1.950   -3.973  -0.415  1.00 108.90 ? 9  U A "C3'" 1 
ATOM 226  O "O3'" . U A 1 11 ? 2.366   -4.855  -1.452  1.00 113.15 ? 9  U A "O3'" 1 
ATOM 227  C "C2'" . U A 1 11 ? 0.798   -3.093  -0.902  1.00 104.01 ? 9  U A "C2'" 1 
ATOM 228  O "O2'" . U A 1 11 ? 0.880   -2.810  -2.279  1.00 106.09 ? 9  U A "O2'" 1 
ATOM 229  C "C1'" . U A 1 11 ? -0.390  -4.016  -0.690  1.00 112.53 ? 9  U A "C1'" 1 
ATOM 230  N N1    . U A 1 11 ? -1.678  -3.324  -0.570  1.00 121.27 ? 9  U A N1    1 
ATOM 231  C C2    . U A 1 11 ? -2.467  -3.261  -1.695  1.00 126.98 ? 9  U A C2    1 
ATOM 232  O O2    . U A 1 11 ? -2.127  -3.738  -2.761  1.00 133.49 ? 9  U A O2    1 
ATOM 233  N N3    . U A 1 11 ? -3.671  -2.624  -1.529  1.00 130.64 ? 9  U A N3    1 
ATOM 234  C C4    . U A 1 11 ? -4.149  -2.050  -0.372  1.00 133.05 ? 9  U A C4    1 
ATOM 235  O O4    . U A 1 11 ? -5.257  -1.511  -0.377  1.00 131.02 ? 9  U A O4    1 
ATOM 236  C C5    . U A 1 11 ? -3.266  -2.148  0.751   1.00 135.50 ? 9  U A C5    1 
ATOM 237  C C6    . U A 1 11 ? -2.092  -2.778  0.617   1.00 131.77 ? 9  U A C6    1 
ATOM 238  P P     . C A 1 12 ? 3.742   -4.579  -2.245  1.00 119.52 ? 10 C A P     1 
ATOM 239  O OP1   . C A 1 12 ? 3.717   -3.184  -2.753  1.00 114.34 ? 10 C A OP1   1 
ATOM 240  O OP2   . C A 1 12 ? 3.935   -5.704  -3.195  1.00 116.62 ? 10 C A OP2   1 
ATOM 241  O "O5'" . C A 1 12 ? 4.891   -4.661  -1.143  1.00 105.32 ? 10 C A "O5'" 1 
ATOM 242  C "C5'" . C A 1 12 ? 5.181   -5.880  -0.462  1.00 111.89 ? 10 C A "C5'" 1 
ATOM 243  C "C4'" . C A 1 12 ? 6.655   -5.959  -0.157  1.00 112.21 ? 10 C A "C4'" 1 
ATOM 244  O "O4'" . C A 1 12 ? 7.385   -6.429  -1.319  1.00 117.33 ? 10 C A "O4'" 1 
ATOM 245  C "C3'" . C A 1 12 ? 7.280   -4.620  0.192   1.00 116.20 ? 10 C A "C3'" 1 
ATOM 246  O "O3'" . C A 1 12 ? 7.139   -4.348  1.579   1.00 114.79 ? 10 C A "O3'" 1 
ATOM 247  C "C2'" . C A 1 12 ? 8.738   -4.817  -0.203  1.00 123.83 ? 10 C A "C2'" 1 
ATOM 248  O "O2'" . C A 1 12 ? 9.484   -5.477  0.796   1.00 135.82 ? 10 C A "O2'" 1 
ATOM 249  C "C1'" . C A 1 12 ? 8.609   -5.720  -1.435  1.00 123.07 ? 10 C A "C1'" 1 
ATOM 250  N N1    . C A 1 12 ? 8.591   -4.999  -2.719  1.00 125.65 ? 10 C A N1    1 
ATOM 251  C C2    . C A 1 12 ? 9.672   -4.179  -3.065  1.00 124.75 ? 10 C A C2    1 
ATOM 252  O O2    . C A 1 12 ? 10.629  -4.071  -2.283  1.00 127.05 ? 10 C A O2    1 
ATOM 253  N N3    . C A 1 12 ? 9.646   -3.521  -4.247  1.00 126.03 ? 10 C A N3    1 
ATOM 254  C C4    . C A 1 12 ? 8.600   -3.658  -5.064  1.00 128.22 ? 10 C A C4    1 
ATOM 255  N N4    . C A 1 12 ? 8.615   -2.994  -6.218  1.00 132.74 ? 10 C A N4    1 
ATOM 256  C C5    . C A 1 12 ? 7.492   -4.485  -4.735  1.00 129.54 ? 10 C A C5    1 
ATOM 257  C C6    . C A 1 12 ? 7.527   -5.129  -3.564  1.00 130.21 ? 10 C A C6    1 
ATOM 258  P P     . C A 1 13 ? 7.044   -2.827  2.083   1.00 125.94 ? 11 C A P     1 
ATOM 259  O OP1   . C A 1 13 ? 6.831   -2.848  3.551   1.00 124.98 ? 11 C A OP1   1 
ATOM 260  O OP2   . C A 1 13 ? 6.070   -2.118  1.213   1.00 122.76 ? 11 C A OP2   1 
ATOM 261  O "O5'" . C A 1 13 ? 8.491   -2.229  1.789   1.00 118.16 ? 11 C A "O5'" 1 
ATOM 262  C "C5'" . C A 1 13 ? 9.607   -2.568  2.604   1.00 115.23 ? 11 C A "C5'" 1 
ATOM 263  C "C4'" . C A 1 13 ? 10.811  -1.749  2.202   1.00 119.81 ? 11 C A "C4'" 1 
ATOM 264  O "O4'" . C A 1 13 ? 11.183  -2.078  0.839   1.00 126.24 ? 11 C A "O4'" 1 
ATOM 265  C "C3'" . C A 1 13 ? 10.597  -0.245  2.177   1.00 119.31 ? 11 C A "C3'" 1 
ATOM 266  O "O3'" . C A 1 13 ? 10.822  0.314   3.462   1.00 122.75 ? 11 C A "O3'" 1 
ATOM 267  C "C2'" . C A 1 13 ? 11.669  0.226   1.205   1.00 119.90 ? 11 C A "C2'" 1 
ATOM 268  O "O2'" . C A 1 13 ? 12.919  0.359   1.839   1.00 124.54 ? 11 C A "O2'" 1 
ATOM 269  C "C1'" . C A 1 13 ? 11.712  -0.928  0.199   1.00 127.47 ? 11 C A "C1'" 1 
ATOM 270  N N1    . C A 1 13 ? 10.940  -0.673  -1.030  1.00 131.23 ? 11 C A N1    1 
ATOM 271  C C2    . C A 1 13 ? 11.468  0.196   -1.987  1.00 132.03 ? 11 C A C2    1 
ATOM 272  O O2    . C A 1 13 ? 12.566  0.724   -1.773  1.00 137.48 ? 11 C A O2    1 
ATOM 273  N N3    . C A 1 13 ? 10.770  0.437   -3.118  1.00 130.68 ? 11 C A N3    1 
ATOM 274  C C4    . C A 1 13 ? 9.590   -0.152  -3.311  1.00 130.21 ? 11 C A C4    1 
ATOM 275  N N4    . C A 1 13 ? 8.934   0.117   -4.443  1.00 129.16 ? 11 C A N4    1 
ATOM 276  C C5    . C A 1 13 ? 9.027   -1.041  -2.352  1.00 128.53 ? 11 C A C5    1 
ATOM 277  C C6    . C A 1 13 ? 9.728   -1.270  -1.236  1.00 129.48 ? 11 C A C6    1 
ATOM 278  P P     . U A 1 14 ? 10.277  1.788   3.790   1.00 136.24 ? 12 U A P     1 
ATOM 279  O OP1   . U A 1 14 ? 10.889  2.229   5.069   1.00 130.99 ? 12 U A OP1   1 
ATOM 280  O OP2   . U A 1 14 ? 8.797   1.779   3.648   1.00 133.09 ? 12 U A OP2   1 
ATOM 281  O "O5'" . U A 1 14 ? 10.895  2.687   2.633   1.00 131.80 ? 12 U A "O5'" 1 
ATOM 282  C "C5'" . U A 1 14 ? 12.262  3.072   2.673   1.00 138.78 ? 12 U A "C5'" 1 
ATOM 283  C "C4'" . U A 1 14 ? 12.579  3.972   1.508   1.00 144.00 ? 12 U A "C4'" 1 
ATOM 284  O "O4'" . U A 1 14 ? 12.423  3.237   0.269   1.00 143.83 ? 12 U A "O4'" 1 
ATOM 285  C "C3'" . U A 1 14 ? 11.657  5.166   1.340   1.00 145.56 ? 12 U A "C3'" 1 
ATOM 286  O "O3'" . U A 1 14 ? 12.069  6.232   2.186   1.00 152.43 ? 12 U A "O3'" 1 
ATOM 287  C "C2'" . U A 1 14 ? 11.859  5.515   -0.128  1.00 142.55 ? 12 U A "C2'" 1 
ATOM 288  O "O2'" . U A 1 14 ? 13.025  6.283   -0.337  1.00 146.07 ? 12 U A "O2'" 1 
ATOM 289  C "C1'" . U A 1 14 ? 12.021  4.128   -0.758  1.00 143.32 ? 12 U A "C1'" 1 
ATOM 290  N N1    . U A 1 14 ? 10.775  3.625   -1.350  1.00 137.81 ? 12 U A N1    1 
ATOM 291  C C2    . U A 1 14 ? 10.469  4.031   -2.635  1.00 135.63 ? 12 U A C2    1 
ATOM 292  O O2    . U A 1 14 ? 11.193  4.759   -3.289  1.00 137.97 ? 12 U A O2    1 
ATOM 293  N N3    . U A 1 14 ? 9.281   3.559   -3.125  1.00 135.90 ? 12 U A N3    1 
ATOM 294  C C4    . U A 1 14 ? 8.391   2.734   -2.475  1.00 137.79 ? 12 U A C4    1 
ATOM 295  O O4    . U A 1 14 ? 7.358   2.390   -3.050  1.00 145.26 ? 12 U A O4    1 
ATOM 296  C C5    . U A 1 14 ? 8.784   2.351   -1.153  1.00 133.79 ? 12 U A C5    1 
ATOM 297  C C6    . U A 1 14 ? 9.936   2.797   -0.651  1.00 131.97 ? 12 U A C6    1 
ATOM 298  P P     . C A 1 15 ? 10.979  7.259   2.766   1.00 157.90 ? 13 C A P     1 
ATOM 299  O OP1   . C A 1 15 ? 11.602  7.940   3.931   1.00 152.19 ? 13 C A OP1   1 
ATOM 300  O OP2   . C A 1 15 ? 9.691   6.540   2.936   1.00 154.32 ? 13 C A OP2   1 
ATOM 301  O "O5'" . C A 1 15 ? 10.806  8.332   1.604   1.00 155.89 ? 13 C A "O5'" 1 
ATOM 302  C "C5'" . C A 1 15 ? 11.809  9.310   1.374   1.00 157.59 ? 13 C A "C5'" 1 
ATOM 303  C "C4'" . C A 1 15 ? 11.582  9.996   0.050   1.00 160.94 ? 13 C A "C4'" 1 
ATOM 304  O "O4'" . C A 1 15 ? 11.639  9.012   -1.015  1.00 161.81 ? 13 C A "O4'" 1 
ATOM 305  C "C3'" . C A 1 15 ? 10.228  10.658  -0.143  1.00 160.04 ? 13 C A "C3'" 1 
ATOM 306  O "O3'" . C A 1 15 ? 10.202  11.950  0.463   1.00 158.72 ? 13 C A "O3'" 1 
ATOM 307  C "C2'" . C A 1 15 ? 10.136  10.735  -1.663  1.00 158.37 ? 13 C A "C2'" 1 
ATOM 308  O "O2'" . C A 1 15 ? 10.886  11.803  -2.203  1.00 157.34 ? 13 C A "O2'" 1 
ATOM 309  C "C1'" . C A 1 15 ? 10.790  9.414   -2.076  1.00 160.53 ? 13 C A "C1'" 1 
ATOM 310  N N1    . C A 1 15 ? 9.817   8.341   -2.336  1.00 162.76 ? 13 C A N1    1 
ATOM 311  C C2    . C A 1 15 ? 9.163   8.313   -3.572  1.00 165.27 ? 13 C A C2    1 
ATOM 312  O O2    . C A 1 15 ? 9.429   9.187   -4.411  1.00 169.31 ? 13 C A O2    1 
ATOM 313  N N3    . C A 1 15 ? 8.259   7.340   -3.822  1.00 161.60 ? 13 C A N3    1 
ATOM 314  C C4    . C A 1 15 ? 8.000   6.418   -2.894  1.00 158.18 ? 13 C A C4    1 
ATOM 315  N N4    . C A 1 15 ? 7.101   5.477   -3.188  1.00 155.22 ? 13 C A N4    1 
ATOM 316  C C5    . C A 1 15 ? 8.652   6.421   -1.626  1.00 158.82 ? 13 C A C5    1 
ATOM 317  C C6    . C A 1 15 ? 9.546   7.392   -1.391  1.00 159.09 ? 13 C A C6    1 
ATOM 318  P P     . A A 1 16 ? 8.792   12.655  0.789   1.00 155.76 ? 14 A A P     1 
ATOM 319  O OP1   . A A 1 16 ? 9.086   13.949  1.451   1.00 154.60 ? 14 A A OP1   1 
ATOM 320  O OP2   . A A 1 16 ? 7.906   11.675  1.463   1.00 156.41 ? 14 A A OP2   1 
ATOM 321  O "O5'" . A A 1 16 ? 8.192   12.977  -0.649  1.00 153.86 ? 14 A A "O5'" 1 
ATOM 322  C "C5'" . A A 1 16 ? 8.924   13.781  -1.561  1.00 152.78 ? 14 A A "C5'" 1 
ATOM 323  C "C4'" . A A 1 16 ? 8.353   13.655  -2.949  1.00 150.95 ? 14 A A "C4'" 1 
ATOM 324  O "O4'" . A A 1 16 ? 8.482   12.291  -3.431  1.00 149.09 ? 14 A A "O4'" 1 
ATOM 325  C "C3'" . A A 1 16 ? 6.865   13.907  -3.062  1.00 151.82 ? 14 A A "C3'" 1 
ATOM 326  O "O3'" . A A 1 16 ? 6.581   15.293  -3.065  1.00 156.82 ? 14 A A "O3'" 1 
ATOM 327  C "C2'" . A A 1 16 ? 6.550   13.268  -4.404  1.00 155.96 ? 14 A A "C2'" 1 
ATOM 328  O "O2'" . A A 1 16 ? 6.915   14.097  -5.490  1.00 163.04 ? 14 A A "O2'" 1 
ATOM 329  C "C1'" . A A 1 16 ? 7.444   12.026  -4.362  1.00 154.71 ? 14 A A "C1'" 1 
ATOM 330  N N9    . A A 1 16 ? 6.706   10.836  -3.935  1.00 154.60 ? 14 A A N9    1 
ATOM 331  C C8    . A A 1 16 ? 6.780   10.146  -2.749  1.00 151.10 ? 14 A A C8    1 
ATOM 332  N N7    . A A 1 16 ? 5.957   9.125   -2.678  1.00 147.66 ? 14 A A N7    1 
ATOM 333  C C5    . A A 1 16 ? 5.299   9.141   -3.901  1.00 152.85 ? 14 A A C5    1 
ATOM 334  C C6    . A A 1 16 ? 4.296   8.318   -4.456  1.00 152.72 ? 14 A A C6    1 
ATOM 335  N N6    . A A 1 16 ? 3.758   7.273   -3.825  1.00 148.64 ? 14 A A N6    1 
ATOM 336  N N1    . A A 1 16 ? 3.859   8.611   -5.701  1.00 154.85 ? 14 A A N1    1 
ATOM 337  C C2    . A A 1 16 ? 4.396   9.660   -6.339  1.00 157.43 ? 14 A A C2    1 
ATOM 338  N N3    . A A 1 16 ? 5.339   10.506  -5.926  1.00 156.24 ? 14 A A N3    1 
ATOM 339  C C4    . A A 1 16 ? 5.753   10.188  -4.686  1.00 155.90 ? 14 A A C4    1 
ATOM 340  P P     . G A 1 17 ? 5.098   15.788  -2.706  1.00 168.55 ? 15 G A P     1 
ATOM 341  O OP1   . G A 1 17 ? 5.112   17.274  -2.704  1.00 170.12 ? 15 G A OP1   1 
ATOM 342  O OP2   . G A 1 17 ? 4.639   15.056  -1.497  1.00 167.37 ? 15 G A OP2   1 
ATOM 343  O "O5'" . G A 1 17 ? 4.234   15.294  -3.947  1.00 154.19 ? 15 G A "O5'" 1 
ATOM 344  C "C5'" . G A 1 17 ? 4.496   15.794  -5.250  1.00 142.57 ? 15 G A "C5'" 1 
ATOM 345  C "C4'" . G A 1 17 ? 3.501   15.231  -6.226  1.00 139.73 ? 15 G A "C4'" 1 
ATOM 346  O "O4'" . G A 1 17 ? 3.734   13.808  -6.398  1.00 140.56 ? 15 G A "O4'" 1 
ATOM 347  C "C3'" . G A 1 17 ? 2.054   15.303  -5.778  1.00 135.25 ? 15 G A "C3'" 1 
ATOM 348  O "O3'" . G A 1 17 ? 1.495   16.580  -6.037  1.00 126.27 ? 15 G A "O3'" 1 
ATOM 349  C "C2'" . G A 1 17 ? 1.404   14.231  -6.639  1.00 137.87 ? 15 G A "C2'" 1 
ATOM 350  O "O2'" . G A 1 17 ? 1.122   14.700  -7.942  1.00 135.26 ? 15 G A "O2'" 1 
ATOM 351  C "C1'" . G A 1 17 ? 2.502   13.164  -6.684  1.00 140.61 ? 15 G A "C1'" 1 
ATOM 352  N N9    . G A 1 17 ? 2.299   12.094  -5.712  1.00 141.40 ? 15 G A N9    1 
ATOM 353  C C8    . G A 1 17 ? 2.932   11.937  -4.504  1.00 140.81 ? 15 G A C8    1 
ATOM 354  N N7    . G A 1 17 ? 2.526   10.883  -3.847  1.00 140.05 ? 15 G A N7    1 
ATOM 355  C C5    . G A 1 17 ? 1.571   10.310  -4.674  1.00 141.86 ? 15 G A C5    1 
ATOM 356  C C6    . G A 1 17 ? 0.780   9.148   -4.494  1.00 145.86 ? 15 G A C6    1 
ATOM 357  O O6    . G A 1 17 ? 0.764   8.364   -3.540  1.00 149.80 ? 15 G A O6    1 
ATOM 358  N N1    . G A 1 17 ? -0.063  8.935   -5.578  1.00 146.94 ? 15 G A N1    1 
ATOM 359  C C2    . G A 1 17 ? -0.137  9.734   -6.688  1.00 143.75 ? 15 G A C2    1 
ATOM 360  N N2    . G A 1 17 ? -1.013  9.359   -7.627  1.00 148.52 ? 15 G A N2    1 
ATOM 361  N N3    . G A 1 17 ? 0.594   10.821  -6.867  1.00 141.88 ? 15 G A N3    1 
ATOM 362  C C4    . G A 1 17 ? 1.420   11.046  -5.828  1.00 140.18 ? 15 G A C4    1 
ATOM 363  P P     . U A 1 18 ? 0.245   17.085  -5.166  1.00 129.80 ? 16 U A P     1 
ATOM 364  O OP1   . U A 1 18 ? -0.121  18.464  -5.584  1.00 127.15 ? 16 U A OP1   1 
ATOM 365  O OP2   . U A 1 18 ? 0.568   16.812  -3.739  1.00 128.69 ? 16 U A OP2   1 
ATOM 366  O "O5'" . U A 1 18 ? -0.934  16.113  -5.609  1.00 113.39 ? 16 U A "O5'" 1 
ATOM 367  C "C5'" . U A 1 18 ? -1.375  16.083  -6.956  1.00 101.12 ? 16 U A "C5'" 1 
ATOM 368  C "C4'" . U A 1 18 ? -2.411  15.010  -7.131  1.00 98.45  ? 16 U A "C4'" 1 
ATOM 369  O "O4'" . U A 1 18 ? -1.800  13.700  -7.032  1.00 108.95 ? 16 U A "O4'" 1 
ATOM 370  C "C3'" . U A 1 18 ? -3.470  15.016  -6.056  1.00 96.05  ? 16 U A "C3'" 1 
ATOM 371  O "O3'" . U A 1 18 ? -4.461  15.953  -6.410  1.00 107.63 ? 16 U A "O3'" 1 
ATOM 372  C "C2'" . U A 1 18 ? -3.979  13.579  -6.076  1.00 99.93  ? 16 U A "C2'" 1 
ATOM 373  O "O2'" . U A 1 18 ? -4.965  13.329  -7.061  1.00 76.74  ? 16 U A "O2'" 1 
ATOM 374  C "C1'" . U A 1 18 ? -2.692  12.805  -6.387  1.00 104.93 ? 16 U A "C1'" 1 
ATOM 375  N N1    . U A 1 18 ? -2.019  12.294  -5.187  1.00 104.07 ? 16 U A N1    1 
ATOM 376  C C2    . U A 1 18 ? -2.539  11.174  -4.590  1.00 102.98 ? 16 U A C2    1 
ATOM 377  O O2    . U A 1 18 ? -3.525  10.600  -5.015  1.00 100.69 ? 16 U A O2    1 
ATOM 378  N N3    . U A 1 18 ? -1.861  10.748  -3.476  1.00 111.68 ? 16 U A N3    1 
ATOM 379  C C4    . U A 1 18 ? -0.739  11.327  -2.916  1.00 113.81 ? 16 U A C4    1 
ATOM 380  O O4    . U A 1 18 ? -0.226  10.824  -1.916  1.00 116.45 ? 16 U A O4    1 
ATOM 381  C C5    . U A 1 18 ? -0.271  12.489  -3.596  1.00 110.29 ? 16 U A C5    1 
ATOM 382  C C6    . U A 1 18 ? -0.914  12.921  -4.680  1.00 106.21 ? 16 U A C6    1 
ATOM 383  P P     . G A 1 19 ? -5.584  16.358  -5.343  1.00 126.86 ? 18 G A P     1 
ATOM 384  O OP1   . G A 1 19 ? -5.581  17.839  -5.202  1.00 129.10 ? 18 G A OP1   1 
ATOM 385  O OP2   . G A 1 19 ? -5.427  15.503  -4.141  1.00 123.07 ? 18 G A OP2   1 
ATOM 386  O "O5'" . G A 1 19 ? -6.938  15.941  -6.058  1.00 116.81 ? 18 G A "O5'" 1 
ATOM 387  C "C5'" . G A 1 19 ? -8.091  15.689  -5.290  1.00 93.84  ? 18 G A "C5'" 1 
ATOM 388  C "C4'" . G A 1 19 ? -8.219  14.215  -5.065  1.00 76.01  ? 18 G A "C4'" 1 
ATOM 389  O "O4'" . G A 1 19 ? -9.204  14.006  -4.026  1.00 67.50  ? 18 G A "O4'" 1 
ATOM 390  C "C3'" . G A 1 19 ? -8.647  13.388  -6.270  1.00 68.89  ? 18 G A "C3'" 1 
ATOM 391  O "O3'" . G A 1 19 ? -7.860  12.206  -6.334  1.00 79.06  ? 18 G A "O3'" 1 
ATOM 392  C "C2'" . G A 1 19 ? -10.121 13.078  -5.981  1.00 62.66  ? 18 G A "C2'" 1 
ATOM 393  O "O2'" . G A 1 19 ? -10.474 11.799  -6.474  1.00 60.36  ? 18 G A "O2'" 1 
ATOM 394  C "C1'" . G A 1 19 ? -10.159 13.065  -4.451  1.00 48.83  ? 18 G A "C1'" 1 
ATOM 395  N N9    . G A 1 19 ? -11.426 13.482  -3.869  1.00 38.57  ? 18 G A N9    1 
ATOM 396  C C8    . G A 1 19 ? -11.846 14.777  -3.701  1.00 58.89  ? 18 G A C8    1 
ATOM 397  N N7    . G A 1 19 ? -13.036 14.866  -3.161  1.00 56.83  ? 18 G A N7    1 
ATOM 398  C C5    . G A 1 19 ? -13.419 13.550  -2.953  1.00 32.86  ? 18 G A C5    1 
ATOM 399  C C6    . G A 1 19 ? -14.607 13.031  -2.415  1.00 47.09  ? 18 G A C6    1 
ATOM 400  O O6    . G A 1 19 ? -15.587 13.645  -1.988  1.00 79.53  ? 18 G A O6    1 
ATOM 401  N N1    . G A 1 19 ? -14.600 11.649  -2.395  1.00 22.07  ? 18 G A N1    1 
ATOM 402  C C2    . G A 1 19 ? -13.572 10.868  -2.838  1.00 41.58  ? 18 G A C2    1 
ATOM 403  N N2    . G A 1 19 ? -13.768 9.541   -2.735  1.00 58.14  ? 18 G A N2    1 
ATOM 404  N N3    . G A 1 19 ? -12.444 11.341  -3.344  1.00 23.46  ? 18 G A N3    1 
ATOM 405  C C4    . G A 1 19 ? -12.438 12.680  -3.378  1.00 33.61  ? 18 G A C4    1 
ATOM 406  P P     . G A 1 20 ? -7.403  11.628  -7.762  1.00 96.90  ? 19 G A P     1 
ATOM 407  O OP1   . G A 1 20 ? -6.036  11.045  -7.615  1.00 81.67  ? 19 G A OP1   1 
ATOM 408  O OP2   . G A 1 20 ? -7.631  12.701  -8.761  1.00 99.57  ? 19 G A OP2   1 
ATOM 409  O "O5'" . G A 1 20 ? -8.453  10.463  -8.062  1.00 75.09  ? 19 G A "O5'" 1 
ATOM 410  C "C5'" . G A 1 20 ? -8.325  9.188   -7.444  1.00 94.86  ? 19 G A "C5'" 1 
ATOM 411  C "C4'" . G A 1 20 ? -8.507  8.077   -8.467  1.00 104.99 ? 19 G A "C4'" 1 
ATOM 412  O "O4'" . G A 1 20 ? -9.883  8.048   -8.929  1.00 102.22 ? 19 G A "O4'" 1 
ATOM 413  C "C3'" . G A 1 20 ? -7.662  8.176   -9.720  1.00 104.51 ? 19 G A "C3'" 1 
ATOM 414  O "O3'" . G A 1 20 ? -7.173  6.887   -10.115 1.00 116.62 ? 19 G A "O3'" 1 
ATOM 415  C "C2'" . G A 1 20 ? -8.555  8.946   -10.688 1.00 98.11  ? 19 G A "C2'" 1 
ATOM 416  O "O2'" . G A 1 20 ? -8.279  8.640   -12.040 1.00 103.33 ? 19 G A "O2'" 1 
ATOM 417  C "C1'" . G A 1 20 ? -9.967  8.528   -10.258 1.00 92.62  ? 19 G A "C1'" 1 
ATOM 418  N N9    . G A 1 20 ? -10.879 9.665   -10.203 1.00 86.85  ? 19 G A N9    1 
ATOM 419  C C8    . G A 1 20 ? -10.547 10.991  -10.358 1.00 85.40  ? 19 G A C8    1 
ATOM 420  N N7    . G A 1 20 ? -11.546 11.799  -10.142 1.00 66.57  ? 19 G A N7    1 
ATOM 421  C C5    . G A 1 20 ? -12.607 10.957  -9.845  1.00 63.89  ? 19 G A C5    1 
ATOM 422  C C6    . G A 1 20 ? -13.942 11.272  -9.519  1.00 65.71  ? 19 G A C6    1 
ATOM 423  O O6    . G A 1 20 ? -14.453 12.390  -9.427  1.00 51.64  ? 19 G A O6    1 
ATOM 424  N N1    . G A 1 20 ? -14.702 10.126  -9.289  1.00 62.18  ? 19 G A N1    1 
ATOM 425  C C2    . G A 1 20 ? -14.223 8.837   -9.366  1.00 88.01  ? 19 G A C2    1 
ATOM 426  N N2    . G A 1 20 ? -15.112 7.855   -9.108  1.00 79.39  ? 19 G A N2    1 
ATOM 427  N N3    . G A 1 20 ? -12.963 8.531   -9.673  1.00 83.69  ? 19 G A N3    1 
ATOM 428  C C4    . G A 1 20 ? -12.219 9.637   -9.897  1.00 73.70  ? 19 G A C4    1 
ATOM 429  P P     . U A 1 21 ? -8.126  5.829   -10.873 1.00 126.37 ? 20 U A P     1 
ATOM 430  O OP1   . U A 1 21 ? -7.208  4.879   -11.552 1.00 126.85 ? 20 U A OP1   1 
ATOM 431  O OP2   . U A 1 21 ? -9.191  6.494   -11.660 1.00 129.23 ? 20 U A OP2   1 
ATOM 432  O "O5'" . U A 1 21 ? -8.818  5.025   -9.687  1.00 117.33 ? 20 U A "O5'" 1 
ATOM 433  C "C5'" . U A 1 21 ? -8.043  4.556   -8.592  1.00 120.66 ? 20 U A "C5'" 1 
ATOM 434  C "C4'" . U A 1 21 ? -8.653  3.304   -8.006  1.00 124.08 ? 20 U A "C4'" 1 
ATOM 435  O "O4'" . U A 1 21 ? -9.993  3.598   -7.526  1.00 118.96 ? 20 U A "O4'" 1 
ATOM 436  C "C3'" . U A 1 21 ? -8.789  2.114   -8.948  1.00 123.08 ? 20 U A "C3'" 1 
ATOM 437  O "O3'" . U A 1 21 ? -8.543  0.914   -8.233  1.00 132.16 ? 20 U A "O3'" 1 
ATOM 438  C "C2'" . U A 1 21 ? -10.250 2.174   -9.374  1.00 117.49 ? 20 U A "C2'" 1 
ATOM 439  O "O2'" . U A 1 21 ? -10.767 0.892   -9.657  1.00 128.83 ? 20 U A "O2'" 1 
ATOM 440  C "C1'" . U A 1 21 ? -10.918 2.714   -8.115  1.00 103.46 ? 20 U A "C1'" 1 
ATOM 441  N N1    . U A 1 21 ? -12.140 3.472   -8.404  1.00 94.39  ? 20 U A N1    1 
ATOM 442  C C2    . U A 1 21 ? -13.343 2.868   -8.119  1.00 93.93  ? 20 U A C2    1 
ATOM 443  O O2    . U A 1 21 ? -13.422 1.749   -7.659  1.00 103.67 ? 20 U A O2    1 
ATOM 444  N N3    . U A 1 21 ? -14.453 3.626   -8.395  1.00 90.26  ? 20 U A N3    1 
ATOM 445  C C4    . U A 1 21 ? -14.477 4.907   -8.920  1.00 92.03  ? 20 U A C4    1 
ATOM 446  O O4    . U A 1 21 ? -15.562 5.462   -9.105  1.00 88.81  ? 20 U A O4    1 
ATOM 447  C C5    . U A 1 21 ? -13.185 5.468   -9.194  1.00 77.58  ? 20 U A C5    1 
ATOM 448  C C6    . U A 1 21 ? -12.088 4.746   -8.934  1.00 94.24  ? 20 U A C6    1 
ATOM 449  P P     . C A 1 22 A -7.128  0.178   -8.389  1.00 144.28 ? 20 C A P     1 
ATOM 450  O OP1   . C A 1 22 A -6.697  0.322   -9.804  1.00 137.14 ? 20 C A OP1   1 
ATOM 451  O OP2   . C A 1 22 A -7.242  -1.177  -7.791  1.00 145.13 ? 20 C A OP2   1 
ATOM 452  O "O5'" . C A 1 22 A -6.150  1.062   -7.492  1.00 148.45 ? 20 C A "O5'" 1 
ATOM 453  C "C5'" . C A 1 22 A -4.822  1.348   -7.924  1.00 148.09 ? 20 C A "C5'" 1 
ATOM 454  C "C4'" . C A 1 22 A -4.756  2.741   -8.503  1.00 143.65 ? 20 C A "C4'" 1 
ATOM 455  O "O4'" . C A 1 22 A -5.076  3.716   -7.473  1.00 136.45 ? 20 C A "O4'" 1 
ATOM 456  C "C3'" . C A 1 22 A -3.391  3.182   -9.000  1.00 145.26 ? 20 C A "C3'" 1 
ATOM 457  O "O3'" . C A 1 22 A -3.126  2.682   -10.306 1.00 150.06 ? 20 C A "O3'" 1 
ATOM 458  C "C2'" . C A 1 22 A -3.540  4.697   -8.991  1.00 141.50 ? 20 C A "C2'" 1 
ATOM 459  O "O2'" . C A 1 22 A -4.287  5.157   -10.101 1.00 142.89 ? 20 C A "O2'" 1 
ATOM 460  C "C1'" . C A 1 22 A -4.345  4.912   -7.706  1.00 133.16 ? 20 C A "C1'" 1 
ATOM 461  N N1    . C A 1 22 A -3.510  5.196   -6.523  1.00 121.74 ? 20 C A N1    1 
ATOM 462  C C2    . C A 1 22 A -2.687  6.323   -6.536  1.00 119.15 ? 20 C A C2    1 
ATOM 463  O O2    . C A 1 22 A -2.680  7.046   -7.536  1.00 125.39 ? 20 C A O2    1 
ATOM 464  N N3    . C A 1 22 A -1.918  6.596   -5.460  1.00 117.22 ? 20 C A N3    1 
ATOM 465  C C4    . C A 1 22 A -1.951  5.795   -4.398  1.00 118.84 ? 20 C A C4    1 
ATOM 466  N N4    . C A 1 22 A -1.178  6.107   -3.357  1.00 123.58 ? 20 C A N4    1 
ATOM 467  C C5    . C A 1 22 A -2.780  4.638   -4.355  1.00 121.51 ? 20 C A C5    1 
ATOM 468  C C6    . C A 1 22 A -3.535  4.377   -5.431  1.00 121.82 ? 20 C A C6    1 
ATOM 469  P P     . U A 1 23 ? -1.606  2.567   -10.819 1.00 158.41 ? 21 U A P     1 
ATOM 470  O OP1   . U A 1 23 ? -1.629  2.015   -12.198 1.00 153.71 ? 21 U A OP1   1 
ATOM 471  O OP2   . U A 1 23 ? -0.792  1.894   -9.770  1.00 149.59 ? 21 U A OP2   1 
ATOM 472  O "O5'" . U A 1 23 ? -1.129  4.082   -10.903 1.00 156.19 ? 21 U A "O5'" 1 
ATOM 473  C "C5'" . U A 1 23 ? -1.689  4.971   -11.862 1.00 154.34 ? 21 U A "C5'" 1 
ATOM 474  C "C4'" . U A 1 23 ? -0.838  6.206   -11.963 1.00 153.89 ? 21 U A "C4'" 1 
ATOM 475  O "O4'" . U A 1 23 ? -1.015  7.034   -10.778 1.00 155.98 ? 21 U A "O4'" 1 
ATOM 476  C "C3'" . U A 1 23 ? 0.646   5.906   -11.974 1.00 156.32 ? 21 U A "C3'" 1 
ATOM 477  O "O3'" . U A 1 23 ? 1.095   5.500   -13.257 1.00 152.49 ? 21 U A "O3'" 1 
ATOM 478  C "C2'" . U A 1 23 ? 1.230   7.229   -11.501 1.00 160.42 ? 21 U A "C2'" 1 
ATOM 479  O "O2'" . U A 1 23 ? 1.213   8.216   -12.514 1.00 164.03 ? 21 U A "O2'" 1 
ATOM 480  C "C1'" . U A 1 23 ? 0.232   7.606   -10.402 1.00 157.97 ? 21 U A "C1'" 1 
ATOM 481  N N1    . U A 1 23 ? 0.600   7.093   -9.070  1.00 153.42 ? 21 U A N1    1 
ATOM 482  C C2    . U A 1 23 ? 1.580   7.769   -8.354  1.00 145.99 ? 21 U A C2    1 
ATOM 483  O O2    . U A 1 23 ? 2.149   8.753   -8.777  1.00 144.93 ? 21 U A O2    1 
ATOM 484  N N3    . U A 1 23 ? 1.864   7.245   -7.120  1.00 141.28 ? 21 U A N3    1 
ATOM 485  C C4    . U A 1 23 ? 1.290   6.140   -6.535  1.00 144.52 ? 21 U A C4    1 
ATOM 486  O O4    . U A 1 23 ? 1.656   5.794   -5.411  1.00 144.65 ? 21 U A O4    1 
ATOM 487  C C5    . U A 1 23 ? 0.293   5.492   -7.331  1.00 144.35 ? 21 U A C5    1 
ATOM 488  C C6    . U A 1 23 ? -0.010  5.977   -8.540  1.00 149.32 ? 21 U A C6    1 
ATOM 489  P P     . G A 1 24 ? 2.330   4.477   -13.369 1.00 154.49 ? 22 G A P     1 
ATOM 490  O OP1   . G A 1 24 ? 2.325   3.888   -14.734 1.00 153.24 ? 22 G A OP1   1 
ATOM 491  O OP2   . G A 1 24 ? 2.294   3.582   -12.184 1.00 154.54 ? 22 G A OP2   1 
ATOM 492  O "O5'" . G A 1 24 ? 3.597   5.427   -13.244 1.00 141.56 ? 22 G A "O5'" 1 
ATOM 493  C "C5'" . G A 1 24 ? 3.635   6.656   -13.952 1.00 137.40 ? 22 G A "C5'" 1 
ATOM 494  C "C4'" . G A 1 24 ? 4.537   7.629   -13.249 1.00 138.32 ? 22 G A "C4'" 1 
ATOM 495  O "O4'" . G A 1 24 ? 3.994   7.957   -11.945 1.00 142.17 ? 22 G A "O4'" 1 
ATOM 496  C "C3'" . G A 1 24 ? 5.907   7.080   -12.923 1.00 142.40 ? 22 G A "C3'" 1 
ATOM 497  O "O3'" . G A 1 24 ? 6.743   7.128   -14.064 1.00 142.06 ? 22 G A "O3'" 1 
ATOM 498  C "C2'" . G A 1 24 ? 6.368   8.015   -11.814 1.00 145.72 ? 22 G A "C2'" 1 
ATOM 499  O "O2'" . G A 1 24 ? 6.879   9.236   -12.305 1.00 144.05 ? 22 G A "O2'" 1 
ATOM 500  C "C1'" . G A 1 24 ? 5.058   8.256   -11.055 1.00 145.57 ? 22 G A "C1'" 1 
ATOM 501  N N9    . G A 1 24 ? 4.936   7.413   -9.870  1.00 144.79 ? 22 G A N9    1 
ATOM 502  C C8    . G A 1 24 ? 4.069   6.366   -9.667  1.00 143.37 ? 22 G A C8    1 
ATOM 503  N N7    . G A 1 24 ? 4.225   5.792   -8.505  1.00 147.69 ? 22 G A N7    1 
ATOM 504  C C5    . G A 1 24 ? 5.255   6.505   -7.905  1.00 150.24 ? 22 G A C5    1 
ATOM 505  C C6    . G A 1 24 ? 5.874   6.347   -6.631  1.00 154.35 ? 22 G A C6    1 
ATOM 506  O O6    . G A 1 24 ? 5.626   5.516   -5.746  1.00 156.37 ? 22 G A O6    1 
ATOM 507  N N1    . G A 1 24 ? 6.876   7.291   -6.430  1.00 153.99 ? 22 G A N1    1 
ATOM 508  C C2    . G A 1 24 ? 7.242   8.258   -7.333  1.00 152.76 ? 22 G A C2    1 
ATOM 509  N N2    . G A 1 24 ? 8.236   9.076   -6.958  1.00 152.34 ? 22 G A N2    1 
ATOM 510  N N3    . G A 1 24 ? 6.677   8.412   -8.518  1.00 148.17 ? 22 G A N3    1 
ATOM 511  C C4    . G A 1 24 ? 5.699   7.510   -8.735  1.00 145.43 ? 22 G A C4    1 
ATOM 512  P P     . G A 1 25 ? 7.755   5.920   -14.346 1.00 151.21 ? 23 G A P     1 
ATOM 513  O OP1   . G A 1 25 ? 8.037   5.908   -15.805 1.00 151.18 ? 23 G A OP1   1 
ATOM 514  O OP2   . G A 1 25 ? 7.196   4.703   -13.697 1.00 144.31 ? 23 G A OP2   1 
ATOM 515  O "O5'" . G A 1 25 ? 9.079   6.359   -13.575 1.00 140.48 ? 23 G A "O5'" 1 
ATOM 516  C "C5'" . G A 1 25 ? 9.757   7.556   -13.937 1.00 136.24 ? 23 G A "C5'" 1 
ATOM 517  C "C4'" . G A 1 25 ? 10.690  7.989   -12.836 1.00 141.42 ? 23 G A "C4'" 1 
ATOM 518  O "O4'" . G A 1 25 ? 9.932   8.293   -11.637 1.00 144.84 ? 23 G A "O4'" 1 
ATOM 519  C "C3'" . G A 1 25 ? 11.694  6.953   -12.367 1.00 142.12 ? 23 G A "C3'" 1 
ATOM 520  O "O3'" . G A 1 25 ? 12.822  6.913   -13.229 1.00 145.29 ? 23 G A "O3'" 1 
ATOM 521  C "C2'" . G A 1 25 ? 12.080  7.486   -10.993 1.00 142.63 ? 23 G A "C2'" 1 
ATOM 522  O "O2'" . G A 1 25 ? 13.048  8.511   -11.089 1.00 123.63 ? 23 G A "O2'" 1 
ATOM 523  C "C1'" . G A 1 25 ? 10.747  8.059   -10.496 1.00 148.41 ? 23 G A "C1'" 1 
ATOM 524  N N9    . G A 1 25 ? 10.022  7.188   -9.568  1.00 155.78 ? 23 G A N9    1 
ATOM 525  C C8    . G A 1 25 ? 8.795   6.599   -9.762  1.00 154.96 ? 23 G A C8    1 
ATOM 526  N N7    . G A 1 25 ? 8.407   5.875   -8.743  1.00 154.04 ? 23 G A N7    1 
ATOM 527  C C5    . G A 1 25 ? 9.442   5.993   -7.822  1.00 155.96 ? 23 G A C5    1 
ATOM 528  C C6    . G A 1 25 ? 9.592   5.430   -6.522  1.00 154.77 ? 23 G A C6    1 
ATOM 529  O O6    . G A 1 25 ? 8.813   4.687   -5.903  1.00 155.91 ? 23 G A O6    1 
ATOM 530  N N1    . G A 1 25 ? 10.795  5.810   -5.936  1.00 152.65 ? 23 G A N1    1 
ATOM 531  C C2    . G A 1 25 ? 11.733  6.626   -6.521  1.00 150.28 ? 23 G A C2    1 
ATOM 532  N N2    . G A 1 25 ? 12.834  6.879   -5.798  1.00 151.31 ? 23 G A N2    1 
ATOM 533  N N3    . G A 1 25 ? 11.606  7.156   -7.726  1.00 150.40 ? 23 G A N3    1 
ATOM 534  C C4    . G A 1 25 ? 10.446  6.801   -8.315  1.00 154.76 ? 23 G A C4    1 
ATOM 535  P P     . G A 1 26 ? 13.659  5.552   -13.375 1.00 152.43 ? 24 G A P     1 
ATOM 536  O OP1   . G A 1 26 ? 14.781  5.815   -14.311 1.00 152.44 ? 24 G A OP1   1 
ATOM 537  O OP2   . G A 1 26 ? 12.705  4.451   -13.665 1.00 154.42 ? 24 G A OP2   1 
ATOM 538  O "O5'" . G A 1 26 ? 14.279  5.333   -11.925 1.00 144.88 ? 24 G A "O5'" 1 
ATOM 539  C "C5'" . G A 1 26 ? 15.418  6.075   -11.512 1.00 143.57 ? 24 G A "C5'" 1 
ATOM 540  C "C4'" . G A 1 26 ? 15.884  5.615   -10.155 1.00 142.57 ? 24 G A "C4'" 1 
ATOM 541  O "O4'" . G A 1 26 ? 14.897  5.976   -9.154  1.00 147.21 ? 24 G A "O4'" 1 
ATOM 542  C "C3'" . G A 1 26 ? 16.040  4.116   -9.975  1.00 143.35 ? 24 G A "C3'" 1 
ATOM 543  O "O3'" . G A 1 26 ? 17.278  3.647   -10.488 1.00 149.23 ? 24 G A "O3'" 1 
ATOM 544  C "C2'" . G A 1 26 ? 15.991  3.984   -8.461  1.00 147.08 ? 24 G A "C2'" 1 
ATOM 545  O "O2'" . G A 1 26 ? 17.221  4.318   -7.853  1.00 145.88 ? 24 G A "O2'" 1 
ATOM 546  C "C1'" . G A 1 26 ? 14.927  5.024   -8.100  1.00 153.48 ? 24 G A "C1'" 1 
ATOM 547  N N9    . G A 1 26 ? 13.608  4.409   -7.970  1.00 159.53 ? 24 G A N9    1 
ATOM 548  C C8    . G A 1 26 ? 12.599  4.375   -8.903  1.00 158.46 ? 24 G A C8    1 
ATOM 549  N N7    . G A 1 26 ? 11.555  3.699   -8.502  1.00 156.65 ? 24 G A N7    1 
ATOM 550  C C5    . G A 1 26 ? 11.893  3.271   -7.224  1.00 157.17 ? 24 G A C5    1 
ATOM 551  C C6    . G A 1 26 ? 11.161  2.495   -6.289  1.00 157.29 ? 24 G A C6    1 
ATOM 552  O O6    . G A 1 26 ? 10.028  2.015   -6.404  1.00 159.37 ? 24 G A O6    1 
ATOM 553  N N1    . G A 1 26 ? 11.883  2.291   -5.118  1.00 155.91 ? 24 G A N1    1 
ATOM 554  C C2    . G A 1 26 ? 13.141  2.778   -4.872  1.00 158.26 ? 24 G A C2    1 
ATOM 555  N N2    . G A 1 26 ? 13.674  2.481   -3.680  1.00 159.89 ? 24 G A N2    1 
ATOM 556  N N3    . G A 1 26 ? 13.830  3.503   -5.732  1.00 159.59 ? 24 G A N3    1 
ATOM 557  C C4    . G A 1 26 ? 13.153  3.708   -6.880  1.00 158.17 ? 24 G A C4    1 
ATOM 558  P P     . G A 1 27 ? 17.464  2.080   -10.801 1.00 159.91 ? 25 G A P     1 
ATOM 559  O OP1   . G A 1 27 ? 18.799  1.901   -11.432 1.00 153.67 ? 25 G A OP1   1 
ATOM 560  O OP2   . G A 1 27 ? 16.249  1.603   -11.508 1.00 156.60 ? 25 G A OP2   1 
ATOM 561  O "O5'" . G A 1 27 ? 17.502  1.401   -9.359  1.00 163.65 ? 25 G A "O5'" 1 
ATOM 562  C "C5'" . G A 1 27 ? 18.493  1.770   -8.403  1.00 168.69 ? 25 G A "C5'" 1 
ATOM 563  C "C4'" . G A 1 27 ? 18.188  1.151   -7.059  1.00 171.51 ? 25 G A "C4'" 1 
ATOM 564  O "O4'" . G A 1 27 ? 16.909  1.636   -6.574  1.00 175.64 ? 25 G A "O4'" 1 
ATOM 565  C "C3'" . G A 1 27 ? 18.035  -0.361  -7.041  1.00 170.16 ? 25 G A "C3'" 1 
ATOM 566  O "O3'" . G A 1 27 ? 19.315  -0.976  -6.952  1.00 172.52 ? 25 G A "O3'" 1 
ATOM 567  C "C2'" . G A 1 27 ? 17.216  -0.586  -5.772  1.00 170.37 ? 25 G A "C2'" 1 
ATOM 568  O "O2'" . G A 1 27 ? 18.002  -0.571  -4.596  1.00 166.06 ? 25 G A "O2'" 1 
ATOM 569  C "C1'" . G A 1 27 ? 16.293  0.636   -5.777  1.00 172.93 ? 25 G A "C1'" 1 
ATOM 570  N N9    . G A 1 27 ? 14.968  0.363   -6.321  1.00 171.33 ? 25 G A N9    1 
ATOM 571  C C8    . G A 1 27 ? 14.467  0.787   -7.527  1.00 170.20 ? 25 G A C8    1 
ATOM 572  N N7    . G A 1 27 ? 13.249  0.374   -7.748  1.00 171.46 ? 25 G A N7    1 
ATOM 573  C C5    . G A 1 27 ? 12.926  -0.366  -6.619  1.00 170.10 ? 25 G A C5    1 
ATOM 574  C C6    . G A 1 27 ? 11.738  -1.063  -6.290  1.00 170.00 ? 25 G A C6    1 
ATOM 575  O O6    . G A 1 27 ? 10.700  -1.168  -6.948  1.00 167.47 ? 25 G A O6    1 
ATOM 576  N N1    . G A 1 27 ? 11.838  -1.683  -5.051  1.00 173.37 ? 25 G A N1    1 
ATOM 577  C C2    . G A 1 27 ? 12.934  -1.634  -4.230  1.00 176.06 ? 25 G A C2    1 
ATOM 578  N N2    . G A 1 27 ? 12.828  -2.297  -3.066  1.00 179.25 ? 25 G A N2    1 
ATOM 579  N N3    . G A 1 27 ? 14.049  -0.985  -4.524  1.00 174.83 ? 25 G A N3    1 
ATOM 580  C C4    . G A 1 27 ? 13.976  -0.380  -5.728  1.00 171.19 ? 25 G A C4    1 
ATOM 581  P P     . U A 1 28 ? 19.585  -2.368  -7.706  1.00 172.28 ? 26 U A P     1 
ATOM 582  O OP1   . U A 1 28 ? 21.023  -2.699  -7.517  1.00 167.94 ? 26 U A OP1   1 
ATOM 583  O OP2   . U A 1 28 ? 19.028  -2.273  -9.078  1.00 174.30 ? 26 U A OP2   1 
ATOM 584  O "O5'" . U A 1 28 ? 18.728  -3.425  -6.878  1.00 170.09 ? 26 U A "O5'" 1 
ATOM 585  C "C5'" . U A 1 28 ? 19.141  -3.817  -5.576  1.00 171.15 ? 26 U A "C5'" 1 
ATOM 586  C "C4'" . U A 1 28 ? 18.118  -4.729  -4.941  1.00 171.17 ? 26 U A "C4'" 1 
ATOM 587  O "O4'" . U A 1 28 ? 16.868  -4.017  -4.735  1.00 168.47 ? 26 U A "O4'" 1 
ATOM 588  C "C3'" . U A 1 28 ? 17.692  -5.949  -5.737  1.00 170.70 ? 26 U A "C3'" 1 
ATOM 589  O "O3'" . U A 1 28 ? 18.659  -6.991  -5.654  1.00 176.91 ? 26 U A "O3'" 1 
ATOM 590  C "C2'" . U A 1 28 ? 16.392  -6.326  -5.034  1.00 165.30 ? 26 U A "C2'" 1 
ATOM 591  O "O2'" . U A 1 28 ? 16.610  -7.013  -3.818  1.00 160.66 ? 26 U A "O2'" 1 
ATOM 592  C "C1'" . U A 1 28 ? 15.798  -4.949  -4.732  1.00 160.52 ? 26 U A "C1'" 1 
ATOM 593  N N1    . U A 1 28 ? 14.805  -4.540  -5.731  1.00 152.82 ? 26 U A N1    1 
ATOM 594  C C2    . U A 1 28 ? 13.577  -5.161  -5.682  1.00 152.82 ? 26 U A C2    1 
ATOM 595  O O2    . U A 1 28 ? 13.305  -6.007  -4.849  1.00 157.05 ? 26 U A O2    1 
ATOM 596  N N3    . U A 1 28 ? 12.682  -4.761  -6.643  1.00 151.63 ? 26 U A N3    1 
ATOM 597  C C4    . U A 1 28 ? 12.892  -3.821  -7.625  1.00 149.44 ? 26 U A C4    1 
ATOM 598  O O4    . U A 1 28 ? 11.986  -3.566  -8.420  1.00 149.36 ? 26 U A O4    1 
ATOM 599  C C5    . U A 1 28 ? 14.191  -3.219  -7.608  1.00 149.94 ? 26 U A C5    1 
ATOM 600  C C6    . U A 1 28 ? 15.081  -3.590  -6.683  1.00 150.17 ? 26 U A C6    1 
ATOM 601  P P     . G A 1 29 ? 18.634  -8.187  -6.731  1.00 181.60 ? 27 G A P     1 
ATOM 602  O OP1   . G A 1 29 ? 19.768  -9.091  -6.413  1.00 180.90 ? 27 G A OP1   1 
ATOM 603  O OP2   . G A 1 29 ? 18.519  -7.602  -8.093  1.00 176.08 ? 27 G A OP2   1 
ATOM 604  O "O5'" . G A 1 29 ? 17.287  -8.966  -6.392  1.00 174.68 ? 27 G A "O5'" 1 
ATOM 605  C "C5'" . G A 1 29 ? 17.095  -9.531  -5.102  1.00 165.16 ? 27 G A "C5'" 1 
ATOM 606  C "C4'" . G A 1 29 ? 15.765  -10.237 -5.021  1.00 158.31 ? 27 G A "C4'" 1 
ATOM 607  O "O4'" . G A 1 29 ? 14.666  -9.289  -5.039  1.00 154.33 ? 27 G A "O4'" 1 
ATOM 608  C "C3'" . G A 1 29 ? 15.428  -11.153 -6.177  1.00 151.93 ? 27 G A "C3'" 1 
ATOM 609  O "O3'" . G A 1 29 ? 16.135  -12.377 -6.092  1.00 149.06 ? 27 G A "O3'" 1 
ATOM 610  C "C2'" . G A 1 29 ? 13.927  -11.340 -5.995  1.00 151.72 ? 27 G A "C2'" 1 
ATOM 611  O "O2'" . G A 1 29 ? 13.598  -12.302 -5.012  1.00 146.52 ? 27 G A "O2'" 1 
ATOM 612  C "C1'" . G A 1 29 ? 13.503  -9.944  -5.527  1.00 149.48 ? 27 G A "C1'" 1 
ATOM 613  N N9    . G A 1 29 ? 12.923  -9.157  -6.609  1.00 143.54 ? 27 G A N9    1 
ATOM 614  C C8    . G A 1 29 ? 13.437  -8.034  -7.209  1.00 138.67 ? 27 G A C8    1 
ATOM 615  N N7    . G A 1 29 ? 12.671  -7.567  -8.159  1.00 135.98 ? 27 G A N7    1 
ATOM 616  C C5    . G A 1 29 ? 11.588  -8.436  -8.186  1.00 135.75 ? 27 G A C5    1 
ATOM 617  C C6    . G A 1 29 ? 10.430  -8.448  -9.009  1.00 136.92 ? 27 G A C6    1 
ATOM 618  O O6    . G A 1 29 ? 10.112  -7.660  -9.914  1.00 138.79 ? 27 G A O6    1 
ATOM 619  N N1    . G A 1 29 ? 9.593   -9.512  -8.695  1.00 137.92 ? 27 G A N1    1 
ATOM 620  C C2    . G A 1 29 ? 9.832   -10.445 -7.720  1.00 136.22 ? 27 G A C2    1 
ATOM 621  N N2    . G A 1 29 ? 8.900   -11.399 -7.570  1.00 133.45 ? 27 G A N2    1 
ATOM 622  N N3    . G A 1 29 ? 10.902  -10.446 -6.950  1.00 137.82 ? 27 G A N3    1 
ATOM 623  C C4    . G A 1 29 ? 11.730  -9.422  -7.234  1.00 137.36 ? 27 G A C4    1 
ATOM 624  P P     . C A 1 30 ? 16.506  -13.158 -7.439  1.00 149.38 ? 28 C A P     1 
ATOM 625  O OP1   . C A 1 30 ? 17.490  -14.217 -7.096  1.00 149.71 ? 28 C A OP1   1 
ATOM 626  O OP2   . C A 1 30 ? 16.848  -12.134 -8.458  1.00 145.32 ? 28 C A OP2   1 
ATOM 627  O "O5'" . C A 1 30 ? 15.135  -13.850 -7.853  1.00 139.23 ? 28 C A "O5'" 1 
ATOM 628  C "C5'" . C A 1 30 ? 14.434  -14.658 -6.921  1.00 135.39 ? 28 C A "C5'" 1 
ATOM 629  C "C4'" . C A 1 30 ? 13.007  -14.841 -7.362  1.00 137.57 ? 28 C A "C4'" 1 
ATOM 630  O "O4'" . C A 1 30 ? 12.318  -13.563 -7.315  1.00 139.36 ? 28 C A "O4'" 1 
ATOM 631  C "C3'" . C A 1 30 ? 12.818  -15.296 -8.799  1.00 138.37 ? 28 C A "C3'" 1 
ATOM 632  O "O3'" . C A 1 30 ? 12.958  -16.703 -8.932  1.00 139.64 ? 28 C A "O3'" 1 
ATOM 633  C "C2'" . C A 1 30 ? 11.388  -14.862 -9.072  1.00 139.83 ? 28 C A "C2'" 1 
ATOM 634  O "O2'" . C A 1 30 ? 10.444  -15.753 -8.517  1.00 139.06 ? 28 C A "O2'" 1 
ATOM 635  C "C1'" . C A 1 30 ? 11.338  -13.519 -8.340  1.00 139.70 ? 28 C A "C1'" 1 
ATOM 636  N N1    . C A 1 30 ? 11.648  -12.397 -9.239  1.00 138.00 ? 28 C A N1    1 
ATOM 637  C C2    . C A 1 30 ? 10.721  -12.063 -10.225 1.00 138.62 ? 28 C A C2    1 
ATOM 638  O O2    . C A 1 30 ? 9.664   -12.705 -10.289 1.00 141.65 ? 28 C A O2    1 
ATOM 639  N N3    . C A 1 30 ? 10.998  -11.053 -11.081 1.00 136.67 ? 28 C A N3    1 
ATOM 640  C C4    . C A 1 30 ? 12.145  -10.386 -10.973 1.00 137.98 ? 28 C A C4    1 
ATOM 641  N N4    . C A 1 30 ? 12.375  -9.399  -11.840 1.00 142.82 ? 28 C A N4    1 
ATOM 642  C C5    . C A 1 30 ? 13.107  -10.701 -9.971  1.00 137.13 ? 28 C A C5    1 
ATOM 643  C C6    . C A 1 30 ? 12.817  -11.701 -9.129  1.00 137.25 ? 28 C A C6    1 
ATOM 644  P P     . A A 1 31 ? 13.708  -17.307 -10.213 1.00 141.16 ? 29 A A P     1 
ATOM 645  O OP1   . A A 1 31 ? 13.961  -18.744 -9.923  1.00 136.53 ? 29 A A OP1   1 
ATOM 646  O OP2   . A A 1 31 ? 14.836  -16.407 -10.540 1.00 130.69 ? 29 A A OP2   1 
ATOM 647  O "O5'" . A A 1 31 ? 12.632  -17.218 -11.383 1.00 133.49 ? 29 A A "O5'" 1 
ATOM 648  C "C5'" . A A 1 31 ? 11.512  -18.096 -11.396 1.00 129.66 ? 29 A A "C5'" 1 
ATOM 649  C "C4'" . A A 1 31 ? 10.530  -17.690 -12.473 1.00 139.37 ? 29 A A "C4'" 1 
ATOM 650  O "O4'" . A A 1 31 ? 10.105  -16.307 -12.274 1.00 143.26 ? 29 A A "O4'" 1 
ATOM 651  C "C3'" . A A 1 31 ? 11.074  -17.606 -13.890 1.00 143.11 ? 29 A A "C3'" 1 
ATOM 652  O "O3'" . A A 1 31 ? 11.296  -18.870 -14.502 1.00 147.02 ? 29 A A "O3'" 1 
ATOM 653  C "C2'" . A A 1 31 ? 9.940   -16.854 -14.566 1.00 143.45 ? 29 A A "C2'" 1 
ATOM 654  O "O2'" . A A 1 31 ? 8.778   -17.662 -14.746 1.00 140.77 ? 29 A A "O2'" 1 
ATOM 655  C "C1'" . A A 1 31 ? 9.710   -15.756 -13.533 1.00 139.77 ? 29 A A "C1'" 1 
ATOM 656  N N9    . A A 1 31 ? 10.588  -14.635 -13.862 1.00 136.97 ? 29 A A N9    1 
ATOM 657  C C8    . A A 1 31 ? 11.801  -14.281 -13.325 1.00 135.85 ? 29 A A C8    1 
ATOM 658  N N7    . A A 1 31 ? 12.306  -13.187 -13.844 1.00 137.52 ? 29 A A N7    1 
ATOM 659  C C5    . A A 1 31 ? 11.368  -12.803 -14.792 1.00 138.74 ? 29 A A C5    1 
ATOM 660  C C6    . A A 1 31 ? 11.312  -11.717 -15.687 1.00 138.88 ? 29 A A C6    1 
ATOM 661  N N6    . A A 1 31 ? 12.255  -10.777 -15.777 1.00 135.18 ? 29 A A N6    1 
ATOM 662  N N1    . A A 1 31 ? 10.237  -11.625 -16.499 1.00 140.25 ? 29 A A N1    1 
ATOM 663  C C2    . A A 1 31 ? 9.287   -12.566 -16.413 1.00 137.92 ? 29 A A C2    1 
ATOM 664  N N3    . A A 1 31 ? 9.226   -13.634 -15.615 1.00 137.79 ? 29 A A N3    1 
ATOM 665  C C4    . A A 1 31 ? 10.309  -13.691 -14.819 1.00 138.09 ? 29 A A C4    1 
ATOM 666  P P     . G A 1 32 ? 12.528  -19.059 -15.515 1.00 155.07 ? 30 G A P     1 
ATOM 667  O OP1   . G A 1 32 ? 12.789  -20.507 -15.626 1.00 154.94 ? 30 G A OP1   1 
ATOM 668  O OP2   . G A 1 32 ? 13.602  -18.162 -15.069 1.00 156.60 ? 30 G A OP2   1 
ATOM 669  O "O5'" . G A 1 32 ? 11.979  -18.519 -16.903 1.00 139.67 ? 30 G A "O5'" 1 
ATOM 670  C "C5'" . G A 1 32 ? 10.909  -19.176 -17.542 1.00 136.54 ? 30 G A "C5'" 1 
ATOM 671  C "C4'" . G A 1 32 ? 10.294  -18.265 -18.591 1.00 139.91 ? 30 G A "C4'" 1 
ATOM 672  O "O4'" . G A 1 32 ? 10.015  -16.979 -17.976 1.00 139.24 ? 30 G A "O4'" 1 
ATOM 673  C "C3'" . G A 1 32 ? 11.155  -17.865 -19.785 1.00 141.39 ? 30 G A "C3'" 1 
ATOM 674  O "O3'" . G A 1 32 ? 11.167  -18.893 -20.776 1.00 147.62 ? 30 G A "O3'" 1 
ATOM 675  C "C2'" . G A 1 32 ? 10.433  -16.612 -20.282 1.00 140.42 ? 30 G A "C2'" 1 
ATOM 676  O "O2'" . G A 1 32 ? 9.264   -16.936 -21.014 1.00 129.92 ? 30 G A "O2'" 1 
ATOM 677  C "C1'" . G A 1 32 ? 10.057  -15.953 -18.955 1.00 139.78 ? 30 G A "C1'" 1 
ATOM 678  N N9    . G A 1 32 ? 11.037  -14.957 -18.533 1.00 140.93 ? 30 G A N9    1 
ATOM 679  C C8    . G A 1 32 ? 11.945  -15.037 -17.501 1.00 134.86 ? 30 G A C8    1 
ATOM 680  N N7    . G A 1 32 ? 12.697  -13.974 -17.405 1.00 130.84 ? 30 G A N7    1 
ATOM 681  C C5    . G A 1 32 ? 12.254  -13.147 -18.430 1.00 136.27 ? 30 G A C5    1 
ATOM 682  C C6    . G A 1 32 ? 12.693  -11.842 -18.827 1.00 140.61 ? 30 G A C6    1 
ATOM 683  O O6    . G A 1 32 ? 13.585  -11.149 -18.333 1.00 148.00 ? 30 G A O6    1 
ATOM 684  N N1    . G A 1 32 ? 11.970  -11.364 -19.919 1.00 140.97 ? 30 G A N1    1 
ATOM 685  C C2    . G A 1 32 ? 10.955  -12.051 -20.544 1.00 145.21 ? 30 G A C2    1 
ATOM 686  N N2    . G A 1 32 ? 10.372  -11.442 -21.573 1.00 143.38 ? 30 G A N2    1 
ATOM 687  N N3    . G A 1 32 ? 10.539  -13.261 -20.183 1.00 148.58 ? 30 G A N3    1 
ATOM 688  C C4    . G A 1 32 ? 11.229  -13.742 -19.127 1.00 141.71 ? 30 G A C4    1 
ATOM 689  P P     . G A 1 33 ? 12.391  -19.002 -21.816 1.00 154.04 ? 31 G A P     1 
ATOM 690  O OP1   . G A 1 33 ? 12.328  -20.352 -22.449 1.00 152.32 ? 31 G A OP1   1 
ATOM 691  O OP2   . G A 1 33 ? 13.613  -18.580 -21.106 1.00 148.82 ? 31 G A OP2   1 
ATOM 692  O "O5'" . G A 1 33 ? 12.055  -17.907 -22.922 1.00 156.08 ? 31 G A "O5'" 1 
ATOM 693  C "C5'" . G A 1 33 ? 10.717  -17.720 -23.369 1.00 161.96 ? 31 G A "C5'" 1 
ATOM 694  C "C4'" . G A 1 33 ? 10.567  -16.355 -23.999 1.00 162.24 ? 31 G A "C4'" 1 
ATOM 695  O "O4'" . G A 1 33 ? 10.861  -15.327 -23.022 1.00 160.19 ? 31 G A "O4'" 1 
ATOM 696  C "C3'" . G A 1 33 ? 11.492  -16.078 -25.170 1.00 163.05 ? 31 G A "C3'" 1 
ATOM 697  O "O3'" . G A 1 33 ? 10.824  -16.546 -26.338 1.00 169.28 ? 31 G A "O3'" 1 
ATOM 698  C "C2'" . G A 1 33 ? 11.634  -14.556 -25.147 1.00 160.73 ? 31 G A "C2'" 1 
ATOM 699  O "O2'" . G A 1 33 ? 10.588  -13.905 -25.840 1.00 162.87 ? 31 G A "O2'" 1 
ATOM 700  C "C1'" . G A 1 33 ? 11.504  -14.239 -23.654 1.00 154.98 ? 31 G A "C1'" 1 
ATOM 701  N N9    . G A 1 33 ? 12.722  -13.951 -22.904 1.00 145.90 ? 31 G A N9    1 
ATOM 702  C C8    . G A 1 33 ? 13.362  -14.792 -22.026 1.00 146.74 ? 31 G A C8    1 
ATOM 703  N N7    . G A 1 33 ? 14.381  -14.235 -21.433 1.00 146.25 ? 31 G A N7    1 
ATOM 704  C C5    . G A 1 33 ? 14.428  -12.953 -21.963 1.00 140.52 ? 31 G A C5    1 
ATOM 705  C C6    . G A 1 33 ? 15.321  -11.886 -21.698 1.00 138.64 ? 31 G A C6    1 
ATOM 706  O O6    . G A 1 33 ? 16.282  -11.858 -20.919 1.00 135.85 ? 31 G A O6    1 
ATOM 707  N N1    . G A 1 33 ? 15.009  -10.762 -22.452 1.00 138.18 ? 31 G A N1    1 
ATOM 708  C C2    . G A 1 33 ? 13.975  -10.676 -23.348 1.00 137.70 ? 31 G A C2    1 
ATOM 709  N N2    . G A 1 33 ? 13.841  -9.502  -23.981 1.00 135.84 ? 31 G A N2    1 
ATOM 710  N N3    . G A 1 33 ? 13.136  -11.666 -23.606 1.00 136.56 ? 31 G A N3    1 
ATOM 711  C C4    . G A 1 33 ? 13.419  -12.765 -22.881 1.00 138.74 ? 31 G A C4    1 
ATOM 712  P P     . C A 1 34 ? 11.571  -16.549 -27.756 1.00 174.90 ? 32 C A P     1 
ATOM 713  O OP1   . C A 1 34 ? 11.997  -15.153 -28.035 1.00 174.20 ? 32 C A OP1   1 
ATOM 714  O OP2   . C A 1 34 ? 10.673  -17.244 -28.713 1.00 173.68 ? 32 C A OP2   1 
ATOM 715  O "O5'" . C A 1 34 ? 12.859  -17.464 -27.534 1.00 175.12 ? 32 C A "O5'" 1 
ATOM 716  C "C5'" . C A 1 34 ? 14.085  -16.909 -27.071 1.00 175.87 ? 32 C A "C5'" 1 
ATOM 717  C "C4'" . C A 1 34 ? 14.601  -15.895 -28.062 1.00 179.51 ? 32 C A "C4'" 1 
ATOM 718  O "O4'" . C A 1 34 ? 14.476  -14.568 -27.486 1.00 176.29 ? 32 C A "O4'" 1 
ATOM 719  C "C3'" . C A 1 34 ? 16.066  -16.036 -28.437 1.00 183.09 ? 32 C A "C3'" 1 
ATOM 720  O "O3'" . C A 1 34 ? 16.190  -16.921 -29.548 1.00 190.39 ? 32 C A "O3'" 1 
ATOM 721  C "C2'" . C A 1 34 ? 16.447  -14.604 -28.794 1.00 181.36 ? 32 C A "C2'" 1 
ATOM 722  O "O2'" . C A 1 34 ? 16.041  -14.240 -30.099 1.00 177.65 ? 32 C A "O2'" 1 
ATOM 723  C "C1'" . C A 1 34 ? 15.644  -13.815 -27.757 1.00 178.68 ? 32 C A "C1'" 1 
ATOM 724  N N1    . C A 1 34 ? 16.349  -13.623 -26.479 1.00 178.39 ? 32 C A N1    1 
ATOM 725  C C2    . C A 1 34 ? 17.348  -12.644 -26.385 1.00 177.88 ? 32 C A C2    1 
ATOM 726  O O2    . C A 1 34 ? 17.613  -11.957 -27.385 1.00 175.97 ? 32 C A O2    1 
ATOM 727  N N3    . C A 1 34 ? 17.995  -12.475 -25.207 1.00 178.39 ? 32 C A N3    1 
ATOM 728  C C4    . C A 1 34 ? 17.680  -13.238 -24.155 1.00 177.67 ? 32 C A C4    1 
ATOM 729  N N4    . C A 1 34 ? 18.342  -13.043 -23.013 1.00 174.67 ? 32 C A N4    1 
ATOM 730  C C5    . C A 1 34 ? 16.669  -14.237 -24.227 1.00 178.10 ? 32 C A C5    1 
ATOM 731  C C6    . C A 1 34 ? 16.037  -14.394 -25.395 1.00 178.38 ? 32 C A C6    1 
ATOM 732  P P     . U A 1 35 ? 17.620  -17.560 -29.906 1.00 194.31 ? 33 U A P     1 
ATOM 733  O OP1   . U A 1 35 ? 17.396  -18.590 -30.951 1.00 193.71 ? 33 U A OP1   1 
ATOM 734  O OP2   . U A 1 35 ? 18.293  -17.936 -28.637 1.00 192.43 ? 33 U A OP2   1 
ATOM 735  O "O5'" . U A 1 35 ? 18.424  -16.352 -30.562 1.00 191.23 ? 33 U A "O5'" 1 
ATOM 736  C "C5'" . U A 1 35 ? 19.814  -16.184 -30.316 1.00 186.91 ? 33 U A "C5'" 1 
ATOM 737  C "C4'" . U A 1 35 ? 20.020  -15.147 -29.242 1.00 184.87 ? 33 U A "C4'" 1 
ATOM 738  O "O4'" . U A 1 35 ? 19.255  -15.530 -28.071 1.00 188.01 ? 33 U A "O4'" 1 
ATOM 739  C "C3'" . U A 1 35 ? 21.445  -14.994 -28.739 1.00 181.88 ? 33 U A "C3'" 1 
ATOM 740  O "O3'" . U A 1 35 ? 22.166  -14.088 -29.565 1.00 173.77 ? 33 U A "O3'" 1 
ATOM 741  C "C2'" . U A 1 35 ? 21.236  -14.448 -27.331 1.00 184.08 ? 33 U A "C2'" 1 
ATOM 742  O "O2'" . U A 1 35 ? 21.005  -13.052 -27.306 1.00 178.90 ? 33 U A "O2'" 1 
ATOM 743  C "C1'" . U A 1 35 ? 19.974  -15.200 -26.895 1.00 187.85 ? 33 U A "C1'" 1 
ATOM 744  N N1    . U A 1 35 ? 20.250  -16.451 -26.175 1.00 188.18 ? 33 U A N1    1 
ATOM 745  C C2    . U A 1 35 ? 20.246  -16.421 -24.791 1.00 188.42 ? 33 U A C2    1 
ATOM 746  O O2    . U A 1 35 ? 20.028  -15.406 -24.146 1.00 183.19 ? 33 U A O2    1 
ATOM 747  N N3    . U A 1 35 ? 20.506  -17.628 -24.189 1.00 192.06 ? 33 U A N3    1 
ATOM 748  C C4    . U A 1 35 ? 20.764  -18.832 -24.816 1.00 193.29 ? 33 U A C4    1 
ATOM 749  O O4    . U A 1 35 ? 20.981  -19.838 -24.135 1.00 196.87 ? 33 U A O4    1 
ATOM 750  C C5    . U A 1 35 ? 20.751  -18.775 -26.244 1.00 191.60 ? 33 U A C5    1 
ATOM 751  C C6    . U A 1 35 ? 20.502  -17.617 -26.858 1.00 186.95 ? 33 U A C6    1 
ATOM 752  P P     . U A 1 36 ? 23.723  -13.824 -29.286 1.00 165.61 ? 34 U A P     1 
ATOM 753  O OP1   . U A 1 36 ? 24.312  -13.200 -30.496 1.00 170.09 ? 34 U A OP1   1 
ATOM 754  O OP2   . U A 1 36 ? 24.298  -15.086 -28.756 1.00 161.10 ? 34 U A OP2   1 
ATOM 755  O "O5'" . U A 1 36 ? 23.718  -12.741 -28.119 1.00 161.10 ? 34 U A "O5'" 1 
ATOM 756  C "C5'" . U A 1 36 ? 24.717  -12.754 -27.106 1.00 160.41 ? 34 U A "C5'" 1 
ATOM 757  C "C4'" . U A 1 36 ? 24.166  -13.401 -25.863 1.00 159.46 ? 34 U A "C4'" 1 
ATOM 758  O "O4'" . U A 1 36 ? 23.785  -14.763 -26.187 1.00 161.41 ? 34 U A "O4'" 1 
ATOM 759  C "C3'" . U A 1 36 ? 25.128  -13.569 -24.700 1.00 157.88 ? 34 U A "C3'" 1 
ATOM 760  O "O3'" . U A 1 36 ? 25.213  -12.384 -23.925 1.00 157.50 ? 34 U A "O3'" 1 
ATOM 761  C "C2'" . U A 1 36 ? 24.471  -14.699 -23.921 1.00 156.75 ? 34 U A "C2'" 1 
ATOM 762  O "O2'" . U A 1 36 ? 23.372  -14.254 -23.151 1.00 151.04 ? 34 U A "O2'" 1 
ATOM 763  C "C1'" . U A 1 36 ? 23.991  -15.601 -25.061 1.00 160.46 ? 34 U A "C1'" 1 
ATOM 764  N N1    . U A 1 36 ? 24.990  -16.620 -25.417 1.00 161.32 ? 34 U A N1    1 
ATOM 765  C C2    . U A 1 36 ? 24.707  -17.938 -25.103 1.00 159.83 ? 34 U A C2    1 
ATOM 766  O O2    . U A 1 36 ? 23.665  -18.285 -24.573 1.00 157.47 ? 34 U A O2    1 
ATOM 767  N N3    . U A 1 36 ? 25.690  -18.837 -25.432 1.00 159.01 ? 34 U A N3    1 
ATOM 768  C C4    . U A 1 36 ? 26.902  -18.561 -26.031 1.00 159.52 ? 34 U A C4    1 
ATOM 769  O O4    . U A 1 36 ? 27.685  -19.483 -26.263 1.00 161.15 ? 34 U A O4    1 
ATOM 770  C C5    . U A 1 36 ? 27.119  -17.177 -26.330 1.00 157.92 ? 34 U A C5    1 
ATOM 771  C C6    . U A 1 36 ? 26.179  -16.278 -26.024 1.00 158.31 ? 34 U A C6    1 
ATOM 772  P P     . C A 1 37 ? 26.086  -12.377 -22.577 1.00 159.88 ? 35 C A P     1 
ATOM 773  O OP1   . C A 1 37 ? 27.087  -11.283 -22.667 1.00 153.09 ? 35 C A OP1   1 
ATOM 774  O OP2   . C A 1 37 ? 26.539  -13.759 -22.281 1.00 153.81 ? 35 C A OP2   1 
ATOM 775  O "O5'" . C A 1 37 ? 25.021  -11.970 -21.473 1.00 156.52 ? 35 C A "O5'" 1 
ATOM 776  C "C5'" . C A 1 37 ? 25.402  -11.205 -20.345 1.00 149.35 ? 35 C A "C5'" 1 
ATOM 777  C "C4'" . C A 1 37 ? 24.176  -10.760 -19.595 1.00 143.64 ? 35 C A "C4'" 1 
ATOM 778  O "O4'" . C A 1 37 ? 23.415  -9.838  -20.405 1.00 136.90 ? 35 C A "O4'" 1 
ATOM 779  C "C3'" . C A 1 37 ? 23.180  -11.856 -19.263 1.00 141.76 ? 35 C A "C3'" 1 
ATOM 780  O "O3'" . C A 1 37 ? 23.640  -12.511 -18.084 1.00 146.90 ? 35 C A "O3'" 1 
ATOM 781  C "C2'" . C A 1 37 ? 21.884  -11.076 -19.058 1.00 134.43 ? 35 C A "C2'" 1 
ATOM 782  O "O2'" . C A 1 37 ? 21.752  -10.616 -17.738 1.00 139.94 ? 35 C A "O2'" 1 
ATOM 783  C "C1'" . C A 1 37 ? 22.065  -9.877  -19.995 1.00 132.16 ? 35 C A "C1'" 1 
ATOM 784  N N1    . C A 1 37 ? 21.201  -9.889  -21.184 1.00 125.98 ? 35 C A N1    1 
ATOM 785  C C2    . C A 1 37 ? 20.478  -8.740  -21.473 1.00 120.36 ? 35 C A C2    1 
ATOM 786  O O2    . C A 1 37 ? 20.615  -7.753  -20.741 1.00 122.22 ? 35 C A O2    1 
ATOM 787  N N3    . C A 1 37 ? 19.648  -8.725  -22.538 1.00 109.39 ? 35 C A N3    1 
ATOM 788  C C4    . C A 1 37 ? 19.532  -9.806  -23.302 1.00 108.95 ? 35 C A C4    1 
ATOM 789  N N4    . C A 1 37 ? 18.700  -9.745  -24.340 1.00 115.57 ? 35 C A N4    1 
ATOM 790  C C5    . C A 1 37 ? 20.265  -10.997 -23.035 1.00 116.86 ? 35 C A C5    1 
ATOM 791  C C6    . C A 1 37 ? 21.083  -10.995 -21.975 1.00 123.84 ? 35 C A C6    1 
ATOM 792  P P     . A A 1 38 ? 22.622  -13.338 -17.151 1.00 154.14 ? 36 A A P     1 
ATOM 793  O OP1   . A A 1 38 ? 23.138  -14.730 -17.113 1.00 155.14 ? 36 A A OP1   1 
ATOM 794  O OP2   . A A 1 38 ? 21.209  -13.095 -17.550 1.00 143.82 ? 36 A A OP2   1 
ATOM 795  O "O5'" . A A 1 38 ? 22.882  -12.710 -15.706 1.00 146.47 ? 36 A A "O5'" 1 
ATOM 796  C "C5'" . A A 1 38 ? 23.937  -13.216 -14.881 1.00 135.86 ? 36 A A "C5'" 1 
ATOM 797  C "C4'" . A A 1 38 ? 24.559  -12.112 -14.050 1.00 125.30 ? 36 A A "C4'" 1 
ATOM 798  O "O4'" . A A 1 38 ? 26.004  -12.167 -14.204 1.00 121.67 ? 36 A A "O4'" 1 
ATOM 799  C "C3'" . A A 1 38 ? 24.187  -10.685 -14.417 1.00 120.42 ? 36 A A "C3'" 1 
ATOM 800  O "O3'" . A A 1 38 ? 22.997  -10.309 -13.729 1.00 122.33 ? 36 A A "O3'" 1 
ATOM 801  C "C2'" . A A 1 38 ? 25.382  -9.884  -13.903 1.00 117.20 ? 36 A A "C2'" 1 
ATOM 802  O "O2'" . A A 1 38 ? 25.279  -9.553  -12.533 1.00 113.70 ? 36 A A "O2'" 1 
ATOM 803  C "C1'" . A A 1 38 ? 26.544  -10.859 -14.122 1.00 110.50 ? 36 A A "C1'" 1 
ATOM 804  N N9    . A A 1 38 ? 27.306  -10.597 -15.342 1.00 106.80 ? 36 A A N9    1 
ATOM 805  C C8    . A A 1 38 ? 27.309  -11.325 -16.506 1.00 109.10 ? 36 A A C8    1 
ATOM 806  N N7    . A A 1 38 ? 28.094  -10.834 -17.435 1.00 101.30 ? 36 A A N7    1 
ATOM 807  C C5    . A A 1 38 ? 28.648  -9.710  -16.843 1.00 98.82  ? 36 A A C5    1 
ATOM 808  C C6    . A A 1 38 ? 29.566  -8.757  -17.309 1.00 98.53  ? 36 A A C6    1 
ATOM 809  N N6    . A A 1 38 ? 30.106  -8.792  -18.528 1.00 96.74  ? 36 A A N6    1 
ATOM 810  N N1    . A A 1 38 ? 29.916  -7.753  -16.468 1.00 102.84 ? 36 A A N1    1 
ATOM 811  C C2    . A A 1 38 ? 29.371  -7.728  -15.244 1.00 105.48 ? 36 A A C2    1 
ATOM 812  N N3    . A A 1 38 ? 28.495  -8.572  -14.690 1.00 108.84 ? 36 A A N3    1 
ATOM 813  C C4    . A A 1 38 ? 28.172  -9.552  -15.552 1.00 105.65 ? 36 A A C4    1 
ATOM 814  P P     . A A 1 39 ? 21.980  -9.263  -14.401 1.00 128.34 ? 37 A A P     1 
ATOM 815  O OP1   . A A 1 39 ? 20.981  -8.874  -13.374 1.00 119.13 ? 37 A A OP1   1 
ATOM 816  O OP2   . A A 1 39 ? 21.517  -9.847  -15.675 1.00 129.60 ? 37 A A OP2   1 
ATOM 817  O "O5'" . A A 1 39 ? 22.886  -7.991  -14.713 1.00 119.46 ? 37 A A "O5'" 1 
ATOM 818  C "C5'" . A A 1 39 ? 23.239  -7.079  -13.675 1.00 118.48 ? 37 A A "C5'" 1 
ATOM 819  C "C4'" . A A 1 39 ? 23.732  -5.779  -14.266 1.00 112.38 ? 37 A A "C4'" 1 
ATOM 820  O "O4'" . A A 1 39 ? 25.049  -5.962  -14.845 1.00 107.80 ? 37 A A "O4'" 1 
ATOM 821  C "C3'" . A A 1 39 ? 22.869  -5.223  -15.384 1.00 105.89 ? 37 A A "C3'" 1 
ATOM 822  O "O3'" . A A 1 39 ? 21.835  -4.415  -14.833 1.00 110.64 ? 37 A A "O3'" 1 
ATOM 823  C "C2'" . A A 1 39 ? 23.868  -4.402  -16.186 1.00 101.99 ? 37 A A "C2'" 1 
ATOM 824  O "O2'" . A A 1 39 ? 24.082  -3.136  -15.596 1.00 96.34  ? 37 A A "O2'" 1 
ATOM 825  C "C1'" . A A 1 39 ? 25.136  -5.256  -16.067 1.00 94.00  ? 37 A A "C1'" 1 
ATOM 826  N N9    . A A 1 39 ? 25.314  -6.251  -17.123 1.00 77.66  ? 37 A A N9    1 
ATOM 827  C C8    . A A 1 39 ? 24.576  -7.391  -17.322 1.00 72.20  ? 37 A A C8    1 
ATOM 828  N N7    . A A 1 39 ? 24.989  -8.115  -18.333 1.00 69.34  ? 37 A A N7    1 
ATOM 829  C C5    . A A 1 39 ? 26.067  -7.402  -18.835 1.00 60.06  ? 37 A A C5    1 
ATOM 830  C C6    . A A 1 39 ? 26.936  -7.640  -19.911 1.00 69.30  ? 37 A A C6    1 
ATOM 831  N N6    . A A 1 39 ? 26.850  -8.711  -20.708 1.00 75.16  ? 37 A A N6    1 
ATOM 832  N N1    . A A 1 39 ? 27.906  -6.733  -20.150 1.00 66.47  ? 37 A A N1    1 
ATOM 833  C C2    . A A 1 39 ? 27.986  -5.666  -19.355 1.00 74.81  ? 37 A A C2    1 
ATOM 834  N N3    . A A 1 39 ? 27.227  -5.331  -18.312 1.00 75.73  ? 37 A A N3    1 
ATOM 835  C C4    . A A 1 39 ? 26.275  -6.251  -18.104 1.00 63.90  ? 37 A A C4    1 
ATOM 836  P P     . A A 1 40 ? 20.418  -4.321  -15.580 1.00 109.19 ? 38 A A P     1 
ATOM 837  O OP1   . A A 1 40 ? 19.514  -3.441  -14.793 1.00 102.25 ? 38 A A OP1   1 
ATOM 838  O OP2   . A A 1 40 ? 19.984  -5.701  -15.923 1.00 101.45 ? 38 A A OP2   1 
ATOM 839  O "O5'" . A A 1 40 ? 20.792  -3.528  -16.900 1.00 96.36  ? 38 A A "O5'" 1 
ATOM 840  C "C5'" . A A 1 40 ? 21.305  -2.215  -16.802 1.00 86.77  ? 38 A A "C5'" 1 
ATOM 841  C "C4'" . A A 1 40 ? 21.687  -1.710  -18.160 1.00 85.01  ? 38 A A "C4'" 1 
ATOM 842  O "O4'" . A A 1 40 ? 22.875  -2.388  -18.620 1.00 86.03  ? 38 A A "O4'" 1 
ATOM 843  C "C3'" . A A 1 40 ? 20.683  -1.977  -19.263 1.00 76.68  ? 38 A A "C3'" 1 
ATOM 844  O "O3'" . A A 1 40 ? 19.672  -0.986  -19.258 1.00 79.41  ? 38 A A "O3'" 1 
ATOM 845  C "C2'" . A A 1 40 ? 21.544  -1.811  -20.499 1.00 83.32  ? 38 A A "C2'" 1 
ATOM 846  O "O2'" . A A 1 40 ? 21.723  -0.442  -20.799 1.00 104.03 ? 38 A A "O2'" 1 
ATOM 847  C "C1'" . A A 1 40 ? 22.873  -2.405  -20.032 1.00 83.24  ? 38 A A "C1'" 1 
ATOM 848  N N9    . A A 1 40 ? 23.058  -3.775  -20.491 1.00 75.40  ? 38 A A N9    1 
ATOM 849  C C8    . A A 1 40 ? 22.223  -4.852  -20.349 1.00 70.62  ? 38 A A C8    1 
ATOM 850  N N7    . A A 1 40 ? 22.673  -5.946  -20.923 1.00 64.17  ? 38 A A N7    1 
ATOM 851  C C5    . A A 1 40 ? 23.886  -5.560  -21.465 1.00 60.40  ? 38 A A C5    1 
ATOM 852  C C6    . A A 1 40 ? 24.851  -6.254  -22.195 1.00 60.30  ? 38 A A C6    1 
ATOM 853  N N6    . A A 1 40 ? 24.745  -7.540  -22.518 1.00 67.57  ? 38 A A N6    1 
ATOM 854  N N1    . A A 1 40 ? 25.949  -5.576  -22.591 1.00 66.18  ? 38 A A N1    1 
ATOM 855  C C2    . A A 1 40 ? 26.058  -4.284  -22.264 1.00 74.01  ? 38 A A C2    1 
ATOM 856  N N3    . A A 1 40 ? 25.216  -3.517  -21.576 1.00 77.55  ? 38 A A N3    1 
ATOM 857  C C4    . A A 1 40 ? 24.137  -4.226  -21.203 1.00 74.46  ? 38 A A C4    1 
ATOM 858  P P     . C A 1 41 ? 18.139  -1.421  -19.423 1.00 102.10 ? 39 C A P     1 
ATOM 859  O OP1   . C A 1 41 ? 17.379  -0.182  -19.730 1.00 92.60  ? 39 C A OP1   1 
ATOM 860  O OP2   . C A 1 41 ? 17.739  -2.261  -18.256 1.00 90.07  ? 39 C A OP2   1 
ATOM 861  O "O5'" . C A 1 41 ? 18.147  -2.379  -20.700 1.00 104.23 ? 39 C A "O5'" 1 
ATOM 862  C "C5'" . C A 1 41 ? 18.183  -1.853  -22.026 1.00 102.06 ? 39 C A "C5'" 1 
ATOM 863  C "C4'" . C A 1 41 ? 17.308  -2.685  -22.941 1.00 98.94  ? 39 C A "C4'" 1 
ATOM 864  O "O4'" . C A 1 41 ? 17.889  -3.995  -23.153 1.00 90.76  ? 39 C A "O4'" 1 
ATOM 865  C "C3'" . C A 1 41 ? 15.915  -2.976  -22.410 1.00 100.57 ? 39 C A "C3'" 1 
ATOM 866  O "O3'" . C A 1 41 ? 15.048  -1.904  -22.734 1.00 105.00 ? 39 C A "O3'" 1 
ATOM 867  C "C2'" . C A 1 41 ? 15.509  -4.235  -23.166 1.00 97.85  ? 39 C A "C2'" 1 
ATOM 868  O "O2'" . C A 1 41 ? 14.886  -3.953  -24.402 1.00 95.89  ? 39 C A "O2'" 1 
ATOM 869  C "C1'" . C A 1 41 ? 16.856  -4.934  -23.377 1.00 98.73  ? 39 C A "C1'" 1 
ATOM 870  N N1    . C A 1 41 ? 17.063  -6.073  -22.482 1.00 105.22 ? 39 C A N1    1 
ATOM 871  C C2    . C A 1 41 ? 16.367  -7.246  -22.735 1.00 113.96 ? 39 C A C2    1 
ATOM 872  O O2    . C A 1 41 ? 15.601  -7.286  -23.707 1.00 118.74 ? 39 C A O2    1 
ATOM 873  N N3    . C A 1 41 ? 16.539  -8.307  -21.916 1.00 121.81 ? 39 C A N3    1 
ATOM 874  C C4    . C A 1 41 ? 17.370  -8.219  -20.878 1.00 120.72 ? 39 C A C4    1 
ATOM 875  N N4    . C A 1 41 ? 17.509  -9.290  -20.096 1.00 128.95 ? 39 C A N4    1 
ATOM 876  C C5    . C A 1 41 ? 18.096  -7.028  -20.598 1.00 112.82 ? 39 C A C5    1 
ATOM 877  C C6    . C A 1 41 ? 17.921  -5.991  -21.424 1.00 108.84 ? 39 C A C6    1 
ATOM 878  P P     . C A 1 42 ? 13.548  -1.904  -22.180 1.00 115.50 ? 40 C A P     1 
ATOM 879  O OP1   . C A 1 42 ? 12.921  -0.675  -22.734 1.00 109.48 ? 40 C A OP1   1 
ATOM 880  O OP2   . C A 1 42 ? 13.586  -2.115  -20.707 1.00 109.52 ? 40 C A OP2   1 
ATOM 881  O "O5'" . C A 1 42 ? 12.877  -3.176  -22.866 1.00 105.52 ? 40 C A "O5'" 1 
ATOM 882  C "C5'" . C A 1 42 ? 12.202  -3.051  -24.111 1.00 106.48 ? 40 C A "C5'" 1 
ATOM 883  C "C4'" . C A 1 42 ? 11.296  -4.234  -24.343 1.00 102.52 ? 40 C A "C4'" 1 
ATOM 884  O "O4'" . C A 1 42 ? 12.100  -5.430  -24.476 1.00 104.37 ? 40 C A "O4'" 1 
ATOM 885  C "C3'" . C A 1 42 ? 10.317  -4.563  -23.230 1.00 102.00 ? 40 C A "C3'" 1 
ATOM 886  O "O3'" . C A 1 42 ? 9.142   -3.770  -23.348 1.00 110.14 ? 40 C A "O3'" 1 
ATOM 887  C "C2'" . C A 1 42 ? 10.025  -6.032  -23.502 1.00 98.51  ? 40 C A "C2'" 1 
ATOM 888  O "O2'" . C A 1 42 ? 9.104   -6.209  -24.554 1.00 102.87 ? 40 C A "O2'" 1 
ATOM 889  C "C1'" . C A 1 42 ? 11.398  -6.538  -23.943 1.00 98.33  ? 40 C A "C1'" 1 
ATOM 890  N N1    . C A 1 42 ? 12.174  -7.067  -22.818 1.00 102.19 ? 40 C A N1    1 
ATOM 891  C C2    . C A 1 42 ? 11.850  -8.319  -22.314 1.00 104.23 ? 40 C A C2    1 
ATOM 892  O O2    . C A 1 42 ? 10.936  -8.955  -22.843 1.00 111.87 ? 40 C A O2    1 
ATOM 893  N N3    . C A 1 42 ? 12.537  -8.812  -21.258 1.00 103.31 ? 40 C A N3    1 
ATOM 894  C C4    . C A 1 42 ? 13.517  -8.099  -20.715 1.00 106.86 ? 40 C A C4    1 
ATOM 895  N N4    . C A 1 42 ? 14.168  -8.630  -19.678 1.00 101.06 ? 40 C A N4    1 
ATOM 896  C C5    . C A 1 42 ? 13.875  -6.810  -21.213 1.00 109.29 ? 40 C A C5    1 
ATOM 897  C C6    . C A 1 42 ? 13.186  -6.338  -22.259 1.00 104.80 ? 40 C A C6    1 
ATOM 898  P P     . U A 1 43 ? 8.123   -3.657  -22.109 1.00 120.66 ? 41 U A P     1 
ATOM 899  O OP1   . U A 1 43 ? 6.943   -2.906  -22.604 1.00 127.33 ? 41 U A OP1   1 
ATOM 900  O OP2   . U A 1 43 ? 8.842   -3.173  -20.900 1.00 115.41 ? 41 U A OP2   1 
ATOM 901  O "O5'" . U A 1 43 ? 7.649   -5.155  -21.868 1.00 116.96 ? 41 U A "O5'" 1 
ATOM 902  C "C5'" . U A 1 43 ? 6.688   -5.752  -22.729 1.00 123.93 ? 41 U A "C5'" 1 
ATOM 903  C "C4'" . U A 1 43 ? 6.188   -7.043  -22.134 1.00 129.87 ? 41 U A "C4'" 1 
ATOM 904  O "O4'" . U A 1 43 ? 7.275   -8.003  -22.078 1.00 132.93 ? 41 U A "O4'" 1 
ATOM 905  C "C3'" . U A 1 43 ? 5.705   -6.950  -20.698 1.00 136.27 ? 41 U A "C3'" 1 
ATOM 906  O "O3'" . U A 1 43 ? 4.353   -6.515  -20.637 1.00 134.89 ? 41 U A "O3'" 1 
ATOM 907  C "C2'" . U A 1 43 ? 5.845   -8.388  -20.217 1.00 137.49 ? 41 U A "C2'" 1 
ATOM 908  O "O2'" . U A 1 43 ? 4.758   -9.189  -20.635 1.00 141.22 ? 41 U A "O2'" 1 
ATOM 909  C "C1'" . U A 1 43 ? 7.123   -8.831  -20.935 1.00 133.40 ? 41 U A "C1'" 1 
ATOM 910  N N1    . U A 1 43 ? 8.345   -8.729  -20.120 1.00 126.23 ? 41 U A N1    1 
ATOM 911  C C2    . U A 1 43 ? 8.614   -9.748  -19.218 1.00 122.51 ? 41 U A C2    1 
ATOM 912  O O2    . U A 1 43 ? 7.886   -10.717 -19.067 1.00 109.81 ? 41 U A O2    1 
ATOM 913  N N3    . U A 1 43 ? 9.773   -9.590  -18.500 1.00 121.84 ? 41 U A N3    1 
ATOM 914  C C4    . U A 1 43 ? 10.672  -8.549  -18.589 1.00 118.37 ? 41 U A C4    1 
ATOM 915  O O4    . U A 1 43 ? 11.674  -8.556  -17.875 1.00 121.77 ? 41 U A O4    1 
ATOM 916  C C5    . U A 1 43 ? 10.324  -7.538  -19.536 1.00 118.55 ? 41 U A C5    1 
ATOM 917  C C6    . U A 1 43 ? 9.201   -7.659  -20.253 1.00 124.04 ? 41 U A C6    1 
ATOM 918  P P     . G A 1 44 ? 3.771   -5.928  -19.259 1.00 140.99 ? 42 G A P     1 
ATOM 919  O OP1   . G A 1 44 ? 2.341   -5.617  -19.490 1.00 139.99 ? 42 G A OP1   1 
ATOM 920  O OP2   . G A 1 44 ? 4.684   -4.864  -18.764 1.00 140.71 ? 42 G A OP2   1 
ATOM 921  O "O5'" . G A 1 44 ? 3.835   -7.163  -18.257 1.00 129.54 ? 42 G A "O5'" 1 
ATOM 922  C "C5'" . G A 1 44 ? 3.049   -8.316  -18.504 1.00 125.06 ? 42 G A "C5'" 1 
ATOM 923  C "C4'" . G A 1 44 ? 3.371   -9.402  -17.512 1.00 125.43 ? 42 G A "C4'" 1 
ATOM 924  O "O4'" . G A 1 44 ? 4.759   -9.803  -17.640 1.00 123.99 ? 42 G A "O4'" 1 
ATOM 925  C "C3'" . G A 1 44 ? 3.262   -9.042  -16.045 1.00 122.91 ? 42 G A "C3'" 1 
ATOM 926  O "O3'" . G A 1 44 ? 1.902   -9.054  -15.628 1.00 126.86 ? 42 G A "O3'" 1 
ATOM 927  C "C2'" . G A 1 44 ? 4.058   -10.174 -15.403 1.00 122.74 ? 42 G A "C2'" 1 
ATOM 928  O "O2'" . G A 1 44 ? 3.324   -11.377 -15.324 1.00 115.62 ? 42 G A "O2'" 1 
ATOM 929  C "C1'" . G A 1 44 ? 5.193   -10.361 -16.412 1.00 122.39 ? 42 G A "C1'" 1 
ATOM 930  N N9    . G A 1 44 ? 6.433   -9.713  -16.001 1.00 124.02 ? 42 G A N9    1 
ATOM 931  C C8    . G A 1 44 ? 7.001   -8.574  -16.518 1.00 125.34 ? 42 G A C8    1 
ATOM 932  N N7    . G A 1 44 ? 8.114   -8.243  -15.922 1.00 125.02 ? 42 G A N7    1 
ATOM 933  C C5    . G A 1 44 ? 8.291   -9.223  -14.955 1.00 126.55 ? 42 G A C5    1 
ATOM 934  C C6    . G A 1 44 ? 9.324   -9.398  -13.992 1.00 130.36 ? 42 G A C6    1 
ATOM 935  O O6    . G A 1 44 ? 10.326  -8.697  -13.794 1.00 134.28 ? 42 G A O6    1 
ATOM 936  N N1    . G A 1 44 ? 9.104   -10.525 -13.211 1.00 127.45 ? 42 G A N1    1 
ATOM 937  C C2    . G A 1 44 ? 8.036   -11.376 -13.338 1.00 132.28 ? 42 G A C2    1 
ATOM 938  N N2    . G A 1 44 ? 8.000   -12.412 -12.494 1.00 141.38 ? 42 G A N2    1 
ATOM 939  N N3    . G A 1 44 ? 7.072   -11.223 -14.226 1.00 128.07 ? 42 G A N3    1 
ATOM 940  C C4    . G A 1 44 ? 7.261   -10.136 -14.995 1.00 123.55 ? 42 G A C4    1 
ATOM 941  P P     . U A 1 45 ? 1.399   -7.996  -14.527 1.00 136.63 ? 43 U A P     1 
ATOM 942  O OP1   . U A 1 45 ? -0.080  -8.102  -14.447 1.00 132.32 ? 43 U A OP1   1 
ATOM 943  O OP2   . U A 1 45 ? 2.027   -6.680  -14.824 1.00 132.59 ? 43 U A OP2   1 
ATOM 944  O "O5'" . U A 1 45 ? 2.002   -8.555  -13.163 1.00 133.37 ? 43 U A "O5'" 1 
ATOM 945  C "C5'" . U A 1 45 ? 1.758   -9.901  -12.765 1.00 126.76 ? 43 U A "C5'" 1 
ATOM 946  C "C4'" . U A 1 45 ? 2.818   -10.365 -11.798 1.00 118.62 ? 43 U A "C4'" 1 
ATOM 947  O "O4'" . U A 1 45 ? 4.116   -10.311 -12.434 1.00 118.60 ? 43 U A "O4'" 1 
ATOM 948  C "C3'" . U A 1 45 ? 2.990   -9.515  -10.554 1.00 118.18 ? 43 U A "C3'" 1 
ATOM 949  O "O3'" . U A 1 45 ? 2.030   -9.908  -9.585  1.00 116.06 ? 43 U A "O3'" 1 
ATOM 950  C "C2'" . U A 1 45 ? 4.403   -9.875  -10.112 1.00 118.71 ? 43 U A "C2'" 1 
ATOM 951  O "O2'" . U A 1 45 ? 4.453   -11.093 -9.402  1.00 128.59 ? 43 U A "O2'" 1 
ATOM 952  C "C1'" . U A 1 45 ? 5.109   -10.063 -11.456 1.00 118.22 ? 43 U A "C1'" 1 
ATOM 953  N N1    . U A 1 45 ? 5.902   -8.898  -11.868 1.00 118.19 ? 43 U A N1    1 
ATOM 954  C C2    . U A 1 45 ? 7.120   -8.719  -11.257 1.00 116.82 ? 43 U A C2    1 
ATOM 955  O O2    . U A 1 45 ? 7.551   -9.484  -10.429 1.00 117.06 ? 43 U A O2    1 
ATOM 956  N N3    . U A 1 45 ? 7.815   -7.609  -11.654 1.00 118.51 ? 43 U A N3    1 
ATOM 957  C C4    . U A 1 45 ? 7.420   -6.679  -12.591 1.00 121.60 ? 43 U A C4    1 
ATOM 958  O O4    . U A 1 45 ? 8.157   -5.727  -12.846 1.00 124.65 ? 43 U A O4    1 
ATOM 959  C C5    . U A 1 45 ? 6.146   -6.939  -13.186 1.00 122.67 ? 43 U A C5    1 
ATOM 960  C C6    . U A 1 45 ? 5.450   -8.017  -12.815 1.00 120.84 ? 43 U A C6    1 
ATOM 961  P P     . A A 1 46 ? 1.726   -8.954  -8.335  1.00 124.69 ? 44 A A P     1 
ATOM 962  O OP1   . A A 1 46 ? 0.404   -9.370  -7.797  1.00 116.66 ? 44 A A OP1   1 
ATOM 963  O OP2   . A A 1 46 ? 1.936   -7.544  -8.752  1.00 117.32 ? 44 A A OP2   1 
ATOM 964  O "O5'" . A A 1 46 ? 2.868   -9.323  -7.282  1.00 117.44 ? 44 A A "O5'" 1 
ATOM 965  C "C5'" . A A 1 46 ? 3.202   -10.680 -6.998  1.00 103.79 ? 44 A A "C5'" 1 
ATOM 966  C "C4'" . A A 1 46 ? 4.328   -10.745 -5.991  1.00 104.81 ? 44 A A "C4'" 1 
ATOM 967  O "O4'" . A A 1 46 ? 5.534   -10.154 -6.549  1.00 109.34 ? 44 A A "O4'" 1 
ATOM 968  C "C3'" . A A 1 46 ? 4.082   -10.018 -4.675  1.00 110.93 ? 44 A A "C3'" 1 
ATOM 969  O "O3'" . A A 1 46 ? 4.749   -10.719 -3.639  1.00 117.42 ? 44 A A "O3'" 1 
ATOM 970  C "C2'" . A A 1 46 ? 4.789   -8.686  -4.889  1.00 110.03 ? 44 A A "C2'" 1 
ATOM 971  O "O2'" . A A 1 46 ? 5.193   -8.099  -3.669  1.00 112.36 ? 44 A A "O2'" 1 
ATOM 972  C "C1'" . A A 1 46 ? 6.008   -9.133  -5.689  1.00 107.82 ? 44 A A "C1'" 1 
ATOM 973  N N9    . A A 1 46 ? 6.605   -8.085  -6.514  1.00 109.64 ? 44 A A N9    1 
ATOM 974  C C8    . A A 1 46 ? 6.065   -7.508  -7.635  1.00 116.93 ? 44 A A C8    1 
ATOM 975  N N7    . A A 1 46 ? 6.837   -6.607  -8.192  1.00 118.92 ? 44 A A N7    1 
ATOM 976  C C5    . A A 1 46 ? 7.960   -6.583  -7.379  1.00 118.34 ? 44 A A C5    1 
ATOM 977  C C6    . A A 1 46 ? 9.144   -5.833  -7.435  1.00 123.36 ? 44 A A C6    1 
ATOM 978  N N6    . A A 1 46 ? 9.397   -4.929  -8.381  1.00 130.64 ? 44 A A N6    1 
ATOM 979  N N1    . A A 1 46 ? 10.071  -6.047  -6.478  1.00 123.40 ? 44 A A N1    1 
ATOM 980  C C2    . A A 1 46 ? 9.808   -6.955  -5.528  1.00 125.16 ? 44 A A C2    1 
ATOM 981  N N3    . A A 1 46 ? 8.729   -7.723  -5.368  1.00 122.90 ? 44 A A N3    1 
ATOM 982  C C4    . A A 1 46 ? 7.831   -7.486  -6.339  1.00 115.97 ? 44 A A C4    1 
ATOM 983  P P     . G A 1 47 ? 4.184   -12.136 -3.155  1.00 122.66 ? 45 G A P     1 
ATOM 984  O OP1   . G A 1 47 ? 5.148   -13.173 -3.597  1.00 116.38 ? 45 G A OP1   1 
ATOM 985  O OP2   . G A 1 47 ? 2.762   -12.228 -3.576  1.00 116.33 ? 45 G A OP2   1 
ATOM 986  O "O5'" . G A 1 47 ? 4.252   -12.044 -1.569  1.00 114.49 ? 45 G A "O5'" 1 
ATOM 987  C "C5'" . G A 1 47 ? 5.486   -12.216 -0.888  1.00 121.91 ? 45 G A "C5'" 1 
ATOM 988  C "C4'" . G A 1 47 ? 5.397   -11.619 0.490   1.00 125.24 ? 45 G A "C4'" 1 
ATOM 989  O "O4'" . G A 1 47 ? 5.288   -10.173 0.379   1.00 130.48 ? 45 G A "O4'" 1 
ATOM 990  C "C3'" . G A 1 47 ? 4.161   -12.024 1.270   1.00 121.98 ? 45 G A "C3'" 1 
ATOM 991  O "O3'" . G A 1 47 ? 4.316   -13.273 1.916   1.00 121.38 ? 45 G A "O3'" 1 
ATOM 992  C "C2'" . G A 1 47 ? 4.025   -10.864 2.240   1.00 125.55 ? 45 G A "C2'" 1 
ATOM 993  O "O2'" . G A 1 47 ? 4.969   -10.922 3.289   1.00 122.84 ? 45 G A "O2'" 1 
ATOM 994  C "C1'" . G A 1 47 ? 4.329   -9.691  1.310   1.00 126.50 ? 45 G A "C1'" 1 
ATOM 995  N N9    . G A 1 47 ? 3.134   -9.346  0.552   1.00 124.70 ? 45 G A N9    1 
ATOM 996  C C8    . G A 1 47 ? 2.898   -9.632  -0.768  1.00 125.73 ? 45 G A C8    1 
ATOM 997  N N7    . G A 1 47 ? 1.714   -9.262  -1.167  1.00 128.39 ? 45 G A N7    1 
ATOM 998  C C5    . G A 1 47 ? 1.138   -8.684  -0.045  1.00 119.18 ? 45 G A C5    1 
ATOM 999  C C6    . G A 1 47 ? -0.136  -8.103  0.128   1.00 117.95 ? 45 G A C6    1 
ATOM 1000 O O6    . G A 1 47 ? -1.042  -7.975  -0.700  1.00 131.63 ? 45 G A O6    1 
ATOM 1001 N N1    . G A 1 47 ? -0.311  -7.635  1.418   1.00 112.97 ? 45 G A N1    1 
ATOM 1002 C C2    . G A 1 47 ? 0.615   -7.723  2.419   1.00 117.58 ? 45 G A C2    1 
ATOM 1003 N N2    . G A 1 47 ? 0.243   -7.217  3.598   1.00 122.50 ? 45 G A N2    1 
ATOM 1004 N N3    . G A 1 47 ? 1.811   -8.264  2.275   1.00 117.51 ? 45 G A N3    1 
ATOM 1005 C C4    . G A 1 47 ? 2.004   -8.720  1.023   1.00 118.57 ? 45 G A C4    1 
ATOM 1006 P P     . C A 1 48 ? 3.021   -14.184 2.184   1.00 132.86 ? 46 C A P     1 
ATOM 1007 O OP1   . C A 1 48 ? 3.469   -15.403 2.900   1.00 135.43 ? 46 C A OP1   1 
ATOM 1008 O OP2   . C A 1 48 ? 2.257   -14.318 0.917   1.00 123.76 ? 46 C A OP2   1 
ATOM 1009 O "O5'" . C A 1 48 ? 2.165   -13.312 3.204   1.00 133.51 ? 46 C A "O5'" 1 
ATOM 1010 C "C5'" . C A 1 48 ? 2.709   -12.930 4.464   1.00 133.20 ? 46 C A "C5'" 1 
ATOM 1011 C "C4'" . C A 1 48 ? 1.648   -12.275 5.314   1.00 135.60 ? 46 C A "C4'" 1 
ATOM 1012 O "O4'" . C A 1 48 ? 1.301   -10.970 4.770   1.00 135.50 ? 46 C A "O4'" 1 
ATOM 1013 C "C3'" . C A 1 48 ? 0.322   -13.009 5.366   1.00 134.93 ? 46 C A "C3'" 1 
ATOM 1014 O "O3'" . C A 1 48 ? 0.339   -14.073 6.300   1.00 134.25 ? 46 C A "O3'" 1 
ATOM 1015 C "C2'" . C A 1 48 ? -0.630  -11.900 5.783   1.00 137.11 ? 46 C A "C2'" 1 
ATOM 1016 O "O2'" . C A 1 48 ? -0.561  -11.611 7.166   1.00 132.90 ? 46 C A "O2'" 1 
ATOM 1017 C "C1'" . C A 1 48 ? -0.086  -10.728 4.964   1.00 134.86 ? 46 C A "C1'" 1 
ATOM 1018 N N1    . C A 1 48 ? -0.731  -10.647 3.644   1.00 130.08 ? 46 C A N1    1 
ATOM 1019 C C2    . C A 1 48 ? -2.002  -10.083 3.552   1.00 122.06 ? 46 C A C2    1 
ATOM 1020 O O2    . C A 1 48 ? -2.543  -9.663  4.576   1.00 123.62 ? 46 C A O2    1 
ATOM 1021 N N3    . C A 1 48 ? -2.608  -10.013 2.352   1.00 119.18 ? 46 C A N3    1 
ATOM 1022 C C4    . C A 1 48 ? -1.993  -10.481 1.268   1.00 121.21 ? 46 C A C4    1 
ATOM 1023 N N4    . C A 1 48 ? -2.632  -10.395 0.106   1.00 128.21 ? 46 C A N4    1 
ATOM 1024 C C5    . C A 1 48 ? -0.695  -11.059 1.329   1.00 121.77 ? 46 C A C5    1 
ATOM 1025 C C6    . C A 1 48 ? -0.103  -11.116 2.527   1.00 129.74 ? 46 C A C6    1 
ATOM 1026 P P     . U A 1 49 ? -0.810  -15.188 6.238   1.00 141.36 ? 47 U A P     1 
ATOM 1027 O OP1   . U A 1 49 ? -0.676  -16.008 7.465   1.00 142.99 ? 47 U A OP1   1 
ATOM 1028 O OP2   . U A 1 49 ? -0.787  -15.848 4.903   1.00 134.09 ? 47 U A OP2   1 
ATOM 1029 O "O5'" . U A 1 49 ? -2.152  -14.344 6.363   1.00 129.45 ? 47 U A "O5'" 1 
ATOM 1030 C "C5'" . U A 1 49 ? -2.512  -13.747 7.599   1.00 127.95 ? 47 U A "C5'" 1 
ATOM 1031 C "C4'" . U A 1 49 ? -3.955  -13.321 7.564   1.00 131.40 ? 47 U A "C4'" 1 
ATOM 1032 O "O4'" . U A 1 49 ? -4.115  -12.209 6.645   1.00 135.38 ? 47 U A "O4'" 1 
ATOM 1033 C "C3'" . U A 1 49 ? -4.919  -14.360 7.025   1.00 131.68 ? 47 U A "C3'" 1 
ATOM 1034 O "O3'" . U A 1 49 ? -5.273  -15.313 8.013   1.00 132.48 ? 47 U A "O3'" 1 
ATOM 1035 C "C2'" . U A 1 49 ? -6.108  -13.499 6.627   1.00 128.81 ? 47 U A "C2'" 1 
ATOM 1036 O "O2'" . U A 1 49 ? -6.867  -13.112 7.751   1.00 130.28 ? 47 U A "O2'" 1 
ATOM 1037 C "C1'" . U A 1 49 ? -5.405  -12.268 6.055   1.00 128.69 ? 47 U A "C1'" 1 
ATOM 1038 N N1    . U A 1 49 ? -5.253  -12.302 4.592   1.00 122.97 ? 47 U A N1    1 
ATOM 1039 C C2    . U A 1 49 ? -6.349  -11.948 3.827   1.00 118.25 ? 47 U A C2    1 
ATOM 1040 O O2    . U A 1 49 ? -7.422  -11.636 4.314   1.00 110.22 ? 47 U A O2    1 
ATOM 1041 N N3    . U A 1 49 ? -6.140  -11.974 2.470   1.00 116.21 ? 47 U A N3    1 
ATOM 1042 C C4    . U A 1 49 ? -4.974  -12.320 1.817   1.00 114.60 ? 47 U A C4    1 
ATOM 1043 O O4    . U A 1 49 ? -4.941  -12.301 0.588   1.00 111.18 ? 47 U A O4    1 
ATOM 1044 C C5    . U A 1 49 ? -3.890  -12.678 2.678   1.00 113.78 ? 47 U A C5    1 
ATOM 1045 C C6    . U A 1 49 ? -4.063  -12.659 4.002   1.00 118.51 ? 47 U A C6    1 
ATOM 1046 P P     . G A 1 50 A -5.757  -16.773 7.557   1.00 142.35 ? 47 G A P     1 
ATOM 1047 O OP1   . G A 1 50 A -6.021  -17.547 8.796   1.00 139.44 ? 47 G A OP1   1 
ATOM 1048 O OP2   . G A 1 50 A -4.789  -17.296 6.550   1.00 133.49 ? 47 G A OP2   1 
ATOM 1049 O "O5'" . G A 1 50 A -7.158  -16.504 6.847   1.00 136.52 ? 47 G A "O5'" 1 
ATOM 1050 C "C5'" . G A 1 50 A -8.252  -15.998 7.602   1.00 133.37 ? 47 G A "C5'" 1 
ATOM 1051 C "C4'" . G A 1 50 A -9.371  -15.542 6.695   1.00 131.95 ? 47 G A "C4'" 1 
ATOM 1052 O "O4'" . G A 1 50 A -8.902  -14.490 5.813   1.00 133.72 ? 47 G A "O4'" 1 
ATOM 1053 C "C3'" . G A 1 50 A -9.957  -16.560 5.733   1.00 131.49 ? 47 G A "C3'" 1 
ATOM 1054 O "O3'" . G A 1 50 A -10.902 -17.392 6.391   1.00 134.84 ? 47 G A "O3'" 1 
ATOM 1055 C "C2'" . G A 1 50 A -10.674 -15.651 4.744   1.00 133.05 ? 47 G A "C2'" 1 
ATOM 1056 O "O2'" . G A 1 50 A -11.893 -15.177 5.278   1.00 130.45 ? 47 G A "O2'" 1 
ATOM 1057 C "C1'" . G A 1 50 A -9.695  -14.481 4.640   1.00 132.11 ? 47 G A "C1'" 1 
ATOM 1058 N N9    . G A 1 50 A -8.824  -14.563 3.471   1.00 134.51 ? 47 G A N9    1 
ATOM 1059 C C8    . G A 1 50 A -7.484  -14.870 3.431   1.00 133.38 ? 47 G A C8    1 
ATOM 1060 N N7    . G A 1 50 A -6.990  -14.850 2.221   1.00 130.90 ? 47 G A N7    1 
ATOM 1061 C C5    . G A 1 50 A -8.072  -14.515 1.414   1.00 131.82 ? 47 G A C5    1 
ATOM 1062 C C6    . G A 1 50 A -8.161  -14.340 0.003   1.00 131.82 ? 47 G A C6    1 
ATOM 1063 O O6    . G A 1 50 A -7.275  -14.451 -0.849  1.00 133.76 ? 47 G A O6    1 
ATOM 1064 N N1    . G A 1 50 A -9.451  -13.999 -0.391  1.00 127.72 ? 47 G A N1    1 
ATOM 1065 C C2    . G A 1 50 A -10.519 -13.846 0.452   1.00 126.53 ? 47 G A C2    1 
ATOM 1066 N N2    . G A 1 50 A -11.681 -13.514 -0.127  1.00 125.46 ? 47 G A N2    1 
ATOM 1067 N N3    . G A 1 50 A -10.454 -14.005 1.764   1.00 127.48 ? 47 G A N3    1 
ATOM 1068 C C4    . G A 1 50 A -9.210  -14.336 2.172   1.00 131.89 ? 47 G A C4    1 
ATOM 1069 P P     . U A 1 51 B -11.348 -18.782 5.714   1.00 139.31 ? 47 U A P     1 
ATOM 1070 O OP1   . U A 1 51 B -12.121 -19.533 6.741   1.00 140.55 ? 47 U A OP1   1 
ATOM 1071 O OP2   . U A 1 51 B -10.159 -19.409 5.086   1.00 136.20 ? 47 U A OP2   1 
ATOM 1072 O "O5'" . U A 1 51 B -12.351 -18.365 4.548   1.00 127.44 ? 47 U A "O5'" 1 
ATOM 1073 C "C5'" . U A 1 51 B -13.668 -17.929 4.848   1.00 116.81 ? 47 U A "C5'" 1 
ATOM 1074 C "C4'" . U A 1 51 B -14.401 -17.565 3.581   1.00 114.21 ? 47 U A "C4'" 1 
ATOM 1075 O "O4'" . U A 1 51 B -13.650 -16.557 2.849   1.00 114.01 ? 47 U A "O4'" 1 
ATOM 1076 C "C3'" . U A 1 51 B -14.566 -18.689 2.578   1.00 118.63 ? 47 U A "C3'" 1 
ATOM 1077 O "O3'" . U A 1 51 B -15.689 -19.483 2.940   1.00 123.89 ? 47 U A "O3'" 1 
ATOM 1078 C "C2'" . U A 1 51 B -14.810 -17.913 1.290   1.00 117.78 ? 47 U A "C2'" 1 
ATOM 1079 O "O2'" . U A 1 51 B -16.132 -17.419 1.199   1.00 117.10 ? 47 U A "O2'" 1 
ATOM 1080 C "C1'" . U A 1 51 B -13.842 -16.741 1.454   1.00 110.69 ? 47 U A "C1'" 1 
ATOM 1081 N N1    . U A 1 51 B -12.529 -16.984 0.837   1.00 108.57 ? 47 U A N1    1 
ATOM 1082 C C2    . U A 1 51 B -12.414 -16.848 -0.543  1.00 103.41 ? 47 U A C2    1 
ATOM 1083 O O2    . U A 1 51 B -13.350 -16.546 -1.262  1.00 90.00  ? 47 U A O2    1 
ATOM 1084 N N3    . U A 1 51 B -11.157 -17.079 -1.045  1.00 107.99 ? 47 U A N3    1 
ATOM 1085 C C4    . U A 1 51 B -10.023 -17.428 -0.324  1.00 112.79 ? 47 U A C4    1 
ATOM 1086 O O4    . U A 1 51 B -8.955  -17.607 -0.916  1.00 108.09 ? 47 U A O4    1 
ATOM 1087 C C5    . U A 1 51 B -10.226 -17.550 1.088   1.00 109.73 ? 47 U A C5    1 
ATOM 1088 C C6    . U A 1 51 B -11.440 -17.330 1.606   1.00 110.21 ? 47 U A C6    1 
ATOM 1089 P P     . C A 1 52 C -15.653 -21.070 2.707   1.00 129.81 ? 47 C A P     1 
ATOM 1090 O OP1   . C A 1 52 C -16.897 -21.644 3.279   1.00 131.00 ? 47 C A OP1   1 
ATOM 1091 O OP2   . C A 1 52 C -14.335 -21.571 3.156   1.00 120.25 ? 47 C A OP2   1 
ATOM 1092 O "O5'" . C A 1 52 C -15.775 -21.228 1.131   1.00 126.92 ? 47 C A "O5'" 1 
ATOM 1093 C "C5'" . C A 1 52 C -17.010 -20.951 0.481   1.00 123.54 ? 47 C A "C5'" 1 
ATOM 1094 C "C4'" . C A 1 52 C -16.769 -20.570 -0.961  1.00 125.18 ? 47 C A "C4'" 1 
ATOM 1095 O "O4'" . C A 1 52 C -15.679 -19.612 -1.000  1.00 121.47 ? 47 C A "O4'" 1 
ATOM 1096 C "C3'" . C A 1 52 C -16.273 -21.679 -1.876  1.00 125.07 ? 47 C A "C3'" 1 
ATOM 1097 O "O3'" . C A 1 52 C -17.371 -22.448 -2.365  1.00 132.55 ? 47 C A "O3'" 1 
ATOM 1098 C "C2'" . C A 1 52 C -15.621 -20.887 -3.003  1.00 119.51 ? 47 C A "C2'" 1 
ATOM 1099 O "O2'" . C A 1 52 C -16.587 -20.381 -3.900  1.00 122.79 ? 47 C A "O2'" 1 
ATOM 1100 C "C1'" . C A 1 52 C -14.997 -19.721 -2.235  1.00 116.77 ? 47 C A "C1'" 1 
ATOM 1101 N N1    . C A 1 52 C -13.554 -19.891 -1.993  1.00 115.38 ? 47 C A N1    1 
ATOM 1102 C C2    . C A 1 52 C -12.713 -19.890 -3.108  1.00 118.72 ? 47 C A C2    1 
ATOM 1103 O O2    . C A 1 52 C -13.217 -19.731 -4.225  1.00 118.35 ? 47 C A O2    1 
ATOM 1104 N N3    . C A 1 52 C -11.386 -20.065 -2.951  1.00 115.19 ? 47 C A N3    1 
ATOM 1105 C C4    . C A 1 52 C -10.880 -20.233 -1.727  1.00 112.41 ? 47 C A C4    1 
ATOM 1106 N N4    . C A 1 52 C -9.555  -20.404 -1.622  1.00 105.92 ? 47 C A N4    1 
ATOM 1107 C C5    . C A 1 52 C -11.712 -20.233 -0.558  1.00 112.29 ? 47 C A C5    1 
ATOM 1108 C C6    . C A 1 52 C -13.034 -20.058 -0.737  1.00 111.90 ? 47 C A C6    1 
ATOM 1109 P P     . U A 1 53 D -17.237 -24.047 -2.480  1.00 136.94 ? 47 U A P     1 
ATOM 1110 O OP1   . U A 1 53 D -18.548 -24.589 -2.944  1.00 129.34 ? 47 U A OP1   1 
ATOM 1111 O OP2   . U A 1 53 D -16.660 -24.530 -1.197  1.00 126.44 ? 47 U A OP2   1 
ATOM 1112 O "O5'" . U A 1 53 D -16.156 -24.256 -3.636  1.00 138.00 ? 47 U A "O5'" 1 
ATOM 1113 C "C5'" . U A 1 53 D -16.523 -24.157 -5.012  1.00 134.28 ? 47 U A "C5'" 1 
ATOM 1114 C "C4'" . U A 1 53 D -15.356 -24.530 -5.911  1.00 133.05 ? 47 U A "C4'" 1 
ATOM 1115 O "O4'" . U A 1 53 D -14.308 -23.520 -5.854  1.00 126.43 ? 47 U A "O4'" 1 
ATOM 1116 C "C3'" . U A 1 53 D -14.619 -25.817 -5.583  1.00 137.27 ? 47 U A "C3'" 1 
ATOM 1117 O "O3'" . U A 1 53 D -15.325 -26.973 -6.021  1.00 143.67 ? 47 U A "O3'" 1 
ATOM 1118 C "C2'" . U A 1 53 D -13.301 -25.627 -6.330  1.00 134.18 ? 47 U A "C2'" 1 
ATOM 1119 O "O2'" . U A 1 53 D -13.389 -25.905 -7.714  1.00 132.16 ? 47 U A "O2'" 1 
ATOM 1120 C "C1'" . U A 1 53 D -13.048 -24.133 -6.113  1.00 130.20 ? 47 U A "C1'" 1 
ATOM 1121 N N1    . U A 1 53 D -12.160 -23.890 -4.967  1.00 126.37 ? 47 U A N1    1 
ATOM 1122 C C2    . U A 1 53 D -10.799 -23.913 -5.195  1.00 122.46 ? 47 U A C2    1 
ATOM 1123 O O2    . U A 1 53 D -10.317 -24.118 -6.292  1.00 124.99 ? 47 U A O2    1 
ATOM 1124 N N3    . U A 1 53 D -10.023 -23.683 -4.088  1.00 119.50 ? 47 U A N3    1 
ATOM 1125 C C4    . U A 1 53 D -10.461 -23.440 -2.806  1.00 120.52 ? 47 U A C4    1 
ATOM 1126 O O4    . U A 1 53 D -9.640  -23.249 -1.911  1.00 125.69 ? 47 U A O4    1 
ATOM 1127 C C5    . U A 1 53 D -11.880 -23.434 -2.653  1.00 123.07 ? 47 U A C5    1 
ATOM 1128 C C6    . U A 1 53 D -12.662 -23.654 -3.714  1.00 127.47 ? 47 U A C6    1 
ATOM 1129 P P     . A A 1 54 E -15.314 -28.295 -5.105  1.00 148.71 ? 47 A A P     1 
ATOM 1130 O OP1   . A A 1 54 E -16.352 -29.207 -5.647  1.00 140.07 ? 47 A A OP1   1 
ATOM 1131 O OP2   . A A 1 54 E -15.377 -27.869 -3.680  1.00 144.32 ? 47 A A OP2   1 
ATOM 1132 O "O5'" . A A 1 54 E -13.875 -28.936 -5.361  1.00 138.45 ? 47 A A "O5'" 1 
ATOM 1133 C "C5'" . A A 1 54 E -13.300 -29.853 -4.432  1.00 123.90 ? 47 A A "C5'" 1 
ATOM 1134 C "C4'" . A A 1 54 E -12.102 -30.541 -5.051  1.00 121.54 ? 47 A A "C4'" 1 
ATOM 1135 O "O4'" . A A 1 54 E -12.535 -31.262 -6.236  1.00 121.72 ? 47 A A "O4'" 1 
ATOM 1136 C "C3'" . A A 1 54 E -10.997 -29.617 -5.542  1.00 122.00 ? 47 A A "C3'" 1 
ATOM 1137 O "O3'" . A A 1 54 E -10.082 -29.331 -4.491  1.00 126.72 ? 47 A A "O3'" 1 
ATOM 1138 C "C2'" . A A 1 54 E -10.349 -30.445 -6.645  1.00 120.52 ? 47 A A "C2'" 1 
ATOM 1139 O "O2'" . A A 1 54 E -9.465  -31.436 -6.157  1.00 128.33 ? 47 A A "O2'" 1 
ATOM 1140 C "C1'" . A A 1 54 E -11.571 -31.121 -7.264  1.00 115.90 ? 47 A A "C1'" 1 
ATOM 1141 N N9    . A A 1 54 E -12.176 -30.335 -8.335  1.00 113.84 ? 47 A A N9    1 
ATOM 1142 C C8    . A A 1 54 E -13.351 -29.621 -8.294  1.00 110.12 ? 47 A A C8    1 
ATOM 1143 N N7    . A A 1 54 E -13.648 -29.030 -9.426  1.00 108.74 ? 47 A A N7    1 
ATOM 1144 C C5    . A A 1 54 E -12.596 -29.373 -10.267 1.00 107.00 ? 47 A A C5    1 
ATOM 1145 C C6    . A A 1 54 E -12.317 -29.061 -11.609 1.00 102.11 ? 47 A A C6    1 
ATOM 1146 N N6    . A A 1 54 E -13.104 -28.301 -12.370 1.00 104.76 ? 47 A A N6    1 
ATOM 1147 N N1    . A A 1 54 E -11.187 -29.562 -12.147 1.00 103.53 ? 47 A A N1    1 
ATOM 1148 C C2    . A A 1 54 E -10.395 -30.324 -11.379 1.00 109.27 ? 47 A A C2    1 
ATOM 1149 N N3    . A A 1 54 E -10.549 -30.687 -10.107 1.00 104.49 ? 47 A A N3    1 
ATOM 1150 C C4    . A A 1 54 E -11.682 -30.173 -9.605  1.00 107.91 ? 47 A A C4    1 
ATOM 1151 P P     . G A 1 55 F -9.525  -27.835 -4.304  1.00 131.03 ? 47 G A P     1 
ATOM 1152 O OP1   . G A 1 55 F -8.896  -27.754 -2.959  1.00 125.64 ? 47 G A OP1   1 
ATOM 1153 O OP2   . G A 1 55 F -10.618 -26.890 -4.664  1.00 128.91 ? 47 G A OP2   1 
ATOM 1154 O "O5'" . G A 1 55 F -8.366  -27.705 -5.387  1.00 119.03 ? 47 G A "O5'" 1 
ATOM 1155 C "C5'" . G A 1 55 F -7.217  -28.544 -5.342  1.00 121.96 ? 47 G A "C5'" 1 
ATOM 1156 C "C4'" . G A 1 55 F -6.636  -28.677 -6.726  1.00 123.61 ? 47 G A "C4'" 1 
ATOM 1157 O "O4'" . G A 1 55 F -7.667  -29.226 -7.590  1.00 124.91 ? 47 G A "O4'" 1 
ATOM 1158 C "C3'" . G A 1 55 F -6.253  -27.355 -7.373  1.00 128.68 ? 47 G A "C3'" 1 
ATOM 1159 O "O3'" . G A 1 55 F -4.903  -27.027 -7.087  1.00 133.96 ? 47 G A "O3'" 1 
ATOM 1160 C "C2'" . G A 1 55 F -6.441  -27.650 -8.849  1.00 127.91 ? 47 G A "C2'" 1 
ATOM 1161 O "O2'" . G A 1 55 F -5.361  -28.398 -9.378  1.00 129.77 ? 47 G A "O2'" 1 
ATOM 1162 C "C1'" . G A 1 55 F -7.706  -28.508 -8.810  1.00 120.94 ? 47 G A "C1'" 1 
ATOM 1163 N N9    . G A 1 55 F -8.940  -27.730 -8.820  1.00 107.72 ? 47 G A N9    1 
ATOM 1164 C C8    . G A 1 55 F -9.722  -27.423 -7.734  1.00 93.12  ? 47 G A C8    1 
ATOM 1165 N N7    . G A 1 55 F -10.782 -26.730 -8.044  1.00 97.77  ? 47 G A N7    1 
ATOM 1166 C C5    . G A 1 55 F -10.695 -26.566 -9.420  1.00 98.37  ? 47 G A C5    1 
ATOM 1167 C C6    . G A 1 55 F -11.564 -25.897 -10.321 1.00 91.91  ? 47 G A C6    1 
ATOM 1168 O O6    . G A 1 55 F -12.614 -25.300 -10.074 1.00 87.56  ? 47 G A O6    1 
ATOM 1169 N N1    . G A 1 55 F -11.100 -25.970 -11.630 1.00 94.15  ? 47 G A N1    1 
ATOM 1170 C C2    . G A 1 55 F -9.948  -26.605 -12.023 1.00 105.53 ? 47 G A C2    1 
ATOM 1171 N N2    . G A 1 55 F -9.676  -26.566 -13.338 1.00 107.09 ? 47 G A N2    1 
ATOM 1172 N N3    . G A 1 55 F -9.127  -27.234 -11.192 1.00 101.60 ? 47 G A N3    1 
ATOM 1173 C C4    . G A 1 55 F -9.560  -27.174 -9.914  1.00 102.87 ? 47 G A C4    1 
ATOM 1174 P P     . C A 1 56 G -4.426  -25.494 -7.156  1.00 139.92 ? 47 C A P     1 
ATOM 1175 O OP1   . C A 1 56 G -2.943  -25.532 -7.093  1.00 140.01 ? 47 C A OP1   1 
ATOM 1176 O OP2   . C A 1 56 G -5.183  -24.700 -6.154  1.00 129.03 ? 47 C A OP2   1 
ATOM 1177 O "O5'" . C A 1 56 G -4.831  -25.011 -8.621  1.00 130.00 ? 47 C A "O5'" 1 
ATOM 1178 C "C5'" . C A 1 56 G -3.962  -25.259 -9.722  1.00 129.87 ? 47 C A "C5'" 1 
ATOM 1179 C "C4'" . C A 1 56 G -4.441  -24.538 -10.962 1.00 132.41 ? 47 C A "C4'" 1 
ATOM 1180 O "O4'" . C A 1 56 G -5.793  -24.963 -11.272 1.00 134.85 ? 47 C A "O4'" 1 
ATOM 1181 C "C3'" . C A 1 56 G -4.554  -23.022 -10.914 1.00 133.53 ? 47 C A "C3'" 1 
ATOM 1182 O "O3'" . C A 1 56 G -3.287  -22.402 -11.143 1.00 132.50 ? 47 C A "O3'" 1 
ATOM 1183 C "C2'" . C A 1 56 G -5.484  -22.757 -12.095 1.00 131.97 ? 47 C A "C2'" 1 
ATOM 1184 O "O2'" . C A 1 56 G -4.803  -22.801 -13.334 1.00 130.57 ? 47 C A "O2'" 1 
ATOM 1185 C "C1'" . C A 1 56 G -6.442  -23.949 -12.017 1.00 127.32 ? 47 C A "C1'" 1 
ATOM 1186 N N1    . C A 1 56 G -7.729  -23.640 -11.376 1.00 124.71 ? 47 C A N1    1 
ATOM 1187 C C2    . C A 1 56 G -8.741  -23.031 -12.147 1.00 122.45 ? 47 C A C2    1 
ATOM 1188 O O2    . C A 1 56 G -8.512  -22.766 -13.338 1.00 114.37 ? 47 C A O2    1 
ATOM 1189 N N3    . C A 1 56 G -9.935  -22.750 -11.573 1.00 118.74 ? 47 C A N3    1 
ATOM 1190 C C4    . C A 1 56 G -10.142 -23.051 -10.287 1.00 123.16 ? 47 C A C4    1 
ATOM 1191 N N4    . C A 1 56 G -11.336 -22.758 -9.761  1.00 112.25 ? 47 C A N4    1 
ATOM 1192 C C5    . C A 1 56 G -9.131  -23.668 -9.481  1.00 126.18 ? 47 C A C5    1 
ATOM 1193 C C6    . C A 1 56 G -7.952  -23.941 -10.062 1.00 120.85 ? 47 C A C6    1 
ATOM 1194 P P     . G A 1 57 H -2.874  -21.068 -10.331 1.00 133.05 ? 47 G A P     1 
ATOM 1195 O OP1   . G A 1 57 H -1.722  -20.472 -11.058 1.00 128.08 ? 47 G A OP1   1 
ATOM 1196 O OP2   . G A 1 57 H -2.733  -21.404 -8.891  1.00 126.90 ? 47 G A OP2   1 
ATOM 1197 O "O5'" . G A 1 57 H -4.116  -20.078 -10.497 1.00 119.21 ? 47 G A "O5'" 1 
ATOM 1198 C "C5'" . G A 1 57 H -4.553  -19.668 -11.787 1.00 116.27 ? 47 G A "C5'" 1 
ATOM 1199 C "C4'" . G A 1 57 H -6.041  -19.419 -11.772 1.00 117.59 ? 47 G A "C4'" 1 
ATOM 1200 O "O4'" . G A 1 57 H -6.657  -20.480 -10.990 1.00 117.06 ? 47 G A "O4'" 1 
ATOM 1201 C "C3'" . G A 1 57 H -6.516  -18.146 -11.089 1.00 122.79 ? 47 G A "C3'" 1 
ATOM 1202 O "O3'" . G A 1 57 H -6.516  -17.050 -12.000 1.00 129.29 ? 47 G A "O3'" 1 
ATOM 1203 C "C2'" . G A 1 57 H -7.941  -18.516 -10.705 1.00 121.84 ? 47 G A "C2'" 1 
ATOM 1204 O "O2'" . G A 1 57 H -8.796  -18.481 -11.831 1.00 117.45 ? 47 G A "O2'" 1 
ATOM 1205 C "C1'" . G A 1 57 H -7.763  -19.969 -10.264 1.00 115.20 ? 47 G A "C1'" 1 
ATOM 1206 N N9    . G A 1 57 H -7.483  -20.144 -8.841  1.00 113.45 ? 47 G A N9    1 
ATOM 1207 C C8    . G A 1 57 H -6.260  -20.416 -8.278  1.00 113.26 ? 47 G A C8    1 
ATOM 1208 N N7    . G A 1 57 H -6.307  -20.535 -6.979  1.00 108.76 ? 47 G A N7    1 
ATOM 1209 C C5    . G A 1 57 H -7.642  -20.325 -6.661  1.00 109.15 ? 47 G A C5    1 
ATOM 1210 C C6    . G A 1 57 H -8.301  -20.330 -5.396  1.00 117.11 ? 47 G A C6    1 
ATOM 1211 O O6    . G A 1 57 H -7.822  -20.526 -4.269  1.00 128.65 ? 47 G A O6    1 
ATOM 1212 N N1    . G A 1 57 H -9.659  -20.075 -5.528  1.00 115.83 ? 47 G A N1    1 
ATOM 1213 C C2    . G A 1 57 H -10.306 -19.841 -6.710  1.00 116.33 ? 47 G A C2    1 
ATOM 1214 N N2    . G A 1 57 H -11.625 -19.612 -6.613  1.00 112.66 ? 47 G A N2    1 
ATOM 1215 N N3    . G A 1 57 H -9.707  -19.833 -7.899  1.00 112.77 ? 47 G A N3    1 
ATOM 1216 C C4    . G A 1 57 H -8.383  -20.080 -7.797  1.00 108.78 ? 47 G A C4    1 
ATOM 1217 P P     . A A 1 58 I -6.676  -15.551 -11.440 1.00 136.13 ? 47 A A P     1 
ATOM 1218 O OP1   . A A 1 58 I -6.559  -14.613 -12.585 1.00 135.81 ? 47 A A OP1   1 
ATOM 1219 O OP2   . A A 1 58 I -5.764  -15.413 -10.280 1.00 141.26 ? 47 A A OP2   1 
ATOM 1220 O "O5'" . A A 1 58 I -8.177  -15.476 -10.918 1.00 123.32 ? 47 A A "O5'" 1 
ATOM 1221 C "C5'" . A A 1 58 I -9.260  -15.490 -11.844 1.00 127.76 ? 47 A A "C5'" 1 
ATOM 1222 C "C4'" . A A 1 58 I -10.583 -15.366 -11.117 1.00 128.22 ? 47 A A "C4'" 1 
ATOM 1223 O "O4'" . A A 1 58 I -10.744 -16.500 -10.224 1.00 129.35 ? 47 A A "O4'" 1 
ATOM 1224 C "C3'" . A A 1 58 I -10.715 -14.154 -10.202 1.00 128.21 ? 47 A A "C3'" 1 
ATOM 1225 O "O3'" . A A 1 58 I -11.150 -13.012 -10.935 1.00 134.25 ? 47 A A "O3'" 1 
ATOM 1226 C "C2'" . A A 1 58 I -11.756 -14.613 -9.189  1.00 120.93 ? 47 A A "C2'" 1 
ATOM 1227 O "O2'" . A A 1 58 I -13.072 -14.521 -9.695  1.00 109.78 ? 47 A A "O2'" 1 
ATOM 1228 C "C1'" . A A 1 58 I -11.374 -16.082 -9.022  1.00 122.43 ? 47 A A "C1'" 1 
ATOM 1229 N N9    . A A 1 58 I -10.454 -16.339 -7.914  1.00 120.68 ? 47 A A N9    1 
ATOM 1230 C C8    . A A 1 58 I -9.096  -16.556 -7.981  1.00 116.36 ? 47 A A C8    1 
ATOM 1231 N N7    . A A 1 58 I -8.540  -16.791 -6.816  1.00 110.68 ? 47 A A N7    1 
ATOM 1232 C C5    . A A 1 58 I -9.599  -16.716 -5.922  1.00 114.27 ? 47 A A C5    1 
ATOM 1233 C C6    . A A 1 58 I -9.667  -16.872 -4.524  1.00 115.14 ? 47 A A C6    1 
ATOM 1234 N N6    . A A 1 58 I -8.607  -17.142 -3.759  1.00 121.77 ? 47 A A N6    1 
ATOM 1235 N N1    . A A 1 58 I -10.875 -16.739 -3.934  1.00 115.26 ? 47 A A N1    1 
ATOM 1236 C C2    . A A 1 58 I -11.935 -16.466 -4.707  1.00 120.27 ? 47 A A C2    1 
ATOM 1237 N N3    . A A 1 58 I -11.998 -16.296 -6.031  1.00 116.21 ? 47 A A N3    1 
ATOM 1238 C C4    . A A 1 58 I -10.783 -16.435 -6.584  1.00 116.30 ? 47 A A C4    1 
ATOM 1239 P P     . C A 1 59 J -10.741 -11.535 -10.443 1.00 137.07 ? 47 C A P     1 
ATOM 1240 O OP1   . C A 1 59 J -11.450 -10.559 -11.314 1.00 128.44 ? 47 C A OP1   1 
ATOM 1241 O OP2   . C A 1 59 J -9.266  -11.473 -10.328 1.00 128.99 ? 47 C A OP2   1 
ATOM 1242 O "O5'" . C A 1 59 J -11.425 -11.406 -9.012  1.00 130.45 ? 47 C A "O5'" 1 
ATOM 1243 C "C5'" . C A 1 59 J -12.797 -11.043 -8.925  1.00 125.34 ? 47 C A "C5'" 1 
ATOM 1244 C "C4'" . C A 1 59 J -13.328 -11.245 -7.523  1.00 120.75 ? 47 C A "C4'" 1 
ATOM 1245 O "O4'" . C A 1 59 J -12.949 -12.559 -7.029  1.00 121.95 ? 47 C A "O4'" 1 
ATOM 1246 C "C3'" . C A 1 59 J -12.852 -10.334 -6.405  1.00 112.91 ? 47 C A "C3'" 1 
ATOM 1247 O "O3'" . C A 1 59 J -13.477 -9.062  -6.487  1.00 119.37 ? 47 C A "O3'" 1 
ATOM 1248 C "C2'" . C A 1 59 J -13.335 -11.122 -5.199  1.00 102.06 ? 47 C A "C2'" 1 
ATOM 1249 O "O2'" . C A 1 59 J -14.746 -11.122 -5.155  1.00 87.58  ? 47 C A "O2'" 1 
ATOM 1250 C "C1'" . C A 1 59 J -12.924 -12.533 -5.610  1.00 104.28 ? 47 C A "C1'" 1 
ATOM 1251 N N1    . C A 1 59 J -11.578 -12.918 -5.153  1.00 104.76 ? 47 C A N1    1 
ATOM 1252 C C2    . C A 1 59 J -11.365 -13.108 -3.782  1.00 109.41 ? 47 C A C2    1 
ATOM 1253 O O2    . C A 1 59 J -12.308 -12.944 -2.996  1.00 109.01 ? 47 C A O2    1 
ATOM 1254 N N3    . C A 1 59 J -10.138 -13.466 -3.347  1.00 109.12 ? 47 C A N3    1 
ATOM 1255 C C4    . C A 1 59 J -9.145  -13.635 -4.222  1.00 105.66 ? 47 C A C4    1 
ATOM 1256 N N4    . C A 1 59 J -7.949  -13.988 -3.742  1.00 108.80 ? 47 C A N4    1 
ATOM 1257 C C5    . C A 1 59 J -9.332  -13.449 -5.625  1.00 97.19  ? 47 C A C5    1 
ATOM 1258 C C6    . C A 1 59 J -10.554 -13.092 -6.042  1.00 94.91  ? 47 C A C6    1 
ATOM 1259 P P     . A A 1 60 K -12.653 -7.745  -6.066  1.00 130.81 ? 47 A A P     1 
ATOM 1260 O OP1   . A A 1 60 K -13.321 -6.593  -6.748  1.00 127.45 ? 47 A A OP1   1 
ATOM 1261 O OP2   . A A 1 60 K -11.212 -8.004  -6.319  1.00 115.79 ? 47 A A OP2   1 
ATOM 1262 O "O5'" . A A 1 60 K -12.839 -7.653  -4.481  1.00 112.07 ? 47 A A "O5'" 1 
ATOM 1263 C "C5'" . A A 1 60 K -14.135 -7.602  -3.897  1.00 111.71 ? 47 A A "C5'" 1 
ATOM 1264 C "C4'" . A A 1 60 K -14.048 -7.888  -2.418  1.00 111.89 ? 47 A A "C4'" 1 
ATOM 1265 O "O4'" . A A 1 60 K -13.564 -9.245  -2.227  1.00 110.41 ? 47 A A "O4'" 1 
ATOM 1266 C "C3'" . A A 1 60 K -13.056 -7.051  -1.625  1.00 114.88 ? 47 A A "C3'" 1 
ATOM 1267 O "O3'" . A A 1 60 K -13.561 -5.779  -1.246  1.00 108.13 ? 47 A A "O3'" 1 
ATOM 1268 C "C2'" . A A 1 60 K -12.815 -7.920  -0.399  1.00 114.51 ? 47 A A "C2'" 1 
ATOM 1269 O "O2'" . A A 1 60 K -13.830 -7.798  0.577   1.00 114.76 ? 47 A A "O2'" 1 
ATOM 1270 C "C1'" . A A 1 60 K -12.814 -9.318  -1.021  1.00 107.03 ? 47 A A "C1'" 1 
ATOM 1271 N N9    . A A 1 60 K -11.454 -9.737  -1.348  1.00 99.25  ? 47 A A N9    1 
ATOM 1272 C C8    . A A 1 60 K -10.844 -9.771  -2.576  1.00 103.38 ? 47 A A C8    1 
ATOM 1273 N N7    . A A 1 60 K -9.592  -10.161 -2.533  1.00 97.61  ? 47 A A N7    1 
ATOM 1274 C C5    . A A 1 60 K -9.368  -10.406 -1.186  1.00 92.86  ? 47 A A C5    1 
ATOM 1275 C C6    . A A 1 60 K -8.236  -10.845 -0.481  1.00 92.94  ? 47 A A C6    1 
ATOM 1276 N N6    . A A 1 60 K -7.068  -11.126 -1.057  1.00 91.36  ? 47 A A N6    1 
ATOM 1277 N N1    . A A 1 60 K -8.344  -10.984 0.854   1.00 92.96  ? 47 A A N1    1 
ATOM 1278 C C2    . A A 1 60 K -9.520  -10.698 1.431   1.00 96.59  ? 47 A A C2    1 
ATOM 1279 N N3    . A A 1 60 K -10.653 -10.279 0.876   1.00 84.10  ? 47 A A N3    1 
ATOM 1280 C C4    . A A 1 60 K -10.507 -10.152 -0.448  1.00 89.50  ? 47 A A C4    1 
ATOM 1281 P P     . G A 1 61 L -12.536 -4.552  -1.077  1.00 107.66 ? 47 G A P     1 
ATOM 1282 O OP1   . G A 1 61 L -13.346 -3.316  -0.956  1.00 99.57  ? 47 G A OP1   1 
ATOM 1283 O OP2   . G A 1 61 L -11.516 -4.655  -2.151  1.00 100.04 ? 47 G A OP2   1 
ATOM 1284 O "O5'" . G A 1 61 L -11.794 -4.849  0.301   1.00 96.48  ? 47 G A "O5'" 1 
ATOM 1285 C "C5'" . G A 1 61 L -12.525 -4.915  1.513   1.00 95.34  ? 47 G A "C5'" 1 
ATOM 1286 C "C4'" . G A 1 61 L -11.634 -5.369  2.643   1.00 95.45  ? 47 G A "C4'" 1 
ATOM 1287 O "O4'" . G A 1 61 L -11.099 -6.682  2.343   1.00 94.35  ? 47 G A "O4'" 1 
ATOM 1288 C "C3'" . G A 1 61 L -10.394 -4.536  2.910   1.00 96.18  ? 47 G A "C3'" 1 
ATOM 1289 O "O3'" . G A 1 61 L -10.721 -3.401  3.692   1.00 89.72  ? 47 G A "O3'" 1 
ATOM 1290 C "C2'" . G A 1 61 L -9.533  -5.512  3.692   1.00 102.11 ? 47 G A "C2'" 1 
ATOM 1291 O "O2'" . G A 1 61 L -9.923  -5.619  5.042   1.00 109.71 ? 47 G A "O2'" 1 
ATOM 1292 C "C1'" . G A 1 61 L -9.843  -6.823  2.975   1.00 94.93  ? 47 G A "C1'" 1 
ATOM 1293 N N9    . G A 1 61 L -8.850  -7.137  1.961   1.00 97.70  ? 47 G A N9    1 
ATOM 1294 C C8    . G A 1 61 L -8.945  -6.974  0.602   1.00 97.17  ? 47 G A C8    1 
ATOM 1295 N N7    . G A 1 61 L -7.896  -7.419  -0.038  1.00 99.46  ? 47 G A N7    1 
ATOM 1296 C C5    . G A 1 61 L -7.058  -7.887  0.965   1.00 98.78  ? 47 G A C5    1 
ATOM 1297 C C6    . G A 1 61 L -5.777  -8.489  0.892   1.00 94.90  ? 47 G A C6    1 
ATOM 1298 O O6    . G A 1 61 L -5.097  -8.738  -0.106  1.00 94.00  ? 47 G A O6    1 
ATOM 1299 N N1    . G A 1 61 L -5.290  -8.810  2.154   1.00 99.76  ? 47 G A N1    1 
ATOM 1300 C C2    . G A 1 61 L -5.950  -8.584  3.335   1.00 105.07 ? 47 G A C2    1 
ATOM 1301 N N2    . G A 1 61 L -5.321  -8.964  4.459   1.00 103.87 ? 47 G A N2    1 
ATOM 1302 N N3    . G A 1 61 L -7.143  -8.026  3.415   1.00 104.62 ? 47 G A N3    1 
ATOM 1303 C C4    . G A 1 61 L -7.632  -7.707  2.202   1.00 101.57 ? 47 G A C4    1 
ATOM 1304 P P     . A A 1 62 ? -10.322 -1.944  3.161   1.00 93.33  ? 48 A A P     1 
ATOM 1305 O OP1   . A A 1 62 ? -11.291 -0.967  3.705   1.00 85.05  ? 48 A A OP1   1 
ATOM 1306 O OP2   . A A 1 62 ? -10.132 -2.030  1.700   1.00 108.42 ? 48 A A OP2   1 
ATOM 1307 O "O5'" . A A 1 62 ? -8.894  -1.695  3.807   1.00 78.80  ? 48 A A "O5'" 1 
ATOM 1308 C "C5'" . A A 1 62 ? -8.759  -1.719  5.210   1.00 84.08  ? 48 A A "C5'" 1 
ATOM 1309 C "C4'" . A A 1 62 ? -7.332  -1.972  5.594   1.00 82.74  ? 48 A A "C4'" 1 
ATOM 1310 O "O4'" . A A 1 62 ? -6.866  -3.148  4.881   1.00 71.32  ? 48 A A "O4'" 1 
ATOM 1311 C "C3'" . A A 1 62 ? -6.344  -0.850  5.273   1.00 69.73  ? 48 A A "C3'" 1 
ATOM 1312 O "O3'" . A A 1 62 ? -5.394  -0.726  6.319   1.00 75.40  ? 48 A A "O3'" 1 
ATOM 1313 C "C2'" . A A 1 62 ? -5.638  -1.356  4.028   1.00 71.16  ? 48 A A "C2'" 1 
ATOM 1314 O "O2'" . A A 1 62 ? -4.305  -0.905  3.940   1.00 74.05  ? 48 A A "O2'" 1 
ATOM 1315 C "C1'" . A A 1 62 ? -5.623  -2.852  4.285   1.00 75.54  ? 48 A A "C1'" 1 
ATOM 1316 N N9    . A A 1 62 ? -5.470  -3.619  3.052   1.00 93.61  ? 48 A A N9    1 
ATOM 1317 C C8    . A A 1 62 ? -6.275  -3.695  1.936   1.00 98.93  ? 48 A A C8    1 
ATOM 1318 N N7    . A A 1 62 ? -5.800  -4.486  0.996   1.00 99.61  ? 48 A A N7    1 
ATOM 1319 C C5    . A A 1 62 ? -4.611  -4.959  1.534   1.00 105.92 ? 48 A A C5    1 
ATOM 1320 C C6    . A A 1 62 ? -3.630  -5.834  1.043   1.00 109.30 ? 48 A A C6    1 
ATOM 1321 N N6    . A A 1 62 ? -3.687  -6.422  -0.148  1.00 114.54 ? 48 A A N6    1 
ATOM 1322 N N1    . A A 1 62 ? -2.568  -6.092  1.834   1.00 112.42 ? 48 A A N1    1 
ATOM 1323 C C2    . A A 1 62 ? -2.502  -5.510  3.036   1.00 111.76 ? 48 A A C2    1 
ATOM 1324 N N3    . A A 1 62 ? -3.357  -4.671  3.611   1.00 104.06 ? 48 A A N3    1 
ATOM 1325 C C4    . A A 1 62 ? -4.400  -4.433  2.798   1.00 102.64 ? 48 A A C4    1 
ATOM 1326 P P     . G A 1 63 ? -5.470  0.534   7.316   1.00 99.55  ? 50 G A P     1 
ATOM 1327 O OP1   . G A 1 63 ? -6.866  1.066   7.377   1.00 83.88  ? 50 G A OP1   1 
ATOM 1328 O OP2   . G A 1 63 ? -4.343  1.442   6.968   1.00 94.24  ? 50 G A OP2   1 
ATOM 1329 O "O5'" . G A 1 63 ? -5.150  -0.083  8.746   1.00 92.94  ? 50 G A "O5'" 1 
ATOM 1330 C "C5'" . G A 1 63 ? -5.644  -1.362  9.125   1.00 86.14  ? 50 G A "C5'" 1 
ATOM 1331 C "C4'" . G A 1 63 ? -6.288  -1.260  10.477  1.00 71.93  ? 50 G A "C4'" 1 
ATOM 1332 O "O4'" . G A 1 63 ? -5.554  -0.237  11.197  1.00 57.79  ? 50 G A "O4'" 1 
ATOM 1333 C "C3'" . G A 1 63 ? -7.712  -0.733  10.476  1.00 74.31  ? 50 G A "C3'" 1 
ATOM 1334 O "O3'" . G A 1 63 ? -8.646  -1.797  10.361  1.00 76.60  ? 50 G A "O3'" 1 
ATOM 1335 C "C2'" . G A 1 63 ? -7.829  -0.098  11.851  1.00 71.51  ? 50 G A "C2'" 1 
ATOM 1336 O "O2'" . G A 1 63 ? -8.065  -1.076  12.837  1.00 78.44  ? 50 G A "O2'" 1 
ATOM 1337 C "C1'" . G A 1 63 ? -6.431  0.488   12.032  1.00 65.17  ? 50 G A "C1'" 1 
ATOM 1338 N N9    . G A 1 63 ? -6.304  1.909   11.718  1.00 71.76  ? 50 G A N9    1 
ATOM 1339 C C8    . G A 1 63 ? -5.308  2.508   10.983  1.00 69.94  ? 50 G A C8    1 
ATOM 1340 N N7    . G A 1 63 ? -5.427  3.809   10.923  1.00 66.48  ? 50 G A N7    1 
ATOM 1341 C C5    . G A 1 63 ? -6.579  4.083   11.645  1.00 62.87  ? 50 G A C5    1 
ATOM 1342 C C6    . G A 1 63 ? -7.214  5.320   11.927  1.00 69.83  ? 50 G A C6    1 
ATOM 1343 O O6    . G A 1 63 ? -6.879  6.454   11.574  1.00 74.81  ? 50 G A O6    1 
ATOM 1344 N N1    . G A 1 63 ? -8.351  5.145   12.704  1.00 62.18  ? 50 G A N1    1 
ATOM 1345 C C2    . G A 1 63 ? -8.823  3.935   13.142  1.00 71.59  ? 50 G A C2    1 
ATOM 1346 N N2    . G A 1 63 ? -9.934  3.964   13.879  1.00 75.22  ? 50 G A N2    1 
ATOM 1347 N N3    . G A 1 63 ? -8.251  2.776   12.878  1.00 70.41  ? 50 G A N3    1 
ATOM 1348 C C4    . G A 1 63 ? -7.137  2.923   12.137  1.00 68.84  ? 50 G A C4    1 
ATOM 1349 P P     . U A 1 64 ? -10.045 -1.534  9.624   1.00 84.28  ? 51 U A P     1 
ATOM 1350 O OP1   . U A 1 64 ? -10.713 -2.844  9.386   1.00 66.21  ? 51 U A OP1   1 
ATOM 1351 O OP2   . U A 1 64 ? -9.700  -0.657  8.477   1.00 75.82  ? 51 U A OP2   1 
ATOM 1352 O "O5'" . U A 1 64 ? -10.902 -0.683  10.666  1.00 66.08  ? 51 U A "O5'" 1 
ATOM 1353 C "C5'" . U A 1 64 ? -11.413 -1.276  11.851  1.00 68.75  ? 51 U A "C5'" 1 
ATOM 1354 C "C4'" . U A 1 64 ? -12.247 -0.275  12.622  1.00 73.57  ? 51 U A "C4'" 1 
ATOM 1355 O "O4'" . U A 1 64 ? -11.428 0.862   12.998  1.00 77.47  ? 51 U A "O4'" 1 
ATOM 1356 C "C3'" . U A 1 64 ? -13.386 0.349   11.844  1.00 73.20  ? 51 U A "C3'" 1 
ATOM 1357 O "O3'" . U A 1 64 ? -14.528 -0.477  11.893  1.00 77.62  ? 51 U A "O3'" 1 
ATOM 1358 C "C2'" . U A 1 64 ? -13.625 1.645   12.598  1.00 69.14  ? 51 U A "C2'" 1 
ATOM 1359 O "O2'" . U A 1 64 ? -14.333 1.433   13.793  1.00 74.47  ? 51 U A "O2'" 1 
ATOM 1360 C "C1'" . U A 1 64 ? -12.202 2.049   12.952  1.00 64.46  ? 51 U A "C1'" 1 
ATOM 1361 N N1    . U A 1 64 ? -11.588 2.953   11.974  1.00 66.11  ? 51 U A N1    1 
ATOM 1362 C C2    . U A 1 64 ? -11.957 4.283   12.012  1.00 71.63  ? 51 U A C2    1 
ATOM 1363 O O2    . U A 1 64 ? -12.790 4.707   12.786  1.00 84.72  ? 51 U A O2    1 
ATOM 1364 N N3    . U A 1 64 ? -11.305 5.095   11.118  1.00 51.30  ? 51 U A N3    1 
ATOM 1365 C C4    . U A 1 64 ? -10.357 4.710   10.200  1.00 64.14  ? 51 U A C4    1 
ATOM 1366 O O4    . U A 1 64 ? -9.860  5.552   9.447   1.00 82.95  ? 51 U A O4    1 
ATOM 1367 C C5    . U A 1 64 ? -10.042 3.312   10.217  1.00 63.85  ? 51 U A C5    1 
ATOM 1368 C C6    . U A 1 64 ? -10.656 2.501   11.080  1.00 52.26  ? 51 U A C6    1 
ATOM 1369 P P     . G A 1 65 ? -15.389 -0.690  10.563  1.00 98.01  ? 52 G A P     1 
ATOM 1370 O OP1   . G A 1 65 ? -16.520 -1.580  10.934  1.00 85.72  ? 52 G A OP1   1 
ATOM 1371 O OP2   . G A 1 65 ? -14.440 -1.098  9.498   1.00 99.46  ? 52 G A OP2   1 
ATOM 1372 O "O5'" . G A 1 65 ? -15.950 0.764   10.209  1.00 89.74  ? 52 G A "O5'" 1 
ATOM 1373 C "C5'" . G A 1 65 ? -17.084 1.264   10.898  1.00 90.63  ? 52 G A "C5'" 1 
ATOM 1374 C "C4'" . G A 1 65 ? -17.145 2.775   10.845  1.00 87.63  ? 52 G A "C4'" 1 
ATOM 1375 O "O4'" . G A 1 65 ? -15.820 3.350   11.003  1.00 79.17  ? 52 G A "O4'" 1 
ATOM 1376 C "C3'" . G A 1 65 ? -17.608 3.462   9.574   1.00 94.49  ? 52 G A "C3'" 1 
ATOM 1377 O "O3'" . G A 1 65 ? -19.024 3.416   9.402   1.00 99.28  ? 52 G A "O3'" 1 
ATOM 1378 C "C2'" . G A 1 65 ? -17.198 4.903   9.860   1.00 96.47  ? 52 G A "C2'" 1 
ATOM 1379 O "O2'" . G A 1 65 ? -18.112 5.589   10.693  1.00 94.74  ? 52 G A "O2'" 1 
ATOM 1380 C "C1'" . G A 1 65 ? -15.877 4.711   10.600  1.00 73.90  ? 52 G A "C1'" 1 
ATOM 1381 N N9    . G A 1 65 ? -14.729 5.031   9.760   1.00 60.19  ? 52 G A N9    1 
ATOM 1382 C C8    . G A 1 65 ? -13.793 4.168   9.252   1.00 60.88  ? 52 G A C8    1 
ATOM 1383 N N7    . G A 1 65 ? -12.836 4.778   8.600   1.00 49.26  ? 52 G A N7    1 
ATOM 1384 C C5    . G A 1 65 ? -13.179 6.119   8.665   1.00 35.77  ? 52 G A C5    1 
ATOM 1385 C C6    . G A 1 65 ? -12.514 7.254   8.143   1.00 45.47  ? 52 G A C6    1 
ATOM 1386 O O6    . G A 1 65 ? -11.454 7.293   7.500   1.00 51.76  ? 52 G A O6    1 
ATOM 1387 N N1    . G A 1 65 ? -13.196 8.431   8.433   1.00 41.81  ? 52 G A N1    1 
ATOM 1388 C C2    . G A 1 65 ? -14.369 8.494   9.138   1.00 72.29  ? 52 G A C2    1 
ATOM 1389 N N2    . G A 1 65 ? -14.880 9.725   9.315   1.00 81.05  ? 52 G A N2    1 
ATOM 1390 N N3    . G A 1 65 ? -15.001 7.430   9.635   1.00 60.20  ? 52 G A N3    1 
ATOM 1391 C C4    . G A 1 65 ? -14.351 6.291   9.363   1.00 41.11  ? 52 G A C4    1 
ATOM 1392 P P     . G A 1 66 ? -19.677 3.892   8.001   1.00 115.17 ? 53 G A P     1 
ATOM 1393 O OP1   . G A 1 66 ? -21.150 3.729   8.091   1.00 105.47 ? 53 G A OP1   1 
ATOM 1394 O OP2   . G A 1 66 ? -18.943 3.236   6.884   1.00 101.24 ? 53 G A OP2   1 
ATOM 1395 O "O5'" . G A 1 66 ? -19.426 5.465   7.950   1.00 90.39  ? 53 G A "O5'" 1 
ATOM 1396 C "C5'" . G A 1 66 ? -20.355 6.350   8.560   1.00 81.86  ? 53 G A "C5'" 1 
ATOM 1397 C "C4'" . G A 1 66 ? -19.878 7.771   8.441   1.00 85.13  ? 53 G A "C4'" 1 
ATOM 1398 O "O4'" . G A 1 66 ? -18.434 7.728   8.465   1.00 82.29  ? 53 G A "O4'" 1 
ATOM 1399 C "C3'" . G A 1 66 ? -20.151 8.486   7.129   1.00 94.44  ? 53 G A "C3'" 1 
ATOM 1400 O "O3'" . G A 1 66 ? -21.464 9.038   7.079   1.00 99.80  ? 53 G A "O3'" 1 
ATOM 1401 C "C2'" . G A 1 66 ? -19.090 9.581   7.133   1.00 91.80  ? 53 G A "C2'" 1 
ATOM 1402 O "O2'" . G A 1 66 ? -19.476 10.683  7.938   1.00 96.57  ? 53 G A "O2'" 1 
ATOM 1403 C "C1'" . G A 1 66 ? -17.913 8.848   7.782   1.00 72.50  ? 53 G A "C1'" 1 
ATOM 1404 N N9    . G A 1 66 ? -16.880 8.370   6.878   1.00 50.56  ? 53 G A N9    1 
ATOM 1405 C C8    . G A 1 66 ? -16.660 7.079   6.462   1.00 57.74  ? 53 G A C8    1 
ATOM 1406 N N7    . G A 1 66 ? -15.606 6.966   5.693   1.00 43.75  ? 53 G A N7    1 
ATOM 1407 C C5    . G A 1 66 ? -15.124 8.256   5.598   1.00 15.17  ? 53 G A C5    1 
ATOM 1408 C C6    . G A 1 66 ? -13.990 8.755   4.908   1.00 45.07  ? 53 G A C6    1 
ATOM 1409 O O6    . G A 1 66 ? -13.166 8.110   4.220   1.00 42.00  ? 53 G A O6    1 
ATOM 1410 N N1    . G A 1 66 ? -13.854 10.139  5.069   1.00 14.32  ? 53 G A N1    1 
ATOM 1411 C C2    . G A 1 66 ? -14.712 10.908  5.813   1.00 51.93  ? 53 G A C2    1 
ATOM 1412 N N2    . G A 1 66 ? -14.440 12.211  5.858   1.00 56.13  ? 53 G A N2    1 
ATOM 1413 N N3    . G A 1 66 ? -15.773 10.437  6.469   1.00 29.89  ? 53 G A N3    1 
ATOM 1414 C C4    . G A 1 66 ? -15.906 9.126   6.317   1.00 18.72  ? 53 G A C4    1 
ATOM 1415 P P     . U A 1 67 ? -22.208 9.147   5.661   1.00 109.10 ? 54 U A P     1 
ATOM 1416 O OP1   . U A 1 67 ? -23.608 9.602   5.876   1.00 108.70 ? 54 U A OP1   1 
ATOM 1417 O OP2   . U A 1 67 ? -21.955 7.869   4.959   1.00 92.43  ? 54 U A OP2   1 
ATOM 1418 O "O5'" . U A 1 67 ? -21.399 10.298  4.913   1.00 96.08  ? 54 U A "O5'" 1 
ATOM 1419 C "C5'" . U A 1 67 ? -21.394 11.619  5.434   1.00 104.29 ? 54 U A "C5'" 1 
ATOM 1420 C "C4'" . U A 1 67 ? -20.434 12.498  4.663   1.00 109.92 ? 54 U A "C4'" 1 
ATOM 1421 O "O4'" . U A 1 67 ? -19.063 12.060  4.852   1.00 104.86 ? 54 U A "O4'" 1 
ATOM 1422 C "C3'" . U A 1 67 ? -20.574 12.509  3.157   1.00 114.51 ? 54 U A "C3'" 1 
ATOM 1423 O "O3'" . U A 1 67 ? -21.710 13.270  2.764   1.00 126.40 ? 54 U A "O3'" 1 
ATOM 1424 C "C2'" . U A 1 67 ? -19.238 13.120  2.735   1.00 108.02 ? 54 U A "C2'" 1 
ATOM 1425 O "O2'" . U A 1 67 ? -19.177 14.525  2.881   1.00 108.62 ? 54 U A "O2'" 1 
ATOM 1426 C "C1'" . U A 1 67 ? -18.281 12.473  3.742   1.00 101.57 ? 54 U A "C1'" 1 
ATOM 1427 N N1    . U A 1 67 ? -17.599 11.297  3.186   1.00 106.57 ? 54 U A N1    1 
ATOM 1428 C C2    . U A 1 67 ? -16.367 11.490  2.575   1.00 104.83 ? 54 U A C2    1 
ATOM 1429 O O2    . U A 1 67 ? -15.821 12.576  2.507   1.00 111.05 ? 54 U A O2    1 
ATOM 1430 N N3    . U A 1 67 ? -15.802 10.360  2.042   1.00 83.42  ? 54 U A N3    1 
ATOM 1431 C C4    . U A 1 67 ? -16.325 9.089   2.061   1.00 79.29  ? 54 U A C4    1 
ATOM 1432 O O4    . U A 1 67 ? -15.696 8.176   1.535   1.00 79.85  ? 54 U A O4    1 
ATOM 1433 C C5    . U A 1 67 ? -17.589 8.967   2.715   1.00 88.33  ? 54 U A C5    1 
ATOM 1434 C C6    . U A 1 67 ? -18.169 10.048  3.246   1.00 101.13 ? 54 U A C6    1 
ATOM 1435 P P     . U A 1 68 ? -22.814 12.604  1.801   1.00 140.08 ? 55 U A P     1 
ATOM 1436 O OP1   . U A 1 68 ? -23.841 13.651  1.565   1.00 135.86 ? 55 U A OP1   1 
ATOM 1437 O OP2   . U A 1 68 ? -23.228 11.276  2.336   1.00 131.76 ? 55 U A OP2   1 
ATOM 1438 O "O5'" . U A 1 68 ? -22.012 12.385  0.443   1.00 129.34 ? 55 U A "O5'" 1 
ATOM 1439 C "C5'" . U A 1 68 ? -21.481 13.511  -0.240  1.00 124.01 ? 55 U A "C5'" 1 
ATOM 1440 C "C4'" . U A 1 68 ? -20.333 13.114  -1.130  1.00 120.41 ? 55 U A "C4'" 1 
ATOM 1441 O "O4'" . U A 1 68 ? -19.288 12.475  -0.347  1.00 118.85 ? 55 U A "O4'" 1 
ATOM 1442 C "C3'" . U A 1 68 ? -20.589 12.084  -2.213  1.00 119.75 ? 55 U A "C3'" 1 
ATOM 1443 O "O3'" . U A 1 68 ? -21.303 12.625  -3.321  1.00 126.99 ? 55 U A "O3'" 1 
ATOM 1444 C "C2'" . U A 1 68 ? -19.156 11.735  -2.590  1.00 119.00 ? 55 U A "C2'" 1 
ATOM 1445 O "O2'" . U A 1 68 ? -18.553 12.754  -3.361  1.00 104.88 ? 55 U A "O2'" 1 
ATOM 1446 C "C1'" . U A 1 68 ? -18.495 11.666  -1.206  1.00 115.74 ? 55 U A "C1'" 1 
ATOM 1447 N N1    . U A 1 68 ? -18.525 10.277  -0.727  1.00 108.14 ? 55 U A N1    1 
ATOM 1448 C C2    . U A 1 68 ? -17.457 9.470   -1.063  1.00 106.05 ? 55 U A C2    1 
ATOM 1449 O O2    . U A 1 68 ? -16.477 9.884   -1.669  1.00 88.03  ? 55 U A O2    1 
ATOM 1450 N N3    . U A 1 68 ? -17.582 8.159   -0.674  1.00 113.74 ? 55 U A N3    1 
ATOM 1451 C C4    . U A 1 68 ? -18.638 7.592   0.014   1.00 117.22 ? 55 U A C4    1 
ATOM 1452 O O4    . U A 1 68 ? -18.605 6.392   0.303   1.00 122.15 ? 55 U A O4    1 
ATOM 1453 C C5    . U A 1 68 ? -19.691 8.501   0.336   1.00 115.24 ? 55 U A C5    1 
ATOM 1454 C C6    . U A 1 68 ? -19.598 9.782   -0.031  1.00 110.43 ? 55 U A C6    1 
ATOM 1455 P P     . C A 1 69 ? -22.643 11.891  -3.841  1.00 135.66 ? 56 C A P     1 
ATOM 1456 O OP1   . C A 1 69 ? -23.434 12.904  -4.589  1.00 125.70 ? 56 C A OP1   1 
ATOM 1457 O OP2   . C A 1 69 ? -23.264 11.188  -2.686  1.00 131.48 ? 56 C A OP2   1 
ATOM 1458 O "O5'" . C A 1 69 ? -22.128 10.781  -4.868  1.00 118.01 ? 56 C A "O5'" 1 
ATOM 1459 C "C5'" . C A 1 69 ? -22.980 9.696   -5.238  1.00 99.94  ? 56 C A "C5'" 1 
ATOM 1460 C "C4'" . C A 1 69 ? -22.235 8.680   -6.077  1.00 97.10  ? 56 C A "C4'" 1 
ATOM 1461 O "O4'" . C A 1 69 ? -21.768 9.297   -7.306  1.00 94.98  ? 56 C A "O4'" 1 
ATOM 1462 C "C3'" . C A 1 69 ? -20.978 8.086   -5.466  1.00 104.14 ? 56 C A "C3'" 1 
ATOM 1463 O "O3'" . C A 1 69 ? -21.321 7.016   -4.581  1.00 105.47 ? 56 C A "O3'" 1 
ATOM 1464 C "C2'" . C A 1 69 ? -20.232 7.587   -6.705  1.00 90.39  ? 56 C A "C2'" 1 
ATOM 1465 O "O2'" . C A 1 69 ? -20.755 6.360   -7.169  1.00 78.14  ? 56 C A "O2'" 1 
ATOM 1466 C "C1'" . C A 1 69 ? -20.569 8.667   -7.735  1.00 67.81  ? 56 C A "C1'" 1 
ATOM 1467 N N1    . C A 1 69 ? -19.556 9.716   -7.944  1.00 49.77  ? 56 C A N1    1 
ATOM 1468 C C2    . C A 1 69 ? -18.283 9.373   -8.443  1.00 57.30  ? 56 C A C2    1 
ATOM 1469 O O2    . C A 1 69 ? -18.031 8.188   -8.683  1.00 71.95  ? 56 C A O2    1 
ATOM 1470 N N3    . C A 1 69 ? -17.361 10.348  -8.649  1.00 30.70  ? 56 C A N3    1 
ATOM 1471 C C4    . C A 1 69 ? -17.669 11.615  -8.376  1.00 53.86  ? 56 C A C4    1 
ATOM 1472 N N4    . C A 1 69 ? -16.732 12.544  -8.584  1.00 31.65  ? 56 C A N4    1 
ATOM 1473 C C5    . C A 1 69 ? -18.959 11.991  -7.867  1.00 49.71  ? 56 C A C5    1 
ATOM 1474 C C6    . C A 1 69 ? -19.859 11.018  -7.671  1.00 48.94  ? 56 C A C6    1 
ATOM 1475 P P     . A A 1 70 ? -20.515 6.830   -3.195  1.00 108.28 ? 57 A A P     1 
ATOM 1476 O OP1   . A A 1 70 ? -20.714 5.414   -2.768  1.00 93.99  ? 57 A A OP1   1 
ATOM 1477 O OP2   . A A 1 70 ? -20.866 7.941   -2.259  1.00 89.84  ? 57 A A OP2   1 
ATOM 1478 O "O5'" . A A 1 70 ? -18.990 6.965   -3.632  1.00 73.86  ? 57 A A "O5'" 1 
ATOM 1479 C "C5'" . A A 1 70 ? -18.326 5.851   -4.205  1.00 53.18  ? 57 A A "C5'" 1 
ATOM 1480 C "C4'" . A A 1 70 ? -17.019 6.284   -4.804  1.00 64.93  ? 57 A A "C4'" 1 
ATOM 1481 O "O4'" . A A 1 70 ? -17.239 7.583   -5.385  1.00 49.21  ? 57 A A "O4'" 1 
ATOM 1482 C "C3'" . A A 1 70 ? -15.854 6.610   -3.887  1.00 83.96  ? 57 A A "C3'" 1 
ATOM 1483 O "O3'" . A A 1 70 ? -15.196 5.424   -3.421  1.00 95.14  ? 57 A A "O3'" 1 
ATOM 1484 C "C2'" . A A 1 70 ? -14.957 7.421   -4.826  1.00 71.02  ? 57 A A "C2'" 1 
ATOM 1485 O "O2'" . A A 1 70 ? -14.190 6.599   -5.678  1.00 67.26  ? 57 A A "O2'" 1 
ATOM 1486 C "C1'" . A A 1 70 ? -15.990 8.151   -5.681  1.00 45.09  ? 57 A A "C1'" 1 
ATOM 1487 N N9    . A A 1 70 ? -16.081 9.580   -5.457  1.00 42.69  ? 57 A A N9    1 
ATOM 1488 C C8    . A A 1 70 ? -17.140 10.291  -4.950  1.00 62.82  ? 57 A A C8    1 
ATOM 1489 N N7    . A A 1 70 ? -16.921 11.589  -4.887  1.00 52.81  ? 57 A A N7    1 
ATOM 1490 C C5    . A A 1 70 ? -15.635 11.728  -5.384  1.00 25.98  ? 57 A A C5    1 
ATOM 1491 C C6    . A A 1 70 ? -14.831 12.838  -5.579  1.00 36.01  ? 57 A A C6    1 
ATOM 1492 N N6    . A A 1 70 ? -15.215 14.083  -5.282  1.00 65.93  ? 57 A A N6    1 
ATOM 1493 N N1    . A A 1 70 ? -13.596 12.641  -6.093  1.00 25.77  ? 57 A A N1    1 
ATOM 1494 C C2    . A A 1 70 ? -13.224 11.392  -6.387  1.00 38.94  ? 57 A A C2    1 
ATOM 1495 N N3    . A A 1 70 ? -13.901 10.259  -6.249  1.00 37.23  ? 57 A A N3    1 
ATOM 1496 C C4    . A A 1 70 ? -15.109 10.499  -5.736  1.00 30.58  ? 57 A A C4    1 
ATOM 1497 P P     . A A 1 71 ? -14.755 5.309   -1.870  1.00 94.61  ? 58 A A P     1 
ATOM 1498 O OP1   . A A 1 71 ? -14.295 3.914   -1.662  1.00 90.95  ? 58 A A OP1   1 
ATOM 1499 O OP2   . A A 1 71 ? -15.850 5.854   -1.019  1.00 76.26  ? 58 A A OP2   1 
ATOM 1500 O "O5'" . A A 1 71 ? -13.487 6.265   -1.754  1.00 62.98  ? 58 A A "O5'" 1 
ATOM 1501 C "C5'" . A A 1 71 ? -12.408 6.144   -2.673  1.00 70.27  ? 58 A A "C5'" 1 
ATOM 1502 C "C4'" . A A 1 71 ? -11.116 6.600   -2.034  1.00 91.13  ? 58 A A "C4'" 1 
ATOM 1503 O "O4'" . A A 1 71 ? -11.181 8.023   -1.707  1.00 89.03  ? 58 A A "O4'" 1 
ATOM 1504 C "C3'" . A A 1 71 ? -10.764 5.882   -0.739  1.00 96.70  ? 58 A A "C3'" 1 
ATOM 1505 O "O3'" . A A 1 71 ? -9.358  5.679   -0.664  1.00 97.94  ? 58 A A "O3'" 1 
ATOM 1506 C "C2'" . A A 1 71 ? -11.266 6.850   0.332   1.00 100.60 ? 58 A A "C2'" 1 
ATOM 1507 O "O2'" . A A 1 71 ? -10.575 6.748   1.565   1.00 119.10 ? 58 A A "O2'" 1 
ATOM 1508 C "C1'" . A A 1 71 ? -10.988 8.204   -0.315  1.00 77.25  ? 58 A A "C1'" 1 
ATOM 1509 N N9    . A A 1 71 ? -11.891 9.262   0.145   1.00 54.10  ? 58 A A N9    1 
ATOM 1510 C C8    . A A 1 71 ? -13.151 9.171   0.714   1.00 48.85  ? 58 A A C8    1 
ATOM 1511 N N7    . A A 1 71 ? -13.695 10.349  0.991   1.00 21.33  ? 58 A A N7    1 
ATOM 1512 C C5    . A A 1 71 ? -12.729 11.256  0.578   1.00 18.23  ? 58 A A C5    1 
ATOM 1513 C C6    . A A 1 71 ? -12.692 12.639  0.593   1.00 30.95  ? 58 A A C6    1 
ATOM 1514 N N6    . A A 1 71 ? -13.686 13.391  1.061   1.00 54.84  ? 58 A A N6    1 
ATOM 1515 N N1    . A A 1 71 ? -11.587 13.249  0.110   1.00 38.85  ? 58 A A N1    1 
ATOM 1516 C C2    . A A 1 71 ? -10.592 12.493  -0.354  1.00 45.53  ? 58 A A C2    1 
ATOM 1517 N N3    . A A 1 71 ? -10.506 11.164  -0.420  1.00 46.03  ? 58 A A N3    1 
ATOM 1518 C C4    . A A 1 71 ? -11.618 10.602  0.065   1.00 27.15  ? 58 A A C4    1 
ATOM 1519 P P     . U A 1 72 ? -8.791  4.217   -0.324  1.00 110.75 ? 59 U A P     1 
ATOM 1520 O OP1   . U A 1 72 ? -9.316  3.270   -1.336  1.00 107.36 ? 59 U A OP1   1 
ATOM 1521 O OP2   . U A 1 72 ? -9.052  3.968   1.114   1.00 111.21 ? 59 U A OP2   1 
ATOM 1522 O "O5'" . U A 1 72 ? -7.220  4.338   -0.539  1.00 100.41 ? 59 U A "O5'" 1 
ATOM 1523 C "C5'" . U A 1 72 ? -6.326  3.974   0.504   1.00 106.47 ? 59 U A "C5'" 1 
ATOM 1524 C "C4'" . U A 1 72 ? -5.309  5.068   0.721   1.00 106.14 ? 59 U A "C4'" 1 
ATOM 1525 O "O4'" . U A 1 72 ? -4.357  5.085   -0.374  1.00 105.21 ? 59 U A "O4'" 1 
ATOM 1526 C "C3'" . U A 1 72 ? -5.886  6.474   0.803   1.00 93.82  ? 59 U A "C3'" 1 
ATOM 1527 O "O3'" . U A 1 72 ? -6.212  6.752   2.166   1.00 89.67  ? 59 U A "O3'" 1 
ATOM 1528 C "C2'" . U A 1 72 ? -4.720  7.330   0.329   1.00 96.47  ? 59 U A "C2'" 1 
ATOM 1529 O "O2'" . U A 1 72 ? -3.855  7.619   1.398   1.00 89.96  ? 59 U A "O2'" 1 
ATOM 1530 C "C1'" . U A 1 72 ? -4.035  6.419   -0.704  1.00 104.75 ? 59 U A "C1'" 1 
ATOM 1531 N N1    . U A 1 72 ? -4.467  6.647   -2.092  1.00 115.97 ? 59 U A N1    1 
ATOM 1532 C C2    . U A 1 72 ? -3.983  7.756   -2.750  1.00 114.68 ? 59 U A C2    1 
ATOM 1533 O O2    . U A 1 72 ? -3.206  8.535   -2.244  1.00 121.70 ? 59 U A O2    1 
ATOM 1534 N N3    . U A 1 72 ? -4.448  7.919   -4.028  1.00 116.83 ? 59 U A N3    1 
ATOM 1535 C C4    . U A 1 72 ? -5.323  7.094   -4.703  1.00 116.53 ? 59 U A C4    1 
ATOM 1536 O O4    . U A 1 72 ? -5.649  7.370   -5.854  1.00 121.12 ? 59 U A O4    1 
ATOM 1537 C C5    . U A 1 72 ? -5.777  5.967   -3.955  1.00 118.00 ? 59 U A C5    1 
ATOM 1538 C C6    . U A 1 72 ? -5.343  5.786   -2.705  1.00 119.66 ? 59 U A C6    1 
ATOM 1539 P P     . U A 1 73 ? -6.989  8.110   2.566   1.00 94.92  ? 60 U A P     1 
ATOM 1540 O OP1   . U A 1 73 ? -6.745  8.344   4.008   1.00 90.60  ? 60 U A OP1   1 
ATOM 1541 O OP2   . U A 1 73 ? -8.388  8.019   2.078   1.00 85.44  ? 60 U A OP2   1 
ATOM 1542 O "O5'" . U A 1 73 ? -6.219  9.266   1.781   1.00 75.68  ? 60 U A "O5'" 1 
ATOM 1543 C "C5'" . U A 1 73 ? -4.990  9.786   2.262   1.00 87.26  ? 60 U A "C5'" 1 
ATOM 1544 C "C4'" . U A 1 73 ? -4.661  11.090  1.570   1.00 108.53 ? 60 U A "C4'" 1 
ATOM 1545 O "O4'" . U A 1 73 ? -4.508  10.862  0.146   1.00 109.64 ? 60 U A "O4'" 1 
ATOM 1546 C "C3'" . U A 1 73 ? -5.706  12.188  1.703   1.00 111.18 ? 60 U A "C3'" 1 
ATOM 1547 O "O3'" . U A 1 73 ? -5.075  13.453  1.690   1.00 90.24  ? 60 U A "O3'" 1 
ATOM 1548 C "C2'" . U A 1 73 ? -6.556  12.002  0.457   1.00 117.76 ? 60 U A "C2'" 1 
ATOM 1549 O "O2'" . U A 1 73 ? -7.209  13.172  0.008   1.00 130.11 ? 60 U A "O2'" 1 
ATOM 1550 C "C1'" . U A 1 73 ? -5.517  11.558  -0.565  1.00 117.00 ? 60 U A "C1'" 1 
ATOM 1551 N N1    . U A 1 73 ? -6.148  10.583  -1.447  1.00 120.38 ? 60 U A N1    1 
ATOM 1552 C C2    . U A 1 73 ? -6.083  10.770  -2.804  1.00 121.48 ? 60 U A C2    1 
ATOM 1553 O O2    . U A 1 73 ? -5.523  11.723  -3.312  1.00 131.26 ? 60 U A O2    1 
ATOM 1554 N N3    . U A 1 73 ? -6.697  9.796   -3.545  1.00 118.16 ? 60 U A N3    1 
ATOM 1555 C C4    . U A 1 73 ? -7.352  8.682   -3.067  1.00 126.37 ? 60 U A C4    1 
ATOM 1556 O O4    . U A 1 73 ? -7.857  7.894   -3.870  1.00 128.58 ? 60 U A O4    1 
ATOM 1557 C C5    . U A 1 73 ? -7.368  8.560   -1.632  1.00 132.76 ? 60 U A C5    1 
ATOM 1558 C C6    . U A 1 73 ? -6.778  9.495   -0.898  1.00 130.75 ? 60 U A C6    1 
ATOM 1559 P P     . C A 1 74 ? -5.396  14.493  2.857   1.00 93.66  ? 61 C A P     1 
ATOM 1560 O OP1   . C A 1 74 ? -4.698  15.748  2.464   1.00 78.33  ? 61 C A OP1   1 
ATOM 1561 O OP2   . C A 1 74 ? -5.074  13.840  4.150   1.00 92.68  ? 61 C A OP2   1 
ATOM 1562 O "O5'" . C A 1 74 ? -6.977  14.705  2.784   1.00 67.13  ? 61 C A "O5'" 1 
ATOM 1563 C "C5'" . C A 1 74 ? -7.504  15.949  2.332   1.00 67.48  ? 61 C A "C5'" 1 
ATOM 1564 C "C4'" . C A 1 74 ? -8.923  16.120  2.797   1.00 61.71  ? 61 C A "C4'" 1 
ATOM 1565 O "O4'" . C A 1 74 ? -9.745  15.103  2.189   1.00 55.45  ? 61 C A "O4'" 1 
ATOM 1566 C "C3'" . C A 1 74 ? -9.138  15.889  4.275   1.00 82.18  ? 61 C A "C3'" 1 
ATOM 1567 O "O3'" . C A 1 74 ? -8.753  17.012  5.044   1.00 86.81  ? 61 C A "O3'" 1 
ATOM 1568 C "C2'" . C A 1 74 ? -10.626 15.564  4.345   1.00 68.86  ? 61 C A "C2'" 1 
ATOM 1569 O "O2'" . C A 1 74 ? -11.460 16.707  4.285   1.00 61.93  ? 61 C A "O2'" 1 
ATOM 1570 C "C1'" . C A 1 74 ? -10.796 14.751  3.064   1.00 40.92  ? 61 C A "C1'" 1 
ATOM 1571 N N1    . C A 1 74 ? -10.760 13.297  3.206   1.00 34.47  ? 61 C A N1    1 
ATOM 1572 C C2    . C A 1 74 ? -11.863 12.652  3.764   1.00 43.95  ? 61 C A C2    1 
ATOM 1573 O O2    . C A 1 74 ? -12.788 13.361  4.196   1.00 51.63  ? 61 C A O2    1 
ATOM 1574 N N3    . C A 1 74 ? -11.896 11.286  3.809   1.00 11.40  ? 61 C A N3    1 
ATOM 1575 C C4    . C A 1 74 ? -10.863 10.589  3.319   1.00 37.18  ? 61 C A C4    1 
ATOM 1576 N N4    . C A 1 74 ? -10.922 9.241   3.359   1.00 25.84  ? 61 C A N4    1 
ATOM 1577 C C5    . C A 1 74 ? -9.711  11.235  2.762   1.00 30.00  ? 61 C A C5    1 
ATOM 1578 C C6    . C A 1 74 ? -9.701  12.579  2.736   1.00 22.77  ? 61 C A C6    1 
ATOM 1579 P P     . C A 1 75 ? -8.270  16.776  6.545   1.00 89.20  ? 62 C A P     1 
ATOM 1580 O OP1   . C A 1 75 ? -7.944  18.112  7.108   1.00 77.97  ? 62 C A OP1   1 
ATOM 1581 O OP2   . C A 1 75 ? -7.227  15.709  6.519   1.00 81.00  ? 62 C A OP2   1 
ATOM 1582 O "O5'" . C A 1 75 ? -9.602  16.241  7.230   1.00 41.74  ? 62 C A "O5'" 1 
ATOM 1583 C "C5'" . C A 1 75 ? -10.604 17.171  7.577   1.00 53.68  ? 62 C A "C5'" 1 
ATOM 1584 C "C4'" . C A 1 75 ? -11.819 16.469  8.088   1.00 59.87  ? 62 C A "C4'" 1 
ATOM 1585 O "O4'" . C A 1 75 ? -12.156 15.437  7.146   1.00 69.31  ? 62 C A "O4'" 1 
ATOM 1586 C "C3'" . C A 1 75 ? -11.667 15.701  9.382   1.00 78.40  ? 62 C A "C3'" 1 
ATOM 1587 O "O3'" . C A 1 75 ? -11.758 16.590  10.485  1.00 92.65  ? 62 C A "O3'" 1 
ATOM 1588 C "C2'" . C A 1 75 ? -12.841 14.734  9.297   1.00 62.75  ? 62 C A "C2'" 1 
ATOM 1589 O "O2'" . C A 1 75 ? -14.094 15.334  9.539   1.00 75.77  ? 62 C A "O2'" 1 
ATOM 1590 C "C1'" . C A 1 75 ? -12.807 14.385  7.821   1.00 57.48  ? 62 C A "C1'" 1 
ATOM 1591 N N1    . C A 1 75 ? -12.071 13.172  7.542   1.00 66.66  ? 62 C A N1    1 
ATOM 1592 C C2    . C A 1 75 ? -12.610 11.979  7.973   1.00 65.98  ? 62 C A C2    1 
ATOM 1593 O O2    . C A 1 75 ? -13.669 12.025  8.625   1.00 48.62  ? 62 C A O2    1 
ATOM 1594 N N3    . C A 1 75 ? -11.977 10.815  7.667   1.00 61.00  ? 62 C A N3    1 
ATOM 1595 C C4    . C A 1 75 ? -10.832 10.847  6.967   1.00 71.84  ? 62 C A C4    1 
ATOM 1596 N N4    . C A 1 75 ? -10.231 9.696   6.687   1.00 68.03  ? 62 C A N4    1 
ATOM 1597 C C5    . C A 1 75 ? -10.249 12.070  6.527   1.00 64.98  ? 62 C A C5    1 
ATOM 1598 C C6    . C A 1 75 ? -10.895 13.201  6.841   1.00 72.24  ? 62 C A C6    1 
ATOM 1599 P P     . A A 1 76 ? -10.965 16.255  11.838  1.00 91.33  ? 63 A A P     1 
ATOM 1600 O OP1   . A A 1 76 ? -11.068 17.468  12.685  1.00 83.03  ? 63 A A OP1   1 
ATOM 1601 O OP2   . A A 1 76 ? -9.627  15.708  11.501  1.00 84.52  ? 63 A A OP2   1 
ATOM 1602 O "O5'" . A A 1 76 ? -11.853 15.121  12.508  1.00 64.77  ? 63 A A "O5'" 1 
ATOM 1603 C "C5'" . A A 1 76 ? -13.045 15.479  13.186  1.00 74.75  ? 63 A A "C5'" 1 
ATOM 1604 C "C4'" . A A 1 76 ? -13.655 14.269  13.826  1.00 88.59  ? 63 A A "C4'" 1 
ATOM 1605 O "O4'" . A A 1 76 ? -14.034 13.343  12.775  1.00 96.38  ? 63 A A "O4'" 1 
ATOM 1606 C "C3'" . A A 1 76 ? -12.707 13.442  14.677  1.00 98.09  ? 63 A A "C3'" 1 
ATOM 1607 O "O3'" . A A 1 76 ? -12.546 13.928  15.995  1.00 100.62 ? 63 A A "O3'" 1 
ATOM 1608 C "C2'" . A A 1 76 ? -13.412 12.106  14.670  1.00 93.64  ? 63 A A "C2'" 1 
ATOM 1609 O "O2'" . A A 1 76 ? -14.587 12.175  15.449  1.00 97.09  ? 63 A A "O2'" 1 
ATOM 1610 C "C1'" . A A 1 76 ? -13.782 12.010  13.195  1.00 87.04  ? 63 A A "C1'" 1 
ATOM 1611 N N9    . A A 1 76 ? -12.688 11.470  12.386  1.00 83.84  ? 63 A A N9    1 
ATOM 1612 C C8    . A A 1 76 ? -11.654 12.130  11.751  1.00 85.92  ? 63 A A C8    1 
ATOM 1613 N N7    . A A 1 76 ? -10.852 11.331  11.075  1.00 72.01  ? 63 A A N7    1 
ATOM 1614 C C5    . A A 1 76 ? -11.395 10.071  11.284  1.00 70.82  ? 63 A A C5    1 
ATOM 1615 C C6    . A A 1 76 ? -11.020 8.798   10.841  1.00 76.71  ? 63 A A C6    1 
ATOM 1616 N N6    . A A 1 76 ? -9.965  8.565   10.058  1.00 81.38  ? 63 A A N6    1 
ATOM 1617 N N1    . A A 1 76 ? -11.770 7.751   11.245  1.00 76.32  ? 63 A A N1    1 
ATOM 1618 C C2    . A A 1 76 ? -12.823 7.977   12.024  1.00 78.70  ? 63 A A C2    1 
ATOM 1619 N N3    . A A 1 76 ? -13.281 9.125   12.501  1.00 73.26  ? 63 A A N3    1 
ATOM 1620 C C4    . A A 1 76 ? -12.515 10.143  12.093  1.00 71.80  ? 63 A A C4    1 
ATOM 1621 P P     . C A 1 77 ? -11.253 13.477  16.839  1.00 105.93 ? 64 C A P     1 
ATOM 1622 O OP1   . C A 1 77 ? -11.431 14.129  18.165  1.00 101.14 ? 64 C A OP1   1 
ATOM 1623 O OP2   . C A 1 77 ? -10.000 13.714  16.056  1.00 76.88  ? 64 C A OP2   1 
ATOM 1624 O "O5'" . C A 1 77 ? -11.456 11.908  17.025  1.00 67.31  ? 64 C A "O5'" 1 
ATOM 1625 C "C5'" . C A 1 77 ? -12.475 11.443  17.893  1.00 76.17  ? 64 C A "C5'" 1 
ATOM 1626 C "C4'" . C A 1 77 ? -12.588 9.950   17.830  1.00 70.38  ? 64 C A "C4'" 1 
ATOM 1627 O "O4'" . C A 1 77 ? -12.754 9.563   16.446  1.00 80.92  ? 64 C A "O4'" 1 
ATOM 1628 C "C3'" . C A 1 77 ? -11.374 9.164   18.274  1.00 81.34  ? 64 C A "C3'" 1 
ATOM 1629 O "O3'" . C A 1 77 ? -11.358 9.020   19.689  1.00 82.75  ? 64 C A "O3'" 1 
ATOM 1630 C "C2'" . C A 1 77 ? -11.614 7.834   17.576  1.00 82.19  ? 64 C A "C2'" 1 
ATOM 1631 O "O2'" . C A 1 77 ? -12.590 7.052   18.225  1.00 100.67 ? 64 C A "O2'" 1 
ATOM 1632 C "C1'" . C A 1 77 ? -12.146 8.305   16.224  1.00 62.44  ? 64 C A "C1'" 1 
ATOM 1633 N N1    . C A 1 77 ? -11.021 8.502   15.322  1.00 43.16  ? 64 C A N1    1 
ATOM 1634 C C2    . C A 1 77 ? -10.555 7.418   14.625  1.00 49.94  ? 64 C A C2    1 
ATOM 1635 O O2    . C A 1 77 ? -11.186 6.361   14.737  1.00 64.68  ? 64 C A O2    1 
ATOM 1636 N N3    . C A 1 77 ? -9.436  7.537   13.855  1.00 30.32  ? 64 C A N3    1 
ATOM 1637 C C4    . C A 1 77 ? -8.825  8.715   13.773  1.00 35.94  ? 64 C A C4    1 
ATOM 1638 N N4    . C A 1 77 ? -7.736  8.812   13.024  1.00 41.12  ? 64 C A N4    1 
ATOM 1639 C C5    . C A 1 77 ? -9.307  9.858   14.460  1.00 47.80  ? 64 C A C5    1 
ATOM 1640 C C6    . C A 1 77 ? -10.409 9.711   15.207  1.00 45.20  ? 64 C A C6    1 
ATOM 1641 P P     . C A 1 78 ? -9.961  8.770   20.447  1.00 101.55 ? 66 C A P     1 
ATOM 1642 O OP1   . C A 1 78 ? -10.295 8.874   21.893  1.00 97.28  ? 66 C A OP1   1 
ATOM 1643 O OP2   . C A 1 78 ? -8.885  9.633   19.878  1.00 80.41  ? 66 C A OP2   1 
ATOM 1644 O "O5'" . C A 1 78 ? -9.614  7.253   20.101  1.00 83.73  ? 66 C A "O5'" 1 
ATOM 1645 C "C5'" . C A 1 78 ? -10.461 6.211   20.563  1.00 85.65  ? 66 C A "C5'" 1 
ATOM 1646 C "C4'" . C A 1 78 ? -9.878  4.868   20.223  1.00 84.27  ? 66 C A "C4'" 1 
ATOM 1647 O "O4'" . C A 1 78 ? -10.003 4.622   18.800  1.00 78.96  ? 66 C A "O4'" 1 
ATOM 1648 C "C3'" . C A 1 78 ? -8.396  4.690   20.500  1.00 90.64  ? 66 C A "C3'" 1 
ATOM 1649 O "O3'" . C A 1 78 ? -8.149  4.343   21.856  1.00 94.04  ? 66 C A "O3'" 1 
ATOM 1650 C "C2'" . C A 1 78 ? -8.060  3.522   19.588  1.00 92.73  ? 66 C A "C2'" 1 
ATOM 1651 O "O2'" . C A 1 78 ? -8.458  2.288   20.157  1.00 98.47  ? 66 C A "O2'" 1 
ATOM 1652 C "C1'" . C A 1 78 ? -8.889  3.870   18.347  1.00 77.60  ? 66 C A "C1'" 1 
ATOM 1653 N N1    . C A 1 78 ? -8.100  4.721   17.452  1.00 67.00  ? 66 C A N1    1 
ATOM 1654 C C2    . C A 1 78 ? -7.169  4.127   16.617  1.00 71.78  ? 66 C A C2    1 
ATOM 1655 O O2    . C A 1 78 ? -7.084  2.896   16.610  1.00 86.25  ? 66 C A O2    1 
ATOM 1656 N N3    . C A 1 78 ? -6.378  4.905   15.843  1.00 70.94  ? 66 C A N3    1 
ATOM 1657 C C4    . C A 1 78 ? -6.508  6.231   15.885  1.00 64.04  ? 66 C A C4    1 
ATOM 1658 N N4    . C A 1 78 ? -5.701  6.970   15.119  1.00 74.09  ? 66 C A N4    1 
ATOM 1659 C C5    . C A 1 78 ? -7.469  6.862   16.716  1.00 63.11  ? 66 C A C5    1 
ATOM 1660 C C6    . C A 1 78 ? -8.245  6.077   17.470  1.00 60.25  ? 66 C A C6    1 
ATOM 1661 P P     . U A 1 79 ? -6.658  4.455   22.440  1.00 102.78 ? 67 U A P     1 
ATOM 1662 O OP1   . U A 1 79 ? -6.676  3.768   23.753  1.00 101.29 ? 67 U A OP1   1 
ATOM 1663 O OP2   . U A 1 79 ? -6.197  5.867   22.349  1.00 98.07  ? 67 U A OP2   1 
ATOM 1664 O "O5'" . U A 1 79 ? -5.782  3.583   21.438  1.00 93.10  ? 67 U A "O5'" 1 
ATOM 1665 C "C5'" . U A 1 79 ? -5.803  2.167   21.507  1.00 93.47  ? 67 U A "C5'" 1 
ATOM 1666 C "C4'" . U A 1 79 ? -4.572  1.606   20.849  1.00 105.54 ? 67 U A "C4'" 1 
ATOM 1667 O "O4'" . U A 1 79 ? -4.617  1.881   19.428  1.00 97.67  ? 67 U A "O4'" 1 
ATOM 1668 C "C3'" . U A 1 79 ? -3.256  2.223   21.304  1.00 112.03 ? 67 U A "C3'" 1 
ATOM 1669 O "O3'" . U A 1 79 ? -2.788  1.582   22.487  1.00 118.15 ? 67 U A "O3'" 1 
ATOM 1670 C "C2'" . U A 1 79 ? -2.336  1.931   20.125  1.00 108.52 ? 67 U A "C2'" 1 
ATOM 1671 O "O2'" . U A 1 79 ? -1.789  0.631   20.165  1.00 114.28 ? 67 U A "O2'" 1 
ATOM 1672 C "C1'" . U A 1 79 ? -3.298  2.046   18.942  1.00 106.93 ? 67 U A "C1'" 1 
ATOM 1673 N N1    . U A 1 79 ? -3.219  3.332   18.242  1.00 110.95 ? 67 U A N1    1 
ATOM 1674 C C2    . U A 1 79 ? -2.184  3.502   17.349  1.00 112.89 ? 67 U A C2    1 
ATOM 1675 O O2    . U A 1 79 ? -1.346  2.648   17.141  1.00 116.09 ? 67 U A O2    1 
ATOM 1676 N N3    . U A 1 79 ? -2.168  4.709   16.709  1.00 116.75 ? 67 U A N3    1 
ATOM 1677 C C4    . U A 1 79 ? -3.062  5.746   16.867  1.00 121.69 ? 67 U A C4    1 
ATOM 1678 O O4    . U A 1 79 ? -2.911  6.780   16.215  1.00 128.82 ? 67 U A O4    1 
ATOM 1679 C C5    . U A 1 79 ? -4.103  5.493   17.813  1.00 116.93 ? 67 U A C5    1 
ATOM 1680 C C6    . U A 1 79 ? -4.146  4.320   18.453  1.00 111.02 ? 67 U A C6    1 
ATOM 1681 P P     . U A 1 80 A -1.703  2.313   23.421  1.00 121.26 ? 67 U A P     1 
ATOM 1682 O OP1   . U A 1 80 A -1.328  1.298   24.434  1.00 120.51 ? 67 U A OP1   1 
ATOM 1683 O OP2   . U A 1 80 A -2.216  3.638   23.859  1.00 114.63 ? 67 U A OP2   1 
ATOM 1684 O "O5'" . U A 1 80 A -0.444  2.523   22.474  1.00 97.08  ? 67 U A "O5'" 1 
ATOM 1685 C "C5'" . U A 1 80 A 0.447   1.448   22.240  1.00 99.59  ? 67 U A "C5'" 1 
ATOM 1686 C "C4'" . U A 1 80 A 1.598   1.894   21.382  1.00 103.12 ? 67 U A "C4'" 1 
ATOM 1687 O "O4'" . U A 1 80 A 1.141   2.156   20.032  1.00 105.27 ? 67 U A "O4'" 1 
ATOM 1688 C "C3'" . U A 1 80 A 2.275   3.181   21.808  1.00 97.56  ? 67 U A "C3'" 1 
ATOM 1689 O "O3'" . U A 1 80 A 3.245   2.918   22.801  1.00 106.88 ? 67 U A "O3'" 1 
ATOM 1690 C "C2'" . U A 1 80 A 2.945   3.611   20.515  1.00 99.04  ? 67 U A "C2'" 1 
ATOM 1691 O "O2'" . U A 1 80 A 4.110   2.856   20.261  1.00 92.06  ? 67 U A "O2'" 1 
ATOM 1692 C "C1'" . U A 1 80 A 1.866   3.247   19.495  1.00 106.81 ? 67 U A "C1'" 1 
ATOM 1693 N N1    . U A 1 80 A 0.923   4.351   19.281  1.00 116.00 ? 67 U A N1    1 
ATOM 1694 C C2    . U A 1 80 A 1.291   5.341   18.400  1.00 116.84 ? 67 U A C2    1 
ATOM 1695 O O2    . U A 1 80 A 2.354   5.331   17.802  1.00 123.10 ? 67 U A O2    1 
ATOM 1696 N N3    . U A 1 80 A 0.372   6.345   18.248  1.00 115.22 ? 67 U A N3    1 
ATOM 1697 C C4    . U A 1 80 A -0.847  6.460   18.873  1.00 108.95 ? 67 U A C4    1 
ATOM 1698 O O4    . U A 1 80 A -1.562  7.434   18.628  1.00 114.84 ? 67 U A O4    1 
ATOM 1699 C C5    . U A 1 80 A -1.159  5.396   19.770  1.00 106.55 ? 67 U A C5    1 
ATOM 1700 C C6    . U A 1 80 A -0.284  4.400   19.939  1.00 111.43 ? 67 U A C6    1 
ATOM 1701 P P     . U A 1 81 B 3.695   4.089   23.790  1.00 116.41 ? 67 U A P     1 
ATOM 1702 O OP1   . U A 1 81 B 4.644   3.483   24.755  1.00 126.78 ? 67 U A OP1   1 
ATOM 1703 O OP2   . U A 1 81 B 2.468   4.756   24.288  1.00 119.10 ? 67 U A OP2   1 
ATOM 1704 O "O5'" . U A 1 81 B 4.498   5.100   22.857  1.00 114.02 ? 67 U A "O5'" 1 
ATOM 1705 C "C5'" . U A 1 81 B 5.729   4.713   22.248  1.00 117.24 ? 67 U A "C5'" 1 
ATOM 1706 C "C4'" . U A 1 81 B 6.190   5.772   21.274  1.00 120.05 ? 67 U A "C4'" 1 
ATOM 1707 O "O4'" . U A 1 81 B 5.205   5.903   20.214  1.00 126.62 ? 67 U A "O4'" 1 
ATOM 1708 C "C3'" . U A 1 81 B 6.331   7.176   21.845  1.00 122.54 ? 67 U A "C3'" 1 
ATOM 1709 O "O3'" . U A 1 81 B 7.614   7.354   22.446  1.00 118.79 ? 67 U A "O3'" 1 
ATOM 1710 C "C2'" . U A 1 81 B 6.150   8.049   20.606  1.00 124.39 ? 67 U A "C2'" 1 
ATOM 1711 O "O2'" . U A 1 81 B 7.334   8.158   19.840  1.00 125.33 ? 67 U A "O2'" 1 
ATOM 1712 C "C1'" . U A 1 81 B 5.091   7.261   19.826  1.00 123.30 ? 67 U A "C1'" 1 
ATOM 1713 N N1    . U A 1 81 B 3.703   7.699   20.060  1.00 116.83 ? 67 U A N1    1 
ATOM 1714 C C2    . U A 1 81 B 3.279   8.848   19.426  1.00 114.96 ? 67 U A C2    1 
ATOM 1715 O O2    . U A 1 81 B 4.002   9.494   18.700  1.00 123.09 ? 67 U A O2    1 
ATOM 1716 N N3    . U A 1 81 B 1.977   9.213   19.678  1.00 108.37 ? 67 U A N3    1 
ATOM 1717 C C4    . U A 1 81 B 1.074   8.556   20.483  1.00 107.28 ? 67 U A C4    1 
ATOM 1718 O O4    . U A 1 81 B -0.066  9.004   20.611  1.00 103.91 ? 67 U A O4    1 
ATOM 1719 C C5    . U A 1 81 B 1.586   7.373   21.104  1.00 108.72 ? 67 U A C5    1 
ATOM 1720 C C6    . U A 1 81 B 2.852   6.995   20.878  1.00 113.85 ? 67 U A C6    1 
ATOM 1721 P P     . C A 1 82 ? 7.830   8.494   23.564  1.00 117.37 ? 68 C A P     1 
ATOM 1722 O OP1   . C A 1 82 ? 9.150   8.246   24.191  1.00 122.43 ? 68 C A OP1   1 
ATOM 1723 O OP2   . C A 1 82 ? 6.621   8.582   24.421  1.00 112.17 ? 68 C A OP2   1 
ATOM 1724 O "O5'" . C A 1 82 ? 7.963   9.835   22.718  1.00 114.34 ? 68 C A "O5'" 1 
ATOM 1725 C "C5'" . C A 1 82 ? 9.168   10.123  22.022  1.00 120.24 ? 68 C A "C5'" 1 
ATOM 1726 C "C4'" . C A 1 82 ? 9.053   11.434  21.286  1.00 122.37 ? 68 C A "C4'" 1 
ATOM 1727 O "O4'" . C A 1 82 ? 8.080   11.307  20.213  1.00 118.31 ? 68 C A "O4'" 1 
ATOM 1728 C "C3'" . C A 1 82 ? 8.537   12.613  22.091  1.00 120.83 ? 68 C A "C3'" 1 
ATOM 1729 O "O3'" . C A 1 82 ? 9.538   13.211  22.903  1.00 124.82 ? 68 C A "O3'" 1 
ATOM 1730 C "C2'" . C A 1 82 ? 8.081   13.553  20.985  1.00 117.53 ? 68 C A "C2'" 1 
ATOM 1731 O "O2'" . C A 1 82 ? 9.164   14.232  20.383  1.00 107.65 ? 68 C A "O2'" 1 
ATOM 1732 C "C1'" . C A 1 82 ? 7.459   12.565  19.994  1.00 117.50 ? 68 C A "C1'" 1 
ATOM 1733 N N1    . C A 1 82 ? 6.012   12.428  20.217  1.00 114.68 ? 68 C A N1    1 
ATOM 1734 C C2    . C A 1 82 ? 5.167   13.433  19.740  1.00 113.01 ? 68 C A C2    1 
ATOM 1735 O O2    . C A 1 82 ? 5.667   14.384  19.122  1.00 116.89 ? 68 C A O2    1 
ATOM 1736 N N3    . C A 1 82 ? 3.836   13.349  19.967  1.00 104.55 ? 68 C A N3    1 
ATOM 1737 C C4    . C A 1 82 ? 3.343   12.309  20.639  1.00 106.63 ? 68 C A C4    1 
ATOM 1738 N N4    . C A 1 82 ? 2.022   12.264  20.844  1.00 101.72 ? 68 C A N4    1 
ATOM 1739 C C5    . C A 1 82 ? 4.181   11.263  21.132  1.00 106.58 ? 68 C A C5    1 
ATOM 1740 C C6    . C A 1 82 ? 5.496   11.360  20.895  1.00 108.59 ? 68 C A C6    1 
ATOM 1741 P P     . G A 1 83 ? 9.097   14.178  24.114  1.00 140.32 ? 69 G A P     1 
ATOM 1742 O OP1   . G A 1 83 ? 10.321  14.583  24.860  1.00 132.22 ? 69 G A OP1   1 
ATOM 1743 O OP2   . G A 1 83 ? 7.974   13.534  24.841  1.00 132.29 ? 69 G A OP2   1 
ATOM 1744 O "O5'" . G A 1 83 ? 8.515   15.470  23.386  1.00 134.72 ? 69 G A "O5'" 1 
ATOM 1745 C "C5'" . G A 1 83 ? 9.338   16.259  22.535  1.00 129.29 ? 69 G A "C5'" 1 
ATOM 1746 C "C4'" . G A 1 83 ? 8.502   17.279  21.806  1.00 125.71 ? 69 G A "C4'" 1 
ATOM 1747 O "O4'" . G A 1 83 ? 7.558   16.596  20.936  1.00 120.17 ? 69 G A "O4'" 1 
ATOM 1748 C "C3'" . G A 1 83 ? 7.607   18.135  22.686  1.00 128.58 ? 69 G A "C3'" 1 
ATOM 1749 O "O3'" . G A 1 83 ? 8.307   19.213  23.297  1.00 132.57 ? 69 G A "O3'" 1 
ATOM 1750 C "C2'" . G A 1 83 ? 6.568   18.621  21.685  1.00 126.54 ? 69 G A "C2'" 1 
ATOM 1751 O "O2'" . G A 1 83 ? 7.023   19.684  20.873  1.00 128.08 ? 69 G A "O2'" 1 
ATOM 1752 C "C1'" . G A 1 83 ? 6.364   17.361  20.842  1.00 122.88 ? 69 G A "C1'" 1 
ATOM 1753 N N9    . G A 1 83 ? 5.257   16.579  21.379  1.00 117.97 ? 69 G A N9    1 
ATOM 1754 C C8    . G A 1 83 ? 5.311   15.359  22.003  1.00 113.01 ? 69 G A C8    1 
ATOM 1755 N N7    . G A 1 83 ? 4.142   14.940  22.406  1.00 112.33 ? 69 G A N7    1 
ATOM 1756 C C5    . G A 1 83 ? 3.266   15.946  22.024  1.00 109.89 ? 69 G A C5    1 
ATOM 1757 C C6    . G A 1 83 ? 1.859   16.062  22.193  1.00 112.67 ? 69 G A C6    1 
ATOM 1758 O O6    . G A 1 83 ? 1.072   15.269  22.740  1.00 113.85 ? 69 G A O6    1 
ATOM 1759 N N1    . G A 1 83 ? 1.377   17.247  21.646  1.00 113.40 ? 69 G A N1    1 
ATOM 1760 C C2    . G A 1 83 ? 2.145   18.197  21.023  1.00 111.98 ? 69 G A C2    1 
ATOM 1761 N N2    . G A 1 83 ? 1.500   19.271  20.563  1.00 109.53 ? 69 G A N2    1 
ATOM 1762 N N3    . G A 1 83 ? 3.450   18.103  20.864  1.00 113.20 ? 69 G A N3    1 
ATOM 1763 C C4    . G A 1 83 ? 3.940   16.959  21.383  1.00 112.39 ? 69 G A C4    1 
ATOM 1764 P P     . G A 1 84 ? 7.916   19.667  24.789  1.00 130.77 ? 70 G A P     1 
ATOM 1765 O OP1   . G A 1 84 ? 9.067   20.421  25.352  1.00 129.98 ? 70 G A OP1   1 
ATOM 1766 O OP2   . G A 1 84 ? 7.408   18.465  25.495  1.00 123.47 ? 70 G A OP2   1 
ATOM 1767 O "O5'" . G A 1 84 ? 6.693   20.672  24.596  1.00 128.01 ? 70 G A "O5'" 1 
ATOM 1768 C "C5'" . G A 1 84 ? 6.812   21.841  23.782  1.00 114.87 ? 70 G A "C5'" 1 
ATOM 1769 C "C4'" . G A 1 84 ? 5.441   22.403  23.479  1.00 97.63  ? 70 G A "C4'" 1 
ATOM 1770 O "O4'" . G A 1 84 ? 4.686   21.391  22.768  1.00 93.00  ? 70 G A "O4'" 1 
ATOM 1771 C "C3'" . G A 1 84 ? 4.579   22.724  24.694  1.00 95.14  ? 70 G A "C3'" 1 
ATOM 1772 O "O3'" . G A 1 84 ? 4.779   24.058  25.137  1.00 94.89  ? 70 G A "O3'" 1 
ATOM 1773 C "C2'" . G A 1 84 ? 3.171   22.615  24.141  1.00 99.34  ? 70 G A "C2'" 1 
ATOM 1774 O "O2'" . G A 1 84 ? 2.790   23.806  23.492  1.00 117.54 ? 70 G A "O2'" 1 
ATOM 1775 C "C1'" . G A 1 84 ? 3.319   21.490  23.118  1.00 99.73  ? 70 G A "C1'" 1 
ATOM 1776 N N9    . G A 1 84 ? 2.855   20.194  23.598  1.00 98.93  ? 70 G A N9    1 
ATOM 1777 C C8    . G A 1 84 ? 3.600   19.057  23.783  1.00 101.37 ? 70 G A C8    1 
ATOM 1778 N N7    . G A 1 84 ? 2.889   18.041  24.195  1.00 110.46 ? 70 G A N7    1 
ATOM 1779 C C5    . G A 1 84 ? 1.598   18.543  24.299  1.00 113.81 ? 70 G A C5    1 
ATOM 1780 C C6    . G A 1 84 ? 0.382   17.906  24.701  1.00 115.61 ? 70 G A C6    1 
ATOM 1781 O O6    . G A 1 84 ? 0.200   16.735  25.061  1.00 110.43 ? 70 G A O6    1 
ATOM 1782 N N1    . G A 1 84 ? -0.694  18.785  24.652  1.00 114.94 ? 70 G A N1    1 
ATOM 1783 C C2    . G A 1 84 ? -0.619  20.102  24.273  1.00 116.13 ? 70 G A C2    1 
ATOM 1784 N N2    . G A 1 84 ? -1.769  20.787  24.293  1.00 116.27 ? 70 G A N2    1 
ATOM 1785 N N3    . G A 1 84 ? 0.502   20.706  23.902  1.00 113.16 ? 70 G A N3    1 
ATOM 1786 C C4    . G A 1 84 ? 1.561   19.872  23.936  1.00 107.86 ? 70 G A C4    1 
ATOM 1787 P P     . G A 1 85 ? 4.402   24.462  26.653  1.00 110.59 ? 71 G A P     1 
ATOM 1788 O OP1   . G A 1 85 ? 4.815   25.877  26.856  1.00 105.37 ? 71 G A OP1   1 
ATOM 1789 O OP2   . G A 1 85 ? 4.936   23.403  27.541  1.00 104.69 ? 71 G A OP2   1 
ATOM 1790 O "O5'" . G A 1 85 ? 2.810   24.405  26.737  1.00 100.67 ? 71 G A "O5'" 1 
ATOM 1791 C "C5'" . G A 1 85 ? 2.023   25.535  26.391  1.00 102.62 ? 71 G A "C5'" 1 
ATOM 1792 C "C4'" . G A 1 85 ? 0.576   25.290  26.726  1.00 102.36 ? 71 G A "C4'" 1 
ATOM 1793 O "O4'" . G A 1 85 ? 0.156   24.028  26.156  1.00 96.73  ? 71 G A "O4'" 1 
ATOM 1794 C "C3'" . G A 1 85 ? 0.267   25.150  28.207  1.00 109.10 ? 71 G A "C3'" 1 
ATOM 1795 O "O3'" . G A 1 85 ? 0.035   26.430  28.780  1.00 107.02 ? 71 G A "O3'" 1 
ATOM 1796 C "C2'" . G A 1 85 ? -1.021  24.335  28.222  1.00 111.36 ? 71 G A "C2'" 1 
ATOM 1797 O "O2'" . G A 1 85 ? -2.204  25.108  28.179  1.00 112.13 ? 71 G A "O2'" 1 
ATOM 1798 C "C1'" . G A 1 85 ? -0.874  23.481  26.965  1.00 107.70 ? 71 G A "C1'" 1 
ATOM 1799 N N9    . G A 1 85 ? -0.584  22.076  27.223  1.00 99.38  ? 71 G A N9    1 
ATOM 1800 C C8    . G A 1 85 ? 0.569   21.406  26.910  1.00 104.76 ? 71 G A C8    1 
ATOM 1801 N N7    . G A 1 85 ? 0.492   20.122  27.136  1.00 97.87  ? 71 G A N7    1 
ATOM 1802 C C5    . G A 1 85 ? -0.776  19.941  27.660  1.00 96.99  ? 71 G A C5    1 
ATOM 1803 C C6    . G A 1 85 ? -1.423  18.759  28.086  1.00 104.24 ? 71 G A C6    1 
ATOM 1804 O O6    . G A 1 85 ? -0.981  17.601  28.088  1.00 107.10 ? 71 G A O6    1 
ATOM 1805 N N1    . G A 1 85 ? -2.715  19.018  28.540  1.00 95.00  ? 71 G A N1    1 
ATOM 1806 C C2    . G A 1 85 ? -3.298  20.259  28.589  1.00 91.73  ? 71 G A C2    1 
ATOM 1807 N N2    . G A 1 85 ? -4.541  20.303  29.065  1.00 91.33  ? 71 G A N2    1 
ATOM 1808 N N3    . G A 1 85 ? -2.698  21.375  28.197  1.00 88.89  ? 71 G A N3    1 
ATOM 1809 C C4    . G A 1 85 ? -1.449  21.141  27.742  1.00 93.90  ? 71 G A C4    1 
ATOM 1810 P P     . C A 1 86 ? 0.033   26.592  30.377  1.00 118.53 ? 72 C A P     1 
ATOM 1811 O OP1   . C A 1 86 ? -0.207  28.018  30.716  1.00 110.92 ? 72 C A OP1   1 
ATOM 1812 O OP2   . C A 1 86 ? 1.278   25.948  30.842  1.00 112.53 ? 72 C A OP2   1 
ATOM 1813 O "O5'" . C A 1 86 ? -1.243  25.760  30.871  1.00 86.50  ? 72 C A "O5'" 1 
ATOM 1814 C "C5'" . C A 1 86 ? -2.473  26.433  31.172  1.00 72.25  ? 72 C A "C5'" 1 
ATOM 1815 C "C4'" . C A 1 86 ? -3.574  25.440  31.470  1.00 81.80  ? 72 C A "C4'" 1 
ATOM 1816 O "O4'" . C A 1 86 ? -3.295  24.219  30.747  1.00 86.79  ? 72 C A "O4'" 1 
ATOM 1817 C "C3'" . C A 1 86 ? -3.706  24.966  32.911  1.00 86.35  ? 72 C A "C3'" 1 
ATOM 1818 O "O3'" . C A 1 86 ? -4.426  25.948  33.698  1.00 86.81  ? 72 C A "O3'" 1 
ATOM 1819 C "C2'" . C A 1 86 ? -4.422  23.616  32.772  1.00 85.31  ? 72 C A "C2'" 1 
ATOM 1820 O "O2'" . C A 1 86 ? -5.841  23.699  32.751  1.00 87.35  ? 72 C A "O2'" 1 
ATOM 1821 C "C1'" . C A 1 86 ? -3.910  23.130  31.414  1.00 80.44  ? 72 C A "C1'" 1 
ATOM 1822 N N1    . C A 1 86 ? -2.972  22.002  31.458  1.00 67.87  ? 72 C A N1    1 
ATOM 1823 C C2    . C A 1 86 ? -3.471  20.756  31.815  1.00 72.09  ? 72 C A C2    1 
ATOM 1824 O O2    . C A 1 86 ? -4.671  20.661  32.104  1.00 71.40  ? 72 C A O2    1 
ATOM 1825 N N3    . C A 1 86 ? -2.648  19.684  31.835  1.00 74.03  ? 72 C A N3    1 
ATOM 1826 C C4    . C A 1 86 ? -1.360  19.834  31.518  1.00 82.29  ? 72 C A C4    1 
ATOM 1827 N N4    . C A 1 86 ? -0.578  18.753  31.560  1.00 73.60  ? 72 C A N4    1 
ATOM 1828 C C5    . C A 1 86 ? -0.814  21.104  31.147  1.00 77.61  ? 72 C A C5    1 
ATOM 1829 C C6    . C A 1 86 ? -1.650  22.154  31.135  1.00 80.41  ? 72 C A C6    1 
# 
loop_
_pdbx_poly_seq_scheme.asym_id 
_pdbx_poly_seq_scheme.entity_id 
_pdbx_poly_seq_scheme.seq_id 
_pdbx_poly_seq_scheme.mon_id 
_pdbx_poly_seq_scheme.ndb_seq_num 
_pdbx_poly_seq_scheme.pdb_seq_num 
_pdbx_poly_seq_scheme.auth_seq_num 
_pdbx_poly_seq_scheme.pdb_mon_id 
_pdbx_poly_seq_scheme.auth_mon_id 
_pdbx_poly_seq_scheme.pdb_strand_id 
_pdbx_poly_seq_scheme.pdb_ins_code 
_pdbx_poly_seq_scheme.hetero 
A 1 1  G 1  1  1  G G A . n 
A 1 2  C 2  2  2  C C A . n 
A 1 3  C 3  3  3  C C A . n 
A 1 4  C 4  4  4  C C A . n 
A 1 5  G 5  5  5  G G A . n 
A 1 6  G 6  5  5  G G A A n 
A 1 7  A 7  5  5  A A A B n 
A 1 8  U 8  6  6  U U A . n 
A 1 9  G 9  7  7  G G A . n 
A 1 10 A 10 8  8  A A A . n 
A 1 11 U 11 9  9  U U A . n 
A 1 12 C 12 10 10 C C A . n 
A 1 13 C 13 11 11 C C A . n 
A 1 14 U 14 12 12 U U A . n 
A 1 15 C 15 13 13 C C A . n 
A 1 16 A 16 14 14 A A A . n 
A 1 17 G 17 15 15 G G A . n 
A 1 18 U 18 16 16 U U A . n 
A 1 19 G 19 18 18 G G A . n 
A 1 20 G 20 19 19 G G A . n 
A 1 21 U 21 20 20 U U A . n 
A 1 22 C 22 20 20 C C A A n 
A 1 23 U 23 21 21 U U A . n 
A 1 24 G 24 22 22 G G A . n 
A 1 25 G 25 23 23 G G A . n 
A 1 26 G 26 24 24 G G A . n 
A 1 27 G 27 25 25 G G A . n 
A 1 28 U 28 26 26 U U A . n 
A 1 29 G 29 27 27 G G A . n 
A 1 30 C 30 28 28 C C A . n 
A 1 31 A 31 29 29 A A A . n 
A 1 32 G 32 30 30 G G A . n 
A 1 33 G 33 31 31 G G A . n 
A 1 34 C 34 32 32 C C A . n 
A 1 35 U 35 33 33 U U A . n 
A 1 36 U 36 34 34 U U A . n 
A 1 37 C 37 35 35 C C A . n 
A 1 38 A 38 36 36 A A A . n 
A 1 39 A 39 37 37 A A A . n 
A 1 40 A 40 38 38 A A A . n 
A 1 41 C 41 39 39 C C A . n 
A 1 42 C 42 40 40 C C A . n 
A 1 43 U 43 41 41 U U A . n 
A 1 44 G 44 42 42 G G A . n 
A 1 45 U 45 43 43 U U A . n 
A 1 46 A 46 44 44 A A A . n 
A 1 47 G 47 45 45 G G A . n 
A 1 48 C 48 46 46 C C A . n 
A 1 49 U 49 47 47 U U A . n 
A 1 50 G 50 47 47 G G A A n 
A 1 51 U 51 47 47 U U A B n 
A 1 52 C 52 47 47 C C A C n 
A 1 53 U 53 47 47 U U A D n 
A 1 54 A 54 47 47 A A A E n 
A 1 55 G 55 47 47 G G A F n 
A 1 56 C 56 47 47 C C A G n 
A 1 57 G 57 47 47 G G A H n 
A 1 58 A 58 47 47 A A A I n 
A 1 59 C 59 47 47 C C A J n 
A 1 60 A 60 47 47 A A A K n 
A 1 61 G 61 47 47 G G A L n 
A 1 62 A 62 48 48 A A A . n 
A 1 63 G 63 50 50 G G A . n 
A 1 64 U 64 51 51 U U A . n 
A 1 65 G 65 52 52 G G A . n 
A 1 66 G 66 53 53 G G A . n 
A 1 67 U 67 54 54 U U A . n 
A 1 68 U 68 55 55 U U A . n 
A 1 69 C 69 56 56 C C A . n 
A 1 70 A 70 57 57 A A A . n 
A 1 71 A 71 58 58 A A A . n 
A 1 72 U 72 59 59 U U A . n 
A 1 73 U 73 60 60 U U A . n 
A 1 74 C 74 61 61 C C A . n 
A 1 75 C 75 62 62 C C A . n 
A 1 76 A 76 63 63 A A A . n 
A 1 77 C 77 64 64 C C A . n 
A 1 78 C 78 66 66 C C A . n 
A 1 79 U 79 67 67 U U A . n 
A 1 80 U 80 67 67 U U A A n 
A 1 81 U 81 67 67 U U A B n 
A 1 82 C 82 68 68 C C A . n 
A 1 83 G 83 69 69 G G A . n 
A 1 84 G 84 70 70 G G A . n 
A 1 85 G 85 71 71 G G A . n 
A 1 86 C 86 72 72 C C A . n 
A 1 87 G 87 73 ?  ? ? A . n 
A 1 88 C 88 74 ?  ? ? A . n 
A 1 89 C 89 75 ?  ? ? A . n 
A 1 90 A 90 76 ?  ? ? A . n 
# 
_pdbx_struct_assembly.id                   1 
_pdbx_struct_assembly.details              author_and_software_defined_assembly 
_pdbx_struct_assembly.method_details       PISA 
_pdbx_struct_assembly.oligomeric_details   monomeric 
_pdbx_struct_assembly.oligomeric_count     1 
# 
_pdbx_struct_assembly_gen.assembly_id       1 
_pdbx_struct_assembly_gen.oper_expression   1 
_pdbx_struct_assembly_gen.asym_id_list      A 
# 
_pdbx_struct_oper_list.id                   1 
_pdbx_struct_oper_list.type                 'identity operation' 
_pdbx_struct_oper_list.name                 1_555 
_pdbx_struct_oper_list.symmetry_operation   x,y,z 
_pdbx_struct_oper_list.matrix[1][1]         1.0000000000 
_pdbx_struct_oper_list.matrix[1][2]         0.0000000000 
_pdbx_struct_oper_list.matrix[1][3]         0.0000000000 
_pdbx_struct_oper_list.vector[1]            0.0000000000 
_pdbx_struct_oper_list.matrix[2][1]         0.0000000000 
_pdbx_struct_oper_list.matrix[2][2]         1.0000000000 
_pdbx_struct_oper_list.matrix[2][3]         0.0000000000 
_pdbx_struct_oper_list.vector[2]            0.0000000000 
_pdbx_struct_oper_list.matrix[3][1]         0.0000000000 
_pdbx_struct_oper_list.matrix[3][2]         0.0000000000 
_pdbx_struct_oper_list.matrix[3][3]         1.0000000000 
_pdbx_struct_oper_list.vector[3]            0.0000000000 
# 
loop_
_pdbx_audit_revision_history.ordinal 
_pdbx_audit_revision_history.data_content_type 
_pdbx_audit_revision_history.major_revision 
_pdbx_audit_revision_history.minor_revision 
_pdbx_audit_revision_history.revision_date 
1 'Structure model' 1 0 2009-08-11 
2 'Structure model' 1 1 2011-07-13 
3 'Structure model' 1 2 2018-04-18 
4 'Structure model' 1 3 2023-11-01 
# 
_pdbx_audit_revision_details.ordinal             1 
_pdbx_audit_revision_details.revision_ordinal    1 
_pdbx_audit_revision_details.data_content_type   'Structure model' 
_pdbx_audit_revision_details.provider            repository 
_pdbx_audit_revision_details.type                'Initial release' 
_pdbx_audit_revision_details.description         ? 
_pdbx_audit_revision_details.details             ? 
# 
loop_
_pdbx_audit_revision_group.ordinal 
_pdbx_audit_revision_group.revision_ordinal 
_pdbx_audit_revision_group.data_content_type 
_pdbx_audit_revision_group.group 
1 2 'Structure model' 'Version format compliance' 
2 3 'Structure model' 'Data collection'           
3 3 'Structure model' 'Database references'       
4 3 'Structure model' 'Derived calculations'      
5 3 'Structure model' 'Source and taxonomy'       
6 3 'Structure model' 'Structure summary'         
7 4 'Structure model' 'Data collection'           
8 4 'Structure model' 'Database references'       
9 4 'Structure model' 'Refinement description'    
# 
loop_
_pdbx_audit_revision_category.ordinal 
_pdbx_audit_revision_category.revision_ordinal 
_pdbx_audit_revision_category.data_content_type 
_pdbx_audit_revision_category.category 
1  3 'Structure model' entity                        
2  3 'Structure model' entity_src_gen                
3  3 'Structure model' ndb_struct_conf_na            
4  3 'Structure model' ndb_struct_na_base_pair       
5  3 'Structure model' ndb_struct_na_base_pair_step  
6  3 'Structure model' pdbx_entity_src_syn           
7  3 'Structure model' struct_conn                   
8  3 'Structure model' struct_ref                    
9  4 'Structure model' chem_comp_atom                
10 4 'Structure model' chem_comp_bond                
11 4 'Structure model' database_2                    
12 4 'Structure model' pdbx_initial_refinement_model 
# 
loop_
_pdbx_audit_revision_item.ordinal 
_pdbx_audit_revision_item.revision_ordinal 
_pdbx_audit_revision_item.data_content_type 
_pdbx_audit_revision_item.item 
1  3 'Structure model' '_entity.src_method'                        
2  3 'Structure model' '_ndb_struct_conf_na.feature'               
3  3 'Structure model' '_ndb_struct_na_base_pair.buckle'           
4  3 'Structure model' '_ndb_struct_na_base_pair.hbond_type_12'    
5  3 'Structure model' '_ndb_struct_na_base_pair.opening'          
6  3 'Structure model' '_ndb_struct_na_base_pair.propeller'        
7  3 'Structure model' '_ndb_struct_na_base_pair.shear'            
8  3 'Structure model' '_ndb_struct_na_base_pair.stagger'          
9  3 'Structure model' '_ndb_struct_na_base_pair_step.inclination' 
10 3 'Structure model' '_ndb_struct_na_base_pair_step.tilt'        
11 3 'Structure model' '_ndb_struct_na_base_pair_step.tip'         
12 3 'Structure model' '_struct_ref.pdbx_align_begin'              
13 4 'Structure model' '_database_2.pdbx_DOI'                      
14 4 'Structure model' '_database_2.pdbx_database_accession'       
# 
loop_
_software.name 
_software.classification 
_software.version 
_software.citation_id 
_software.pdbx_ordinal 
CNS      refinement        1.2     ? 1 
ADSC     'data collection' Quantum ? 2 
HKL-2000 'data reduction'  .       ? 3 
HKL-2000 'data scaling'    .       ? 4 
PHASER   phasing           .       ? 5 
# 
_pdbx_validate_rmsd_bond.id                        1 
_pdbx_validate_rmsd_bond.PDB_model_num             1 
_pdbx_validate_rmsd_bond.auth_atom_id_1            P 
_pdbx_validate_rmsd_bond.auth_asym_id_1            A 
_pdbx_validate_rmsd_bond.auth_comp_id_1            G 
_pdbx_validate_rmsd_bond.auth_seq_id_1             1 
_pdbx_validate_rmsd_bond.PDB_ins_code_1            ? 
_pdbx_validate_rmsd_bond.label_alt_id_1            ? 
_pdbx_validate_rmsd_bond.auth_atom_id_2            OP3 
_pdbx_validate_rmsd_bond.auth_asym_id_2            A 
_pdbx_validate_rmsd_bond.auth_comp_id_2            G 
_pdbx_validate_rmsd_bond.auth_seq_id_2             1 
_pdbx_validate_rmsd_bond.PDB_ins_code_2            ? 
_pdbx_validate_rmsd_bond.label_alt_id_2            ? 
_pdbx_validate_rmsd_bond.bond_value                1.527 
_pdbx_validate_rmsd_bond.bond_target_value         1.607 
_pdbx_validate_rmsd_bond.bond_deviation            -0.080 
_pdbx_validate_rmsd_bond.bond_standard_deviation   0.012 
_pdbx_validate_rmsd_bond.linker_flag               N 
# 
loop_
_pdbx_unobs_or_zero_occ_residues.id 
_pdbx_unobs_or_zero_occ_residues.PDB_model_num 
_pdbx_unobs_or_zero_occ_residues.polymer_flag 
_pdbx_unobs_or_zero_occ_residues.occupancy_flag 
_pdbx_unobs_or_zero_occ_residues.auth_asym_id 
_pdbx_unobs_or_zero_occ_residues.auth_comp_id 
_pdbx_unobs_or_zero_occ_residues.auth_seq_id 
_pdbx_unobs_or_zero_occ_residues.PDB_ins_code 
_pdbx_unobs_or_zero_occ_residues.label_asym_id 
_pdbx_unobs_or_zero_occ_residues.label_comp_id 
_pdbx_unobs_or_zero_occ_residues.label_seq_id 
1 1 Y 1 A G 73 ? A G 87 
2 1 Y 1 A C 74 ? A C 88 
3 1 Y 1 A C 75 ? A C 89 
4 1 Y 1 A A 76 ? A A 90 
# 
loop_
_chem_comp_atom.comp_id 
_chem_comp_atom.atom_id 
_chem_comp_atom.type_symbol 
_chem_comp_atom.pdbx_aromatic_flag 
_chem_comp_atom.pdbx_stereo_config 
_chem_comp_atom.pdbx_ordinal 
A OP3    O N N 1   
A P      P N N 2   
A OP1    O N N 3   
A OP2    O N N 4   
A "O5'"  O N N 5   
A "C5'"  C N N 6   
A "C4'"  C N R 7   
A "O4'"  O N N 8   
A "C3'"  C N S 9   
A "O3'"  O N N 10  
A "C2'"  C N R 11  
A "O2'"  O N N 12  
A "C1'"  C N R 13  
A N9     N Y N 14  
A C8     C Y N 15  
A N7     N Y N 16  
A C5     C Y N 17  
A C6     C Y N 18  
A N6     N N N 19  
A N1     N Y N 20  
A C2     C Y N 21  
A N3     N Y N 22  
A C4     C Y N 23  
A HOP3   H N N 24  
A HOP2   H N N 25  
A "H5'"  H N N 26  
A "H5''" H N N 27  
A "H4'"  H N N 28  
A "H3'"  H N N 29  
A "HO3'" H N N 30  
A "H2'"  H N N 31  
A "HO2'" H N N 32  
A "H1'"  H N N 33  
A H8     H N N 34  
A H61    H N N 35  
A H62    H N N 36  
A H2     H N N 37  
C OP3    O N N 38  
C P      P N N 39  
C OP1    O N N 40  
C OP2    O N N 41  
C "O5'"  O N N 42  
C "C5'"  C N N 43  
C "C4'"  C N R 44  
C "O4'"  O N N 45  
C "C3'"  C N S 46  
C "O3'"  O N N 47  
C "C2'"  C N R 48  
C "O2'"  O N N 49  
C "C1'"  C N R 50  
C N1     N N N 51  
C C2     C N N 52  
C O2     O N N 53  
C N3     N N N 54  
C C4     C N N 55  
C N4     N N N 56  
C C5     C N N 57  
C C6     C N N 58  
C HOP3   H N N 59  
C HOP2   H N N 60  
C "H5'"  H N N 61  
C "H5''" H N N 62  
C "H4'"  H N N 63  
C "H3'"  H N N 64  
C "HO3'" H N N 65  
C "H2'"  H N N 66  
C "HO2'" H N N 67  
C "H1'"  H N N 68  
C H41    H N N 69  
C H42    H N N 70  
C H5     H N N 71  
C H6     H N N 72  
G OP3    O N N 73  
G P      P N N 74  
G OP1    O N N 75  
G OP2    O N N 76  
G "O5'"  O N N 77  
G "C5'"  C N N 78  
G "C4'"  C N R 79  
G "O4'"  O N N 80  
G "C3'"  C N S 81  
G "O3'"  O N N 82  
G "C2'"  C N R 83  
G "O2'"  O N N 84  
G "C1'"  C N R 85  
G N9     N Y N 86  
G C8     C Y N 87  
G N7     N Y N 88  
G C5     C Y N 89  
G C6     C N N 90  
G O6     O N N 91  
G N1     N N N 92  
G C2     C N N 93  
G N2     N N N 94  
G N3     N N N 95  
G C4     C Y N 96  
G HOP3   H N N 97  
G HOP2   H N N 98  
G "H5'"  H N N 99  
G "H5''" H N N 100 
G "H4'"  H N N 101 
G "H3'"  H N N 102 
G "HO3'" H N N 103 
G "H2'"  H N N 104 
G "HO2'" H N N 105 
G "H1'"  H N N 106 
G H8     H N N 107 
G H1     H N N 108 
G H21    H N N 109 
G H22    H N N 110 
U OP3    O N N 111 
U P      P N N 112 
U OP1    O N N 113 
U OP2    O N N 114 
U "O5'"  O N N 115 
U "C5'"  C N N 116 
U "C4'"  C N R 117 
U "O4'"  O N N 118 
U "C3'"  C N S 119 
U "O3'"  O N N 120 
U "C2'"  C N R 121 
U "O2'"  O N N 122 
U "C1'"  C N R 123 
U N1     N N N 124 
U C2     C N N 125 
U O2     O N N 126 
U N3     N N N 127 
U C4     C N N 128 
U O4     O N N 129 
U C5     C N N 130 
U C6     C N N 131 
U HOP3   H N N 132 
U HOP2   H N N 133 
U "H5'"  H N N 134 
U "H5''" H N N 135 
U "H4'"  H N N 136 
U "H3'"  H N N 137 
U "HO3'" H N N 138 
U "H2'"  H N N 139 
U "HO2'" H N N 140 
U "H1'"  H N N 141 
U H3     H N N 142 
U H5     H N N 143 
U H6     H N N 144 
# 
loop_
_chem_comp_bond.comp_id 
_chem_comp_bond.atom_id_1 
_chem_comp_bond.atom_id_2 
_chem_comp_bond.value_order 
_chem_comp_bond.pdbx_aromatic_flag 
_chem_comp_bond.pdbx_stereo_config 
_chem_comp_bond.pdbx_ordinal 
A OP3   P      sing N N 1   
A OP3   HOP3   sing N N 2   
A P     OP1    doub N N 3   
A P     OP2    sing N N 4   
A P     "O5'"  sing N N 5   
A OP2   HOP2   sing N N 6   
A "O5'" "C5'"  sing N N 7   
A "C5'" "C4'"  sing N N 8   
A "C5'" "H5'"  sing N N 9   
A "C5'" "H5''" sing N N 10  
A "C4'" "O4'"  sing N N 11  
A "C4'" "C3'"  sing N N 12  
A "C4'" "H4'"  sing N N 13  
A "O4'" "C1'"  sing N N 14  
A "C3'" "O3'"  sing N N 15  
A "C3'" "C2'"  sing N N 16  
A "C3'" "H3'"  sing N N 17  
A "O3'" "HO3'" sing N N 18  
A "C2'" "O2'"  sing N N 19  
A "C2'" "C1'"  sing N N 20  
A "C2'" "H2'"  sing N N 21  
A "O2'" "HO2'" sing N N 22  
A "C1'" N9     sing N N 23  
A "C1'" "H1'"  sing N N 24  
A N9    C8     sing Y N 25  
A N9    C4     sing Y N 26  
A C8    N7     doub Y N 27  
A C8    H8     sing N N 28  
A N7    C5     sing Y N 29  
A C5    C6     sing Y N 30  
A C5    C4     doub Y N 31  
A C6    N6     sing N N 32  
A C6    N1     doub Y N 33  
A N6    H61    sing N N 34  
A N6    H62    sing N N 35  
A N1    C2     sing Y N 36  
A C2    N3     doub Y N 37  
A C2    H2     sing N N 38  
A N3    C4     sing Y N 39  
C OP3   P      sing N N 40  
C OP3   HOP3   sing N N 41  
C P     OP1    doub N N 42  
C P     OP2    sing N N 43  
C P     "O5'"  sing N N 44  
C OP2   HOP2   sing N N 45  
C "O5'" "C5'"  sing N N 46  
C "C5'" "C4'"  sing N N 47  
C "C5'" "H5'"  sing N N 48  
C "C5'" "H5''" sing N N 49  
C "C4'" "O4'"  sing N N 50  
C "C4'" "C3'"  sing N N 51  
C "C4'" "H4'"  sing N N 52  
C "O4'" "C1'"  sing N N 53  
C "C3'" "O3'"  sing N N 54  
C "C3'" "C2'"  sing N N 55  
C "C3'" "H3'"  sing N N 56  
C "O3'" "HO3'" sing N N 57  
C "C2'" "O2'"  sing N N 58  
C "C2'" "C1'"  sing N N 59  
C "C2'" "H2'"  sing N N 60  
C "O2'" "HO2'" sing N N 61  
C "C1'" N1     sing N N 62  
C "C1'" "H1'"  sing N N 63  
C N1    C2     sing N N 64  
C N1    C6     sing N N 65  
C C2    O2     doub N N 66  
C C2    N3     sing N N 67  
C N3    C4     doub N N 68  
C C4    N4     sing N N 69  
C C4    C5     sing N N 70  
C N4    H41    sing N N 71  
C N4    H42    sing N N 72  
C C5    C6     doub N N 73  
C C5    H5     sing N N 74  
C C6    H6     sing N N 75  
G OP3   P      sing N N 76  
G OP3   HOP3   sing N N 77  
G P     OP1    doub N N 78  
G P     OP2    sing N N 79  
G P     "O5'"  sing N N 80  
G OP2   HOP2   sing N N 81  
G "O5'" "C5'"  sing N N 82  
G "C5'" "C4'"  sing N N 83  
G "C5'" "H5'"  sing N N 84  
G "C5'" "H5''" sing N N 85  
G "C4'" "O4'"  sing N N 86  
G "C4'" "C3'"  sing N N 87  
G "C4'" "H4'"  sing N N 88  
G "O4'" "C1'"  sing N N 89  
G "C3'" "O3'"  sing N N 90  
G "C3'" "C2'"  sing N N 91  
G "C3'" "H3'"  sing N N 92  
G "O3'" "HO3'" sing N N 93  
G "C2'" "O2'"  sing N N 94  
G "C2'" "C1'"  sing N N 95  
G "C2'" "H2'"  sing N N 96  
G "O2'" "HO2'" sing N N 97  
G "C1'" N9     sing N N 98  
G "C1'" "H1'"  sing N N 99  
G N9    C8     sing Y N 100 
G N9    C4     sing Y N 101 
G C8    N7     doub Y N 102 
G C8    H8     sing N N 103 
G N7    C5     sing Y N 104 
G C5    C6     sing N N 105 
G C5    C4     doub Y N 106 
G C6    O6     doub N N 107 
G C6    N1     sing N N 108 
G N1    C2     sing N N 109 
G N1    H1     sing N N 110 
G C2    N2     sing N N 111 
G C2    N3     doub N N 112 
G N2    H21    sing N N 113 
G N2    H22    sing N N 114 
G N3    C4     sing N N 115 
U OP3   P      sing N N 116 
U OP3   HOP3   sing N N 117 
U P     OP1    doub N N 118 
U P     OP2    sing N N 119 
U P     "O5'"  sing N N 120 
U OP2   HOP2   sing N N 121 
U "O5'" "C5'"  sing N N 122 
U "C5'" "C4'"  sing N N 123 
U "C5'" "H5'"  sing N N 124 
U "C5'" "H5''" sing N N 125 
U "C4'" "O4'"  sing N N 126 
U "C4'" "C3'"  sing N N 127 
U "C4'" "H4'"  sing N N 128 
U "O4'" "C1'"  sing N N 129 
U "C3'" "O3'"  sing N N 130 
U "C3'" "C2'"  sing N N 131 
U "C3'" "H3'"  sing N N 132 
U "O3'" "HO3'" sing N N 133 
U "C2'" "O2'"  sing N N 134 
U "C2'" "C1'"  sing N N 135 
U "C2'" "H2'"  sing N N 136 
U "O2'" "HO2'" sing N N 137 
U "C1'" N1     sing N N 138 
U "C1'" "H1'"  sing N N 139 
U N1    C2     sing N N 140 
U N1    C6     sing N N 141 
U C2    O2     doub N N 142 
U C2    N3     sing N N 143 
U N3    C4     sing N N 144 
U N3    H3     sing N N 145 
U C4    O4     doub N N 146 
U C4    C5     sing N N 147 
U C5    C6     doub N N 148 
U C5    H5     sing N N 149 
U C6    H6     sing N N 150 
# 
loop_
_ndb_struct_conf_na.entry_id 
_ndb_struct_conf_na.feature 
3A3A 'double helix'         
3A3A 'a-form double helix'  
3A3A 'parallel strands'     
3A3A 'hairpin loop'         
3A3A 'mismatched base pair' 
# 
loop_
_ndb_struct_na_base_pair.model_number 
_ndb_struct_na_base_pair.i_label_asym_id 
_ndb_struct_na_base_pair.i_label_comp_id 
_ndb_struct_na_base_pair.i_label_seq_id 
_ndb_struct_na_base_pair.i_symmetry 
_ndb_struct_na_base_pair.j_label_asym_id 
_ndb_struct_na_base_pair.j_label_comp_id 
_ndb_struct_na_base_pair.j_label_seq_id 
_ndb_struct_na_base_pair.j_symmetry 
_ndb_struct_na_base_pair.shear 
_ndb_struct_na_base_pair.stretch 
_ndb_struct_na_base_pair.stagger 
_ndb_struct_na_base_pair.buckle 
_ndb_struct_na_base_pair.propeller 
_ndb_struct_na_base_pair.opening 
_ndb_struct_na_base_pair.pair_number 
_ndb_struct_na_base_pair.pair_name 
_ndb_struct_na_base_pair.i_auth_asym_id 
_ndb_struct_na_base_pair.i_auth_seq_id 
_ndb_struct_na_base_pair.i_PDB_ins_code 
_ndb_struct_na_base_pair.j_auth_asym_id 
_ndb_struct_na_base_pair.j_auth_seq_id 
_ndb_struct_na_base_pair.j_PDB_ins_code 
_ndb_struct_na_base_pair.hbond_type_28 
_ndb_struct_na_base_pair.hbond_type_12 
1 A G 1  1_555 A C 86 1_555 -0.007 -0.021 0.202  6.849   -4.282  -5.724   1  A_G1:C72_A    A 1  ? A 72 ? 19 1 
1 A C 2  1_555 A G 85 1_555 0.201  -0.085 0.092  13.619  -2.034  1.166    2  A_C2:G71_A    A 2  ? A 71 ? 19 1 
1 A C 3  1_555 A G 84 1_555 0.034  -0.035 0.030  5.258   -3.406  0.759    3  A_C3:G70_A    A 3  ? A 70 ? 19 1 
1 A C 4  1_555 A G 83 1_555 0.216  -0.066 -0.006 3.750   -4.538  2.094    4  A_C4:G69_A    A 4  ? A 69 ? 19 1 
1 A G 5  1_555 A C 82 1_555 -0.125 -0.117 0.120  -1.457  -1.413  0.092    5  A_G5:C68_A    A 5  ? A 68 ? 19 1 
1 A G 6  1_555 A U 81 1_555 -2.499 -0.397 -0.023 1.925   1.541   4.325    6  A_G5A:U67B_A  A 5  A A 67 B 28 1 
1 A A 7  1_555 A U 80 1_555 -0.063 -0.188 0.100  -1.415  -0.824  14.778   7  A_A5B:U67A_A  A 5  B A 67 A 20 1 
1 A U 8  1_555 A U 79 1_555 2.056  -1.716 0.287  -0.213  -10.855 13.418   8  A_U6:U67_A    A 6  ? A 67 ? 16 1 
1 A G 9  1_555 A C 78 1_555 -0.184 -0.049 0.069  -1.846  -7.195  -0.360   9  A_G7:C66_A    A 7  ? A 66 ? 19 1 
1 A G 63 1_555 A C 77 1_555 -0.204 -0.146 0.028  -15.714 -10.830 -0.761   10 A_G50:C64_A   A 50 ? A 64 ? 19 1 
1 A U 64 1_555 A A 76 1_555 -0.238 -0.153 0.245  -14.326 -13.684 6.991    11 A_U51:A63_A   A 51 ? A 63 ? 20 1 
1 A G 65 1_555 A C 75 1_555 -0.152 -0.238 0.143  -1.696  0.353   0.004    12 A_G52:C62_A   A 52 ? A 62 ? 19 1 
1 A G 66 1_555 A C 74 1_555 -0.116 -0.405 -0.076 -2.079  -13.675 0.410    13 A_G53:C61_A   A 53 ? A 61 ? 19 1 
1 A U 67 1_555 A A 71 1_555 3.735  -1.921 -0.131 -9.324  -2.484  -103.781 14 A_U54:A58_A   A 54 ? A 58 ? 24 4 
1 A U 68 1_555 A G 19 1_555 0.596  -5.610 0.022  11.667  2.313   -99.594  15 A_U55:G18_A   A 55 ? A 18 ? ?  6 
1 A C 37 1_555 A C 34 1_555 -3.473 0.058  2.499  -10.837 62.131  -112.816 16 A_C35:C32_A   A 35 ? A 32 ? ?  4 
1 A C 41 1_555 A G 33 1_555 0.134  -0.089 0.161  4.440   -11.514 -0.525   17 A_C39:G31_A   A 39 ? A 31 ? 19 1 
1 A C 42 1_555 A G 32 1_555 -0.205 -0.047 -0.141 -0.529  0.680   -0.327   18 A_C40:G30_A   A 40 ? A 30 ? 19 1 
1 A U 43 1_555 A A 31 1_555 -0.021 -0.015 -0.125 2.376   -2.772  3.932    19 A_U41:A29_A   A 41 ? A 29 ? 20 1 
1 A G 44 1_555 A C 30 1_555 -0.146 -0.119 -0.067 0.466   -7.252  0.934    20 A_G42:C28_A   A 42 ? A 28 ? 19 1 
1 A U 45 1_555 A G 29 1_555 2.808  -0.646 -0.179 2.479   -3.326  3.713    21 A_U43:G27_A   A 43 ? A 27 ? 28 1 
1 A A 46 1_555 A U 28 1_555 -0.053 -0.062 0.077  -4.795  2.861   -1.548   22 A_A44:U26_A   A 44 ? A 26 ? 20 1 
1 A C 12 1_555 A G 27 1_555 -0.005 -0.072 -0.180 -5.180  2.240   -2.967   23 A_C10:G25_A   A 10 ? A 25 ? 19 1 
1 A C 13 1_555 A G 26 1_555 0.092  -0.073 -0.125 -5.917  2.197   -0.052   24 A_C11:G24_A   A 11 ? A 24 ? 19 1 
1 A U 14 1_555 A G 25 1_555 2.517  -0.389 -0.062 1.948   0.989   1.690    25 A_U12:G23_A   A 12 ? A 23 ? 28 1 
1 A C 15 1_555 A G 24 1_555 0.080  -0.052 -0.009 3.462   3.063   0.472    26 A_C13:G22_A   A 13 ? A 22 ? 19 1 
1 A A 16 1_555 A U 23 1_555 0.031  -0.099 -0.016 0.460   -1.441  3.984    27 A_A14:U21_A   A 14 ? A 21 ? 20 1 
1 A G 17 1_555 A C 22 1_555 -0.113 -0.037 -0.172 -1.664  3.123   -0.019   28 A_G15:C20A_A  A 15 ? A 20 A 19 1 
1 A U 18 1_555 A U 72 1_555 2.156  3.423  0.094  -16.835 2.687   177.198  29 A_U16:U59_A   A 16 ? A 59 ? 13 2 
1 A G 20 1_555 A C 69 1_555 0.326  -0.306 -0.182 -6.131  -8.674  -8.708   30 A_G19:C56_A   A 19 ? A 56 ? 19 1 
1 A G 47 1_555 A A 62 1_555 -0.256 1.471  0.123  -11.027 5.362   -8.091   31 A_G45:A48_A   A 45 ? A 48 ? 8  1 
1 A C 48 1_555 A G 61 1_555 0.075  -0.071 0.149  -3.239  -12.351 0.110    32 A_C46:G47L_A  A 46 ? A 47 L 19 1 
1 A U 49 1_555 A A 60 1_555 -0.010 -0.065 0.270  -3.728  -4.281  -1.579   33 A_U47:A47K_A  A 47 ? A 47 K 20 1 
1 A G 50 1_555 A C 59 1_555 0.130  0.079  0.043  0.088   1.569   -1.314   34 A_G47A:C47J_A A 47 A A 47 J 19 1 
1 A U 51 1_555 A A 58 1_555 0.012  -0.050 0.092  -0.801  -3.328  -2.799   35 A_U47B:A47I_A A 47 B A 47 I 20 1 
1 A C 52 1_555 A G 57 1_555 0.230  0.105  -0.043 1.873   2.815   2.316    36 A_C47C:G47H_A A 47 C A 47 H 19 1 
# 
loop_
_ndb_struct_na_base_pair_step.model_number 
_ndb_struct_na_base_pair_step.i_label_asym_id_1 
_ndb_struct_na_base_pair_step.i_label_comp_id_1 
_ndb_struct_na_base_pair_step.i_label_seq_id_1 
_ndb_struct_na_base_pair_step.i_symmetry_1 
_ndb_struct_na_base_pair_step.j_label_asym_id_1 
_ndb_struct_na_base_pair_step.j_label_comp_id_1 
_ndb_struct_na_base_pair_step.j_label_seq_id_1 
_ndb_struct_na_base_pair_step.j_symmetry_1 
_ndb_struct_na_base_pair_step.i_label_asym_id_2 
_ndb_struct_na_base_pair_step.i_label_comp_id_2 
_ndb_struct_na_base_pair_step.i_label_seq_id_2 
_ndb_struct_na_base_pair_step.i_symmetry_2 
_ndb_struct_na_base_pair_step.j_label_asym_id_2 
_ndb_struct_na_base_pair_step.j_label_comp_id_2 
_ndb_struct_na_base_pair_step.j_label_seq_id_2 
_ndb_struct_na_base_pair_step.j_symmetry_2 
_ndb_struct_na_base_pair_step.shift 
_ndb_struct_na_base_pair_step.slide 
_ndb_struct_na_base_pair_step.rise 
_ndb_struct_na_base_pair_step.tilt 
_ndb_struct_na_base_pair_step.roll 
_ndb_struct_na_base_pair_step.twist 
_ndb_struct_na_base_pair_step.x_displacement 
_ndb_struct_na_base_pair_step.y_displacement 
_ndb_struct_na_base_pair_step.helical_rise 
_ndb_struct_na_base_pair_step.inclination 
_ndb_struct_na_base_pair_step.tip 
_ndb_struct_na_base_pair_step.helical_twist 
_ndb_struct_na_base_pair_step.step_number 
_ndb_struct_na_base_pair_step.step_name 
_ndb_struct_na_base_pair_step.i_auth_asym_id_1 
_ndb_struct_na_base_pair_step.i_auth_seq_id_1 
_ndb_struct_na_base_pair_step.i_PDB_ins_code_1 
_ndb_struct_na_base_pair_step.j_auth_asym_id_1 
_ndb_struct_na_base_pair_step.j_auth_seq_id_1 
_ndb_struct_na_base_pair_step.j_PDB_ins_code_1 
_ndb_struct_na_base_pair_step.i_auth_asym_id_2 
_ndb_struct_na_base_pair_step.i_auth_seq_id_2 
_ndb_struct_na_base_pair_step.i_PDB_ins_code_2 
_ndb_struct_na_base_pair_step.j_auth_asym_id_2 
_ndb_struct_na_base_pair_step.j_auth_seq_id_2 
_ndb_struct_na_base_pair_step.j_PDB_ins_code_2 
1 A G 1  1_555 A C 86 1_555 A C 2  1_555 A G 85 1_555 0.581  -1.450 3.349 1.963   -4.635 33.200  -1.706 -0.666 3.541 -8.054  
-3.410  33.568  1  AA_G1C2:G71C72_AA       A 1  ? A 72 ? A 2  ? A 71 ? 
1 A C 2  1_555 A G 85 1_555 A C 3  1_555 A G 84 1_555 0.707  -2.177 3.226 2.795   13.071 30.656  -5.669 -0.830 2.195 23.378  
-5.000  33.379  2  AA_C2C3:G70G71_AA       A 2  ? A 71 ? A 3  ? A 70 ? 
1 A C 3  1_555 A G 84 1_555 A C 4  1_555 A G 83 1_555 0.155  -2.034 2.925 2.570   12.656 33.304  -4.769 0.041  2.047 21.121  
-4.289  35.654  3  AA_C3C4:G69G70_AA       A 3  ? A 70 ? A 4  ? A 69 ? 
1 A C 4  1_555 A G 83 1_555 A G 5  1_555 A C 82 1_555 -0.327 -1.855 3.142 0.746   3.133  28.869  -4.338 0.804  2.920 6.260   
-1.491  29.044  4  AA_C4G5:C68G69_AA       A 4  ? A 69 ? A 5  ? A 68 ? 
1 A G 5  1_555 A C 82 1_555 A G 6  1_555 A U 81 1_555 0.936  -2.223 2.702 -0.842  13.175 22.203  -7.337 -2.247 1.180 30.943  1.978 
25.789  5  AA_G5G5A:U67BC68_AA     A 5  ? A 68 ? A 5  A A 67 B 
1 A G 6  1_555 A U 81 1_555 A A 7  1_555 A U 80 1_555 0.364  -1.549 3.224 -2.787  6.732  40.740  -2.875 -0.798 2.913 9.577   3.966 
41.359  6  AA_G5AA5B:U67AU67B_AA   A 5  A A 67 B A 5  B A 67 A 
1 A A 7  1_555 A U 80 1_555 A U 8  1_555 A U 79 1_555 0.131  -1.048 3.187 4.536   5.775  44.384  -1.870 0.220  3.034 7.583   
-5.956  44.957  7  AA_A5BU6:U67U67A_AA     A 5  B A 67 A A 6  ? A 67 ? 
1 A U 8  1_555 A U 79 1_555 A G 9  1_555 A C 78 1_555 -1.079 -1.560 3.032 7.164   20.559 24.590  -5.347 2.813  1.094 39.742  
-13.848 32.732  8  AA_U6G7:C66U67_AA       A 6  ? A 67 ? A 7  ? A 66 ? 
1 A G 9  1_555 A C 78 1_555 A G 63 1_555 A C 77 1_555 0.546  -2.322 3.553 -1.077  13.382 29.688  -6.340 -1.151 2.299 24.595  1.980 
32.520  9  AA_G7G50:C64C66_AA      A 7  ? A 66 ? A 50 ? A 64 ? 
1 A G 63 1_555 A C 77 1_555 A U 64 1_555 A A 76 1_555 -0.691 -1.711 3.342 -2.657  -8.458 34.694  -1.455 0.707  3.686 -13.905 4.369 
35.775  10 AA_G50U51:A63C64_AA     A 50 ? A 64 ? A 51 ? A 63 ? 
1 A U 64 1_555 A A 76 1_555 A G 65 1_555 A C 75 1_555 0.621  -1.454 2.772 -1.450  9.969  30.672  -3.994 -1.318 2.174 18.239  2.652 
32.246  11 AA_U51G52:C62A63_AA     A 51 ? A 63 ? A 52 ? A 62 ? 
1 A G 65 1_555 A C 75 1_555 A G 66 1_555 A C 74 1_555 0.092  -1.559 3.408 7.177   -4.301 32.933  -1.929 1.080  3.519 -7.438  
-12.412 33.950  12 AA_G52G53:C61C62_AA     A 52 ? A 62 ? A 53 ? A 61 ? 
1 A G 66 1_555 A C 74 1_555 A U 67 1_555 A A 71 1_555 -2.239 -1.896 3.458 3.894   -2.416 86.249  -1.329 1.727  3.417 -1.766  
-2.846  86.347  13 AA_G53U54:A58C61_AA     A 53 ? A 61 ? A 54 ? A 58 ? 
1 A U 67 1_555 A A 71 1_555 A U 68 1_555 A G 19 1_555 2.452  -2.289 3.183 12.107  3.463  42.743  -3.359 -2.067 3.532 4.632   
-16.195 44.476  14 AA_U54U55:G18A58_AA     A 54 ? A 58 ? A 55 ? A 18 ? 
1 A C 37 1_555 A C 34 1_555 A C 41 1_555 A G 33 1_555 1.737  -1.606 3.326 -14.609 1.393  70.256  -1.419 -1.965 2.936 1.197   
12.557  71.579  15 AA_C35C39:G31C32_AA     A 35 ? A 32 ? A 39 ? A 31 ? 
1 A C 41 1_555 A G 33 1_555 A C 42 1_555 A G 32 1_555 -0.650 -1.643 3.350 -5.659  -0.935 34.310  -2.599 0.184  3.452 -1.570  9.510 
34.772  16 AA_C39C40:G30G31_AA     A 39 ? A 31 ? A 40 ? A 30 ? 
1 A C 42 1_555 A G 32 1_555 A U 43 1_555 A A 31 1_555 -0.244 -1.981 2.978 -1.503  12.050 29.311  -5.403 0.225  2.035 22.627  2.822 
31.676  17 AA_C40U41:A29G30_AA     A 40 ? A 30 ? A 41 ? A 29 ? 
1 A U 43 1_555 A A 31 1_555 A G 44 1_555 A C 30 1_555 -0.006 -2.087 3.488 -4.574  3.556  27.322  -5.194 -1.106 3.156 7.423   9.547 
27.918  18 AA_U41G42:C28A29_AA     A 41 ? A 29 ? A 42 ? A 28 ? 
1 A G 44 1_555 A C 30 1_555 A U 45 1_555 A G 29 1_555 0.445  -1.229 3.241 2.705   -3.049 41.526  -1.402 -0.338 3.341 -4.287  
-3.804  41.716  19 AA_G42U43:G27C28_AA     A 42 ? A 28 ? A 43 ? A 27 ? 
1 A U 45 1_555 A G 29 1_555 A A 46 1_555 A U 28 1_555 -0.589 -2.473 3.242 5.554   10.349 19.915  -9.036 3.004  1.563 27.090  
-14.538 23.090  20 AA_U43A44:U26G27_AA     A 43 ? A 27 ? A 44 ? A 26 ? 
1 A A 46 1_555 A U 28 1_555 A C 12 1_555 A G 27 1_555 -0.292 -2.110 3.265 2.807   9.638  33.217  -4.885 0.882  2.540 16.399  
-4.777  34.660  21 AA_A44C10:G25U26_AA     A 44 ? A 26 ? A 10 ? A 25 ? 
1 A C 12 1_555 A G 27 1_555 A C 13 1_555 A G 26 1_555 -0.402 -2.048 3.157 0.332   1.842  32.680  -3.935 0.767  3.036 3.271   
-0.589  32.732  22 AA_C10C11:G24G25_AA     A 10 ? A 25 ? A 11 ? A 24 ? 
1 A C 13 1_555 A G 26 1_555 A U 14 1_555 A G 25 1_555 0.461  -1.503 2.922 1.525   2.171  41.098  -2.345 -0.510 2.857 3.088   
-2.170  41.180  23 AA_C11U12:G23G24_AA     A 11 ? A 24 ? A 12 ? A 23 ? 
1 A U 14 1_555 A G 25 1_555 A C 15 1_555 A G 24 1_555 0.010  -1.671 2.835 5.287   16.950 24.454  -5.690 0.754  1.386 34.758  
-10.842 30.140  24 AA_U12C13:G22G23_AA     A 12 ? A 23 ? A 13 ? A 22 ? 
1 A C 15 1_555 A G 24 1_555 A A 16 1_555 A U 23 1_555 0.286  -1.769 3.189 -0.040  1.148  24.792  -4.450 -0.676 3.105 2.673   0.093 
24.819  25 AA_C13A14:U21G22_AA     A 13 ? A 22 ? A 14 ? A 21 ? 
1 A A 16 1_555 A U 23 1_555 A G 17 1_555 A C 22 1_555 0.132  -2.240 3.057 1.943   2.074  33.915  -4.130 0.058  2.922 3.547   
-3.323  34.030  26 AA_A14G15:C20AU21_AA    A 14 ? A 21 ? A 15 ? A 20 A 
1 A G 17 1_555 A C 22 1_555 A U 18 1_555 A U 72 1_555 0.223  -0.947 3.027 -3.338  1.653  -45.991 1.076  0.019  3.066 -2.112  
-4.264  -46.134 27 AA_G15U16:U59C20A_AA    A 15 ? A 20 A A 16 ? A 59 ? 
1 A G 47 1_555 A A 62 1_555 A C 48 1_555 A G 61 1_555 0.232  -1.610 3.237 -3.323  17.083 28.249  -5.302 -0.888 1.937 31.505  6.128 
33.086  28 AA_G45C46:G47LA48_AA    A 45 ? A 48 ? A 46 ? A 47 L 
1 A C 48 1_555 A G 61 1_555 A U 49 1_555 A A 60 1_555 -0.166 -2.143 3.110 -3.761  9.428  30.274  -5.373 -0.285 2.356 17.448  6.961 
31.892  29 AA_C46U47:A47KG47L_AA   A 46 ? A 47 L A 47 ? A 47 K 
1 A U 49 1_555 A A 60 1_555 A G 50 1_555 A C 59 1_555 0.336  -1.782 3.088 -0.630  3.737  29.205  -4.232 -0.784 2.835 7.372   1.244 
29.445  30 AA_U47G47A:C47JA47K_AA  A 47 ? A 47 K A 47 A A 47 J 
1 A G 50 1_555 A C 59 1_555 A U 51 1_555 A A 58 1_555 -0.548 -1.733 3.390 0.755   2.371  30.771  -3.723 1.178  3.236 4.460   
-1.419  30.869  31 AA_G47AU47B:A47IC47J_AA A 47 A A 47 J A 47 B A 47 I 
1 A U 51 1_555 A A 58 1_555 A C 52 1_555 A G 57 1_555 0.839  -1.405 3.141 0.010   3.176  30.119  -3.292 -1.604 2.980 6.091   
-0.018  30.282  32 AA_U47BC47C:G47HA47I_AA A 47 B A 47 I A 47 C A 47 H 
# 
loop_
_pdbx_initial_refinement_model.id 
_pdbx_initial_refinement_model.entity_id_list 
_pdbx_initial_refinement_model.type 
_pdbx_initial_refinement_model.source_name 
_pdbx_initial_refinement_model.accession_code 
_pdbx_initial_refinement_model.details 
1 ? 'experimental model' PDB 2TRA 'PDB ENTRY 2TRA, 6TNA' 
2 ? 'experimental model' PDB 6TNA 'PDB ENTRY 2TRA, 6TNA' 
# 
